data_1CJW
# 
_entry.id   1CJW 
# 
_audit_conform.dict_name       mmcif_pdbx.dic 
_audit_conform.dict_version    5.375 
_audit_conform.dict_location   http://mmcif.pdb.org/dictionaries/ascii/mmcif_pdbx.dic 
# 
loop_
_database_2.database_id 
_database_2.database_code 
_database_2.pdbx_database_accession 
_database_2.pdbx_DOI 
PDB   1CJW         pdb_00001cjw 10.2210/pdb1cjw/pdb 
RCSB  RCSB000880   ?            ?                   
WWPDB D_1000000880 ?            ?                   
# 
_pdbx_database_status.status_code                     REL 
_pdbx_database_status.entry_id                        1CJW 
_pdbx_database_status.recvd_initial_deposition_date   1999-04-19 
_pdbx_database_status.deposit_site                    BNL 
_pdbx_database_status.process_site                    RCSB 
_pdbx_database_status.SG_entry                        . 
_pdbx_database_status.status_code_sf                  ? 
_pdbx_database_status.status_code_mr                  ? 
_pdbx_database_status.status_code_cs                  ? 
_pdbx_database_status.pdb_format_compatible           Y 
_pdbx_database_status.status_code_nmr_data            ? 
_pdbx_database_status.methods_development_category    ? 
# 
loop_
_audit_author.name 
_audit_author.pdbx_ordinal 
'Hickman, A.B.'      1 
'Namboodiri, M.A.A.' 2 
'Klein, D.C.'        3 
'Dyda, F.'           4 
# 
_citation.id                        primary 
_citation.title                     
;The structural basis of ordered substrate binding by serotonin N-acetyltransferase: enzyme complex at 1.8 A resolution with a bisubstrate analog.
;
_citation.journal_abbrev            'Cell(Cambridge,Mass.)' 
_citation.journal_volume            97 
_citation.page_first                361 
_citation.page_last                 369 
_citation.year                      1999 
_citation.journal_id_ASTM           CELLB5 
_citation.country                   US 
_citation.journal_id_ISSN           0092-8674 
_citation.journal_id_CSD            0998 
_citation.book_publisher            ? 
_citation.pdbx_database_id_PubMed   10319816 
_citation.pdbx_database_id_DOI      '10.1016/S0092-8674(00)80745-X' 
# 
loop_
_citation_author.citation_id 
_citation_author.name 
_citation_author.ordinal 
_citation_author.identifier_ORCID 
primary 'Hickman, A.B.'    1 ? 
primary 'Namboodiri, M.A.' 2 ? 
primary 'Klein, D.C.'      3 ? 
primary 'Dyda, F.'         4 ? 
# 
_cell.entry_id           1CJW 
_cell.length_a           53.190 
_cell.length_b           68.980 
_cell.length_c           89.740 
_cell.angle_alpha        90.00 
_cell.angle_beta         90.00 
_cell.angle_gamma        90.00 
_cell.Z_PDB              8 
_cell.pdbx_unique_axis   ? 
_cell.length_a_esd       ? 
_cell.length_b_esd       ? 
_cell.length_c_esd       ? 
_cell.angle_alpha_esd    ? 
_cell.angle_beta_esd     ? 
_cell.angle_gamma_esd    ? 
# 
_symmetry.entry_id                         1CJW 
_symmetry.space_group_name_H-M             'C 2 2 21' 
_symmetry.pdbx_full_space_group_name_H-M   ? 
_symmetry.cell_setting                     ? 
_symmetry.Int_Tables_number                20 
_symmetry.space_group_name_Hall            ? 
# 
loop_
_entity.id 
_entity.type 
_entity.src_method 
_entity.pdbx_description 
_entity.formula_weight 
_entity.pdbx_number_of_molecules 
_entity.pdbx_ec 
_entity.pdbx_mutation 
_entity.pdbx_fragment 
_entity.details 
1 polymer     man 'PROTEIN (SEROTONIN N-ACETYLTRANSFERASE)' 18634.381 1   ? ? ? ? 
2 non-polymer syn 'COA-S-ACETYL TRYPTAMINE'                 967.771   1   ? ? ? ? 
3 water       nat water                                     18.015    261 ? ? ? ? 
# 
_entity_poly.entity_id                      1 
_entity_poly.type                           'polypeptide(L)' 
_entity_poly.nstd_linkage                   no 
_entity_poly.nstd_monomer                   no 
_entity_poly.pdbx_seq_one_letter_code       
;HTLPANEFRCLTPEDAAGVFEIEREAFISVSGNCPLNLDEVQHFLTLCPELSLGWFVEGRLVAFIIGSLWDEERLTQESL
ALHRPRGHSAHLHALAVHRSFRQQGKGSVLLWRYLHHVGAQPAVRRAVLMCEDALVPFYQRFGFHPAGPCAIVVGSLTFT
EMHCSL
;
_entity_poly.pdbx_seq_one_letter_code_can   
;HTLPANEFRCLTPEDAAGVFEIEREAFISVSGNCPLNLDEVQHFLTLCPELSLGWFVEGRLVAFIIGSLWDEERLTQESL
ALHRPRGHSAHLHALAVHRSFRQQGKGSVLLWRYLHHVGAQPAVRRAVLMCEDALVPFYQRFGFHPAGPCAIVVGSLTFT
EMHCSL
;
_entity_poly.pdbx_strand_id                 A 
_entity_poly.pdbx_target_identifier         ? 
# 
loop_
_entity_poly_seq.entity_id 
_entity_poly_seq.num 
_entity_poly_seq.mon_id 
_entity_poly_seq.hetero 
1 1   HIS n 
1 2   THR n 
1 3   LEU n 
1 4   PRO n 
1 5   ALA n 
1 6   ASN n 
1 7   GLU n 
1 8   PHE n 
1 9   ARG n 
1 10  CYS n 
1 11  LEU n 
1 12  THR n 
1 13  PRO n 
1 14  GLU n 
1 15  ASP n 
1 16  ALA n 
1 17  ALA n 
1 18  GLY n 
1 19  VAL n 
1 20  PHE n 
1 21  GLU n 
1 22  ILE n 
1 23  GLU n 
1 24  ARG n 
1 25  GLU n 
1 26  ALA n 
1 27  PHE n 
1 28  ILE n 
1 29  SER n 
1 30  VAL n 
1 31  SER n 
1 32  GLY n 
1 33  ASN n 
1 34  CYS n 
1 35  PRO n 
1 36  LEU n 
1 37  ASN n 
1 38  LEU n 
1 39  ASP n 
1 40  GLU n 
1 41  VAL n 
1 42  GLN n 
1 43  HIS n 
1 44  PHE n 
1 45  LEU n 
1 46  THR n 
1 47  LEU n 
1 48  CYS n 
1 49  PRO n 
1 50  GLU n 
1 51  LEU n 
1 52  SER n 
1 53  LEU n 
1 54  GLY n 
1 55  TRP n 
1 56  PHE n 
1 57  VAL n 
1 58  GLU n 
1 59  GLY n 
1 60  ARG n 
1 61  LEU n 
1 62  VAL n 
1 63  ALA n 
1 64  PHE n 
1 65  ILE n 
1 66  ILE n 
1 67  GLY n 
1 68  SER n 
1 69  LEU n 
1 70  TRP n 
1 71  ASP n 
1 72  GLU n 
1 73  GLU n 
1 74  ARG n 
1 75  LEU n 
1 76  THR n 
1 77  GLN n 
1 78  GLU n 
1 79  SER n 
1 80  LEU n 
1 81  ALA n 
1 82  LEU n 
1 83  HIS n 
1 84  ARG n 
1 85  PRO n 
1 86  ARG n 
1 87  GLY n 
1 88  HIS n 
1 89  SER n 
1 90  ALA n 
1 91  HIS n 
1 92  LEU n 
1 93  HIS n 
1 94  ALA n 
1 95  LEU n 
1 96  ALA n 
1 97  VAL n 
1 98  HIS n 
1 99  ARG n 
1 100 SER n 
1 101 PHE n 
1 102 ARG n 
1 103 GLN n 
1 104 GLN n 
1 105 GLY n 
1 106 LYS n 
1 107 GLY n 
1 108 SER n 
1 109 VAL n 
1 110 LEU n 
1 111 LEU n 
1 112 TRP n 
1 113 ARG n 
1 114 TYR n 
1 115 LEU n 
1 116 HIS n 
1 117 HIS n 
1 118 VAL n 
1 119 GLY n 
1 120 ALA n 
1 121 GLN n 
1 122 PRO n 
1 123 ALA n 
1 124 VAL n 
1 125 ARG n 
1 126 ARG n 
1 127 ALA n 
1 128 VAL n 
1 129 LEU n 
1 130 MET n 
1 131 CYS n 
1 132 GLU n 
1 133 ASP n 
1 134 ALA n 
1 135 LEU n 
1 136 VAL n 
1 137 PRO n 
1 138 PHE n 
1 139 TYR n 
1 140 GLN n 
1 141 ARG n 
1 142 PHE n 
1 143 GLY n 
1 144 PHE n 
1 145 HIS n 
1 146 PRO n 
1 147 ALA n 
1 148 GLY n 
1 149 PRO n 
1 150 CYS n 
1 151 ALA n 
1 152 ILE n 
1 153 VAL n 
1 154 VAL n 
1 155 GLY n 
1 156 SER n 
1 157 LEU n 
1 158 THR n 
1 159 PHE n 
1 160 THR n 
1 161 GLU n 
1 162 MET n 
1 163 HIS n 
1 164 CYS n 
1 165 SER n 
1 166 LEU n 
# 
_entity_src_gen.entity_id                          1 
_entity_src_gen.pdbx_src_id                        1 
_entity_src_gen.pdbx_alt_source_flag               sample 
_entity_src_gen.pdbx_seq_type                      ? 
_entity_src_gen.pdbx_beg_seq_num                   ? 
_entity_src_gen.pdbx_end_seq_num                   ? 
_entity_src_gen.gene_src_common_name               sheep 
_entity_src_gen.gene_src_genus                     Ovis 
_entity_src_gen.pdbx_gene_src_gene                 ? 
_entity_src_gen.gene_src_species                   ? 
_entity_src_gen.gene_src_strain                    ? 
_entity_src_gen.gene_src_tissue                    ? 
_entity_src_gen.gene_src_tissue_fraction           ? 
_entity_src_gen.gene_src_details                   ? 
_entity_src_gen.pdbx_gene_src_fragment             ? 
_entity_src_gen.pdbx_gene_src_scientific_name      'Ovis aries' 
_entity_src_gen.pdbx_gene_src_ncbi_taxonomy_id     9940 
_entity_src_gen.pdbx_gene_src_variant              ? 
_entity_src_gen.pdbx_gene_src_cell_line            ? 
_entity_src_gen.pdbx_gene_src_atcc                 ? 
_entity_src_gen.pdbx_gene_src_organ                ? 
_entity_src_gen.pdbx_gene_src_organelle            ? 
_entity_src_gen.pdbx_gene_src_cell                 ? 
_entity_src_gen.pdbx_gene_src_cellular_location    ? 
_entity_src_gen.host_org_common_name               ? 
_entity_src_gen.pdbx_host_org_scientific_name      'Escherichia coli' 
_entity_src_gen.pdbx_host_org_ncbi_taxonomy_id     562 
_entity_src_gen.host_org_genus                     Escherichia 
_entity_src_gen.pdbx_host_org_gene                 ? 
_entity_src_gen.pdbx_host_org_organ                ? 
_entity_src_gen.host_org_species                   ? 
_entity_src_gen.pdbx_host_org_tissue               ? 
_entity_src_gen.pdbx_host_org_tissue_fraction      ? 
_entity_src_gen.pdbx_host_org_strain               ? 
_entity_src_gen.pdbx_host_org_variant              ? 
_entity_src_gen.pdbx_host_org_cell_line            ? 
_entity_src_gen.pdbx_host_org_atcc                 ? 
_entity_src_gen.pdbx_host_org_culture_collection   ? 
_entity_src_gen.pdbx_host_org_cell                 ? 
_entity_src_gen.pdbx_host_org_organelle            ? 
_entity_src_gen.pdbx_host_org_cellular_location    ? 
_entity_src_gen.pdbx_host_org_vector_type          ? 
_entity_src_gen.pdbx_host_org_vector               ? 
_entity_src_gen.host_org_details                   ? 
_entity_src_gen.expression_system_id               ? 
_entity_src_gen.plasmid_name                       ? 
_entity_src_gen.plasmid_details                    ? 
_entity_src_gen.pdbx_description                   ? 
# 
_struct_ref.id                         1 
_struct_ref.db_name                    UNP 
_struct_ref.db_code                    SNAT_SHEEP 
_struct_ref.entity_id                  1 
_struct_ref.pdbx_db_accession          Q29495 
_struct_ref.pdbx_align_begin           ? 
_struct_ref.pdbx_seq_one_letter_code   ? 
_struct_ref.pdbx_db_isoform            ? 
# 
_struct_ref_seq.align_id                      1 
_struct_ref_seq.ref_id                        1 
_struct_ref_seq.pdbx_PDB_id_code              1CJW 
_struct_ref_seq.pdbx_strand_id                A 
_struct_ref_seq.seq_align_beg                 1 
_struct_ref_seq.pdbx_seq_align_beg_ins_code   ? 
_struct_ref_seq.seq_align_end                 166 
_struct_ref_seq.pdbx_seq_align_end_ins_code   ? 
_struct_ref_seq.pdbx_db_accession             Q29495 
_struct_ref_seq.db_align_beg                  30 
_struct_ref_seq.pdbx_db_align_beg_ins_code    ? 
_struct_ref_seq.db_align_end                  195 
_struct_ref_seq.pdbx_db_align_end_ins_code    ? 
_struct_ref_seq.pdbx_auth_seq_align_beg       30 
_struct_ref_seq.pdbx_auth_seq_align_end       195 
# 
loop_
_chem_comp.id 
_chem_comp.type 
_chem_comp.mon_nstd_flag 
_chem_comp.name 
_chem_comp.pdbx_synonyms 
_chem_comp.formula 
_chem_comp.formula_weight 
ALA 'L-peptide linking' y ALANINE                   ? 'C3 H7 N O2'          89.093  
ARG 'L-peptide linking' y ARGININE                  ? 'C6 H15 N4 O2 1'      175.209 
ASN 'L-peptide linking' y ASPARAGINE                ? 'C4 H8 N2 O3'         132.118 
ASP 'L-peptide linking' y 'ASPARTIC ACID'           ? 'C4 H7 N O4'          133.103 
COT non-polymer         . 'COA-S-ACETYL TRYPTAMINE' ? 'C33 H48 N9 O17 P3 S' 967.771 
CYS 'L-peptide linking' y CYSTEINE                  ? 'C3 H7 N O2 S'        121.158 
GLN 'L-peptide linking' y GLUTAMINE                 ? 'C5 H10 N2 O3'        146.144 
GLU 'L-peptide linking' y 'GLUTAMIC ACID'           ? 'C5 H9 N O4'          147.129 
GLY 'peptide linking'   y GLYCINE                   ? 'C2 H5 N O2'          75.067  
HIS 'L-peptide linking' y HISTIDINE                 ? 'C6 H10 N3 O2 1'      156.162 
HOH non-polymer         . WATER                     ? 'H2 O'                18.015  
ILE 'L-peptide linking' y ISOLEUCINE                ? 'C6 H13 N O2'         131.173 
LEU 'L-peptide linking' y LEUCINE                   ? 'C6 H13 N O2'         131.173 
LYS 'L-peptide linking' y LYSINE                    ? 'C6 H15 N2 O2 1'      147.195 
MET 'L-peptide linking' y METHIONINE                ? 'C5 H11 N O2 S'       149.211 
PHE 'L-peptide linking' y PHENYLALANINE             ? 'C9 H11 N O2'         165.189 
PRO 'L-peptide linking' y PROLINE                   ? 'C5 H9 N O2'          115.130 
SER 'L-peptide linking' y SERINE                    ? 'C3 H7 N O3'          105.093 
THR 'L-peptide linking' y THREONINE                 ? 'C4 H9 N O3'          119.119 
TRP 'L-peptide linking' y TRYPTOPHAN                ? 'C11 H12 N2 O2'       204.225 
TYR 'L-peptide linking' y TYROSINE                  ? 'C9 H11 N O3'         181.189 
VAL 'L-peptide linking' y VALINE                    ? 'C5 H11 N O2'         117.146 
# 
_exptl.entry_id          1CJW 
_exptl.method            'X-RAY DIFFRACTION' 
_exptl.crystals_number   1 
# 
_exptl_crystal.id                    1 
_exptl_crystal.density_meas          ? 
_exptl_crystal.density_Matthews      2.21 
_exptl_crystal.density_percent_sol   44.28 
_exptl_crystal.description           ? 
_exptl_crystal.F_000                 ? 
_exptl_crystal.preparation           ? 
# 
_exptl_crystal_grow.crystal_id      1 
_exptl_crystal_grow.method          ? 
_exptl_crystal_grow.temp            ? 
_exptl_crystal_grow.temp_details    ? 
_exptl_crystal_grow.pH              6.5 
_exptl_crystal_grow.pdbx_details    'pH 6.5' 
_exptl_crystal_grow.pdbx_pH_range   . 
# 
_diffrn.id                     1 
_diffrn.ambient_temp           100 
_diffrn.ambient_temp_details   ? 
_diffrn.crystal_id             1 
# 
_diffrn_detector.diffrn_id              1 
_diffrn_detector.detector               'IMAGE PLATE' 
_diffrn_detector.type                   'RIGAKU RAXIS IV' 
_diffrn_detector.pdbx_collection_date   1998-12 
_diffrn_detector.details                MIRRORS 
# 
_diffrn_radiation.diffrn_id                        1 
_diffrn_radiation.wavelength_id                    1 
_diffrn_radiation.pdbx_monochromatic_or_laue_m_l   M 
_diffrn_radiation.monochromator                    'NI FILTER' 
_diffrn_radiation.pdbx_diffrn_protocol             'SINGLE WAVELENGTH' 
_diffrn_radiation.pdbx_scattering_type             x-ray 
# 
_diffrn_radiation_wavelength.id           1 
_diffrn_radiation_wavelength.wavelength   1.5418 
_diffrn_radiation_wavelength.wt           1.0 
# 
_diffrn_source.diffrn_id                   1 
_diffrn_source.source                      'ROTATING ANODE' 
_diffrn_source.type                        'RIGAKU RUH3R' 
_diffrn_source.pdbx_synchrotron_site       ? 
_diffrn_source.pdbx_synchrotron_beamline   ? 
_diffrn_source.pdbx_wavelength             1.5418 
_diffrn_source.pdbx_wavelength_list        ? 
# 
_reflns.entry_id                     1CJW 
_reflns.observed_criterion_sigma_I   0 
_reflns.observed_criterion_sigma_F   ? 
_reflns.d_resolution_low             30.0 
_reflns.d_resolution_high            1.80 
_reflns.number_obs                   15197 
_reflns.number_all                   ? 
_reflns.percent_possible_obs         97 
_reflns.pdbx_Rmerge_I_obs            ? 
_reflns.pdbx_Rsym_value              0.041 
_reflns.pdbx_netI_over_sigmaI        18 
_reflns.B_iso_Wilson_estimate        ? 
_reflns.pdbx_redundancy              6.3 
_reflns.R_free_details               ? 
_reflns.limit_h_max                  ? 
_reflns.limit_h_min                  ? 
_reflns.limit_k_max                  ? 
_reflns.limit_k_min                  ? 
_reflns.limit_l_max                  ? 
_reflns.limit_l_min                  ? 
_reflns.observed_criterion_F_max     ? 
_reflns.observed_criterion_F_min     ? 
_reflns.pdbx_chi_squared             ? 
_reflns.pdbx_scaling_rejects         ? 
_reflns.pdbx_diffrn_id               1 
_reflns.pdbx_ordinal                 1 
# 
_reflns_shell.d_res_high             1.80 
_reflns_shell.d_res_low              1.85 
_reflns_shell.percent_possible_all   97 
_reflns_shell.Rmerge_I_obs           ? 
_reflns_shell.pdbx_Rsym_value        0.121 
_reflns_shell.meanI_over_sigI_obs    11 
_reflns_shell.pdbx_redundancy        3.5 
_reflns_shell.percent_possible_obs   ? 
_reflns_shell.number_unique_all      ? 
_reflns_shell.number_measured_all    ? 
_reflns_shell.number_measured_obs    ? 
_reflns_shell.number_unique_obs      ? 
_reflns_shell.pdbx_chi_squared       ? 
_reflns_shell.pdbx_diffrn_id         ? 
_reflns_shell.pdbx_ordinal           1 
# 
_refine.entry_id                                 1CJW 
_refine.ls_number_reflns_obs                     14963 
_refine.ls_number_reflns_all                     ? 
_refine.pdbx_ls_sigma_I                          ? 
_refine.pdbx_ls_sigma_F                          2.0 
_refine.pdbx_data_cutoff_high_absF               ? 
_refine.pdbx_data_cutoff_low_absF                ? 
_refine.pdbx_data_cutoff_high_rms_absF           ? 
_refine.ls_d_res_low                             30.0 
_refine.ls_d_res_high                            1.80 
_refine.ls_percent_reflns_obs                    95.4 
_refine.ls_R_factor_obs                          ? 
_refine.ls_R_factor_all                          ? 
_refine.ls_R_factor_R_work                       0.1800000 
_refine.ls_R_factor_R_free                       0.2300000 
_refine.ls_R_factor_R_free_error                 0.008 
_refine.ls_R_factor_R_free_error_details         ? 
_refine.ls_percent_reflns_R_free                 5.0 
_refine.ls_number_reflns_R_free                  720 
_refine.ls_number_parameters                     ? 
_refine.ls_number_restraints                     ? 
_refine.occupancy_min                            ? 
_refine.occupancy_max                            ? 
_refine.B_iso_mean                               ? 
_refine.aniso_B[1][1]                            ? 
_refine.aniso_B[2][2]                            ? 
_refine.aniso_B[3][3]                            ? 
_refine.aniso_B[1][2]                            ? 
_refine.aniso_B[1][3]                            ? 
_refine.aniso_B[2][3]                            ? 
_refine.solvent_model_details                    ? 
_refine.solvent_model_param_ksol                 ? 
_refine.solvent_model_param_bsol                 ? 
_refine.pdbx_ls_cross_valid_method               THROUGHOUT 
_refine.details                                  ? 
_refine.pdbx_starting_model                      1B6B 
_refine.pdbx_method_to_determine_struct          'MOLECULAR REPLACEMENT' 
_refine.pdbx_isotropic_thermal_model             ? 
_refine.pdbx_stereochemistry_target_values       ? 
_refine.pdbx_stereochem_target_val_spec_case     ? 
_refine.pdbx_R_Free_selection_details            RANDOM 
_refine.pdbx_overall_ESU_R                       ? 
_refine.pdbx_overall_ESU_R_Free                  ? 
_refine.overall_SU_ML                            ? 
_refine.overall_SU_B                             ? 
_refine.ls_redundancy_reflns_obs                 ? 
_refine.pdbx_refine_id                           'X-RAY DIFFRACTION' 
_refine.pdbx_overall_phase_error                 ? 
_refine.B_iso_min                                ? 
_refine.B_iso_max                                ? 
_refine.correlation_coeff_Fo_to_Fc               ? 
_refine.correlation_coeff_Fo_to_Fc_free          ? 
_refine.pdbx_solvent_vdw_probe_radii             ? 
_refine.pdbx_solvent_ion_probe_radii             ? 
_refine.pdbx_solvent_shrinkage_radii             ? 
_refine.overall_SU_R_Cruickshank_DPI             ? 
_refine.overall_SU_R_free                        ? 
_refine.ls_wR_factor_R_free                      ? 
_refine.ls_wR_factor_R_work                      ? 
_refine.overall_FOM_free_R_set                   ? 
_refine.overall_FOM_work_R_set                   ? 
_refine.pdbx_diffrn_id                           1 
_refine.pdbx_TLS_residual_ADP_flag               ? 
_refine.pdbx_overall_SU_R_free_Cruickshank_DPI   ? 
_refine.pdbx_overall_SU_R_Blow_DPI               ? 
_refine.pdbx_overall_SU_R_free_Blow_DPI          ? 
# 
_refine_hist.pdbx_refine_id                   'X-RAY DIFFRACTION' 
_refine_hist.cycle_id                         LAST 
_refine_hist.pdbx_number_atoms_protein        1312 
_refine_hist.pdbx_number_atoms_nucleic_acid   0 
_refine_hist.pdbx_number_atoms_ligand         63 
_refine_hist.number_atoms_solvent             261 
_refine_hist.number_atoms_total               1636 
_refine_hist.d_res_high                       1.80 
_refine_hist.d_res_low                        30.0 
# 
loop_
_refine_ls_restr.type 
_refine_ls_restr.dev_ideal 
_refine_ls_restr.dev_ideal_target 
_refine_ls_restr.weight 
_refine_ls_restr.number 
_refine_ls_restr.pdbx_refine_id 
_refine_ls_restr.pdbx_restraint_function 
x_bond_d                0.006 ? ? ? 'X-RAY DIFFRACTION' ? 
x_bond_d_na             ?     ? ? ? 'X-RAY DIFFRACTION' ? 
x_bond_d_prot           ?     ? ? ? 'X-RAY DIFFRACTION' ? 
x_angle_d               ?     ? ? ? 'X-RAY DIFFRACTION' ? 
x_angle_d_na            ?     ? ? ? 'X-RAY DIFFRACTION' ? 
x_angle_d_prot          ?     ? ? ? 'X-RAY DIFFRACTION' ? 
x_angle_deg             1.387 ? ? ? 'X-RAY DIFFRACTION' ? 
x_angle_deg_na          ?     ? ? ? 'X-RAY DIFFRACTION' ? 
x_angle_deg_prot        ?     ? ? ? 'X-RAY DIFFRACTION' ? 
x_dihedral_angle_d      ?     ? ? ? 'X-RAY DIFFRACTION' ? 
x_dihedral_angle_d_na   ?     ? ? ? 'X-RAY DIFFRACTION' ? 
x_dihedral_angle_d_prot ?     ? ? ? 'X-RAY DIFFRACTION' ? 
x_improper_angle_d      ?     ? ? ? 'X-RAY DIFFRACTION' ? 
x_improper_angle_d_na   ?     ? ? ? 'X-RAY DIFFRACTION' ? 
x_improper_angle_d_prot ?     ? ? ? 'X-RAY DIFFRACTION' ? 
x_mcbond_it             ?     ? ? ? 'X-RAY DIFFRACTION' ? 
x_mcangle_it            ?     ? ? ? 'X-RAY DIFFRACTION' ? 
x_scbond_it             ?     ? ? ? 'X-RAY DIFFRACTION' ? 
x_scangle_it            ?     ? ? ? 'X-RAY DIFFRACTION' ? 
# 
_refine_ls_shell.pdbx_total_number_of_bins_used   8 
_refine_ls_shell.d_res_high                       1.80 
_refine_ls_shell.d_res_low                        1.88 
_refine_ls_shell.number_reflns_R_work             1732 
_refine_ls_shell.R_factor_R_work                  0.2580000 
_refine_ls_shell.percent_reflns_obs               93.4 
_refine_ls_shell.R_factor_R_free                  0.3090000 
_refine_ls_shell.R_factor_R_free_error            0.034 
_refine_ls_shell.percent_reflns_R_free            4.72 
_refine_ls_shell.number_reflns_R_free             83 
_refine_ls_shell.redundancy_reflns_obs            ? 
_refine_ls_shell.pdbx_refine_id                   'X-RAY DIFFRACTION' 
_refine_ls_shell.number_reflns_all                ? 
_refine_ls_shell.number_reflns_obs                ? 
_refine_ls_shell.R_factor_all                     ? 
# 
_pdbx_xplor_file.serial_no        1 
_pdbx_xplor_file.param_file       PARHCSDX.PRO 
_pdbx_xplor_file.topol_file       TOPHCSDX.PRO 
_pdbx_xplor_file.pdbx_refine_id   'X-RAY DIFFRACTION' 
# 
_struct.entry_id                  1CJW 
_struct.title                     'SEROTONIN N-ACETYLTRANSFERASE COMPLEXED WITH A BISUBSTRATE ANALOG' 
_struct.pdbx_model_details        ? 
_struct.pdbx_CASP_flag            ? 
_struct.pdbx_model_type_details   ? 
# 
_struct_keywords.entry_id        1CJW 
_struct_keywords.pdbx_keywords   TRANSFERASE 
_struct_keywords.text            'N-ACETYL TRANSFERASE, TRANSFERASE' 
# 
loop_
_struct_asym.id 
_struct_asym.pdbx_blank_PDB_chainid_flag 
_struct_asym.pdbx_modified 
_struct_asym.entity_id 
_struct_asym.details 
A N N 1 ? 
B N N 2 ? 
C N N 3 ? 
# 
_struct_biol.id        1 
_struct_biol.details   ? 
# 
loop_
_struct_conf.conf_type_id 
_struct_conf.id 
_struct_conf.pdbx_PDB_helix_id 
_struct_conf.beg_label_comp_id 
_struct_conf.beg_label_asym_id 
_struct_conf.beg_label_seq_id 
_struct_conf.pdbx_beg_PDB_ins_code 
_struct_conf.end_label_comp_id 
_struct_conf.end_label_asym_id 
_struct_conf.end_label_seq_id 
_struct_conf.pdbx_end_PDB_ins_code 
_struct_conf.beg_auth_comp_id 
_struct_conf.beg_auth_asym_id 
_struct_conf.beg_auth_seq_id 
_struct_conf.end_auth_comp_id 
_struct_conf.end_auth_asym_id 
_struct_conf.end_auth_seq_id 
_struct_conf.pdbx_PDB_helix_class 
_struct_conf.details 
_struct_conf.pdbx_PDB_helix_length 
HELX_P HELX_P1 1 PRO A 13  ? ALA A 26  ? PRO A 42  ALA A 55  5 ? 14 
HELX_P HELX_P2 2 ILE A 28  ? SER A 31  ? ILE A 57  SER A 60  1 ? 4  
HELX_P HELX_P3 3 LEU A 38  ? LEU A 47  ? LEU A 67  LEU A 76  1 ? 10 
HELX_P HELX_P4 4 PRO A 49  ? LEU A 51  ? PRO A 78  LEU A 80  5 ? 3  
HELX_P HELX_P5 5 GLN A 77  ? ALA A 81  ? GLN A 106 ALA A 110 5 ? 5  
HELX_P HELX_P6 6 LYS A 106 ? GLY A 119 ? LYS A 135 GLY A 148 1 ? 14 
HELX_P HELX_P7 7 ASP A 133 ? PHE A 142 ? ASP A 162 PHE A 171 5 ? 10 
# 
_struct_conf_type.id          HELX_P 
_struct_conf_type.criteria    ? 
_struct_conf_type.reference   ? 
# 
_struct_sheet.id               A 
_struct_sheet.type             ? 
_struct_sheet.number_strands   7 
_struct_sheet.details          ? 
# 
loop_
_struct_sheet_order.sheet_id 
_struct_sheet_order.range_id_1 
_struct_sheet_order.range_id_2 
_struct_sheet_order.offset 
_struct_sheet_order.sense 
A 1 2 ? anti-parallel 
A 2 3 ? anti-parallel 
A 3 4 ? anti-parallel 
A 4 5 ? parallel      
A 5 6 ? anti-parallel 
A 6 7 ? anti-parallel 
# 
loop_
_struct_sheet_range.sheet_id 
_struct_sheet_range.id 
_struct_sheet_range.beg_label_comp_id 
_struct_sheet_range.beg_label_asym_id 
_struct_sheet_range.beg_label_seq_id 
_struct_sheet_range.pdbx_beg_PDB_ins_code 
_struct_sheet_range.end_label_comp_id 
_struct_sheet_range.end_label_asym_id 
_struct_sheet_range.end_label_seq_id 
_struct_sheet_range.pdbx_end_PDB_ins_code 
_struct_sheet_range.beg_auth_comp_id 
_struct_sheet_range.beg_auth_asym_id 
_struct_sheet_range.beg_auth_seq_id 
_struct_sheet_range.end_auth_comp_id 
_struct_sheet_range.end_auth_asym_id 
_struct_sheet_range.end_auth_seq_id 
A 1 GLU A 7   ? ARG A 9   ? GLU A 36  ARG A 38  
A 2 SER A 52  ? VAL A 57  ? SER A 81  VAL A 86  
A 3 ARG A 60  ? TRP A 70  ? ARG A 89  TRP A 99  
A 4 SER A 89  ? VAL A 97  ? SER A 118 VAL A 126 
A 5 ARG A 126 ? CYS A 131 ? ARG A 155 CYS A 160 
A 6 THR A 160 ? SER A 165 ? THR A 189 SER A 194 
A 7 PHE A 144 ? PRO A 146 ? PHE A 173 PRO A 175 
# 
loop_
_pdbx_struct_sheet_hbond.sheet_id 
_pdbx_struct_sheet_hbond.range_id_1 
_pdbx_struct_sheet_hbond.range_id_2 
_pdbx_struct_sheet_hbond.range_1_label_atom_id 
_pdbx_struct_sheet_hbond.range_1_label_comp_id 
_pdbx_struct_sheet_hbond.range_1_label_asym_id 
_pdbx_struct_sheet_hbond.range_1_label_seq_id 
_pdbx_struct_sheet_hbond.range_1_PDB_ins_code 
_pdbx_struct_sheet_hbond.range_1_auth_atom_id 
_pdbx_struct_sheet_hbond.range_1_auth_comp_id 
_pdbx_struct_sheet_hbond.range_1_auth_asym_id 
_pdbx_struct_sheet_hbond.range_1_auth_seq_id 
_pdbx_struct_sheet_hbond.range_2_label_atom_id 
_pdbx_struct_sheet_hbond.range_2_label_comp_id 
_pdbx_struct_sheet_hbond.range_2_label_asym_id 
_pdbx_struct_sheet_hbond.range_2_label_seq_id 
_pdbx_struct_sheet_hbond.range_2_PDB_ins_code 
_pdbx_struct_sheet_hbond.range_2_auth_atom_id 
_pdbx_struct_sheet_hbond.range_2_auth_comp_id 
_pdbx_struct_sheet_hbond.range_2_auth_asym_id 
_pdbx_struct_sheet_hbond.range_2_auth_seq_id 
A 1 2 O GLU A 7   ? O GLU A 36  N PHE A 56  ? N PHE A 85  
A 2 3 O LEU A 53  ? O LEU A 82  N ILE A 65  ? N ILE A 94  
A 3 4 O PHE A 64  ? O PHE A 93  N ALA A 96  ? N ALA A 125 
A 4 5 O ALA A 90  ? O ALA A 119 N ARG A 126 ? N ARG A 155 
A 5 6 O ALA A 127 ? O ALA A 156 N CYS A 164 ? N CYS A 193 
A 6 7 O HIS A 163 ? O HIS A 192 N HIS A 145 ? N HIS A 174 
# 
_struct_site.id                   AC1 
_struct_site.pdbx_evidence_code   Software 
_struct_site.pdbx_auth_asym_id    A 
_struct_site.pdbx_auth_comp_id    COT 
_struct_site.pdbx_auth_seq_id     400 
_struct_site.pdbx_auth_ins_code   ? 
_struct_site.pdbx_num_residues    29 
_struct_site.details              'BINDING SITE FOR RESIDUE COT A 400' 
# 
loop_
_struct_site_gen.id 
_struct_site_gen.site_id 
_struct_site_gen.pdbx_num_res 
_struct_site_gen.label_comp_id 
_struct_site_gen.label_asym_id 
_struct_site_gen.label_seq_id 
_struct_site_gen.pdbx_auth_ins_code 
_struct_site_gen.auth_comp_id 
_struct_site_gen.auth_asym_id 
_struct_site_gen.auth_seq_id 
_struct_site_gen.label_atom_id 
_struct_site_gen.label_alt_id 
_struct_site_gen.symmetry 
_struct_site_gen.details 
1  AC1 29 PHE A 27  ? PHE A 56   . ? 1_555 ? 
2  AC1 29 SER A 31  ? SER A 60   . ? 1_555 ? 
3  AC1 29 ASN A 33  ? ASN A 62   . ? 1_555 ? 
4  AC1 29 CYS A 34  ? CYS A 63   . ? 1_555 ? 
5  AC1 29 PRO A 35  ? PRO A 64   . ? 1_555 ? 
6  AC1 29 HIS A 93  ? HIS A 122  . ? 1_555 ? 
7  AC1 29 ALA A 94  ? ALA A 123  . ? 1_555 ? 
8  AC1 29 LEU A 95  ? LEU A 124  . ? 1_555 ? 
9  AC1 29 ALA A 96  ? ALA A 125  . ? 1_555 ? 
10 AC1 29 VAL A 97  ? VAL A 126  . ? 1_555 ? 
11 AC1 29 ARG A 102 ? ARG A 131  . ? 1_555 ? 
12 AC1 29 GLN A 103 ? GLN A 132  . ? 1_555 ? 
13 AC1 29 GLN A 104 ? GLN A 133  . ? 1_555 ? 
14 AC1 29 GLY A 105 ? GLY A 134  . ? 1_555 ? 
15 AC1 29 LYS A 106 ? LYS A 135  . ? 1_555 ? 
16 AC1 29 GLY A 107 ? GLY A 136  . ? 1_555 ? 
17 AC1 29 SER A 108 ? SER A 137  . ? 1_555 ? 
18 AC1 29 ARG A 125 ? ARG A 154  . ? 7_445 ? 
19 AC1 29 MET A 130 ? MET A 159  . ? 1_555 ? 
20 AC1 29 CYS A 131 ? CYS A 160  . ? 1_555 ? 
21 AC1 29 ALA A 134 ? ALA A 163  . ? 1_555 ? 
22 AC1 29 LEU A 135 ? LEU A 164  . ? 1_555 ? 
23 AC1 29 PHE A 138 ? PHE A 167  . ? 1_555 ? 
24 AC1 29 TYR A 139 ? TYR A 168  . ? 1_555 ? 
25 AC1 29 ARG A 141 ? ARG A 170  . ? 1_555 ? 
26 AC1 29 HOH C .   ? HOH A 1016 . ? 1_555 ? 
27 AC1 29 HOH C .   ? HOH A 1020 . ? 1_555 ? 
28 AC1 29 HOH C .   ? HOH A 1021 . ? 1_555 ? 
29 AC1 29 HOH C .   ? HOH A 1261 . ? 7_445 ? 
# 
_atom_sites.entry_id                    1CJW 
_atom_sites.fract_transf_matrix[1][1]   -0.01430940 
_atom_sites.fract_transf_matrix[1][2]   -0.01204202 
_atom_sites.fract_transf_matrix[1][3]   0.00191595 
_atom_sites.fract_transf_matrix[2][1]   0.00925217 
_atom_sites.fract_transf_matrix[2][2]   -0.01031698 
_atom_sites.fract_transf_matrix[2][3]   0.00425680 
_atom_sites.fract_transf_matrix[3][1]   -0.00128762 
_atom_sites.fract_transf_matrix[3][2]   0.00321517 
_atom_sites.fract_transf_matrix[3][3]   0.01059109 
_atom_sites.fract_transf_vector[1]      -0.295407 
_atom_sites.fract_transf_vector[2]      0.789342 
_atom_sites.fract_transf_vector[3]      0.372842 
# 
loop_
_atom_type.symbol 
C 
N 
O 
P 
S 
# 
loop_
_atom_site.group_PDB 
_atom_site.id 
_atom_site.type_symbol 
_atom_site.label_atom_id 
_atom_site.label_alt_id 
_atom_site.label_comp_id 
_atom_site.label_asym_id 
_atom_site.label_entity_id 
_atom_site.label_seq_id 
_atom_site.pdbx_PDB_ins_code 
_atom_site.Cartn_x 
_atom_site.Cartn_y 
_atom_site.Cartn_z 
_atom_site.occupancy 
_atom_site.B_iso_or_equiv 
_atom_site.pdbx_formal_charge 
_atom_site.auth_seq_id 
_atom_site.auth_comp_id 
_atom_site.auth_asym_id 
_atom_site.auth_atom_id 
_atom_site.pdbx_PDB_model_num 
ATOM   1    N N   . HIS A 1 1   ? 25.344  14.360  7.952   1.00 55.71 ? 30   HIS A N   1 
ATOM   2    C CA  . HIS A 1 1   ? 25.882  15.435  7.151   1.00 55.31 ? 30   HIS A CA  1 
ATOM   3    C C   . HIS A 1 1   ? 25.000  15.706  5.948   1.00 52.46 ? 30   HIS A C   1 
ATOM   4    O O   . HIS A 1 1   ? 24.896  16.840  5.524   1.00 53.02 ? 30   HIS A O   1 
ATOM   5    C CB  . HIS A 1 1   ? 27.320  15.144  6.694   1.00 56.72 ? 30   HIS A CB  1 
ATOM   6    C CG  . HIS A 1 1   ? 27.510  13.819  6.014   1.00 58.57 ? 30   HIS A CG  1 
ATOM   7    N ND1 . HIS A 1 1   ? 26.547  12.833  5.989   1.00 59.64 ? 30   HIS A ND1 1 
ATOM   8    C CD2 . HIS A 1 1   ? 28.584  13.311  5.357   1.00 59.36 ? 30   HIS A CD2 1 
ATOM   9    C CE1 . HIS A 1 1   ? 27.017  11.777  5.350   1.00 59.97 ? 30   HIS A CE1 1 
ATOM   10   N NE2 . HIS A 1 1   ? 28.253  12.040  4.956   1.00 59.87 ? 30   HIS A NE2 1 
ATOM   11   N N   . THR A 1 2   ? 24.274  14.701  5.470   1.00 47.85 ? 31   THR A N   1 
ATOM   12   C CA  . THR A 1 2   ? 23.441  14.901  4.293   1.00 40.62 ? 31   THR A CA  1 
ATOM   13   C C   . THR A 1 2   ? 22.068  14.228  4.336   1.00 30.75 ? 31   THR A C   1 
ATOM   14   O O   . THR A 1 2   ? 21.909  13.141  4.894   1.00 30.61 ? 31   THR A O   1 
ATOM   15   C CB  . THR A 1 2   ? 24.200  14.455  3.016   1.00 46.34 ? 31   THR A CB  1 
ATOM   16   O OG1 . THR A 1 2   ? 25.380  15.250  2.854   1.00 51.84 ? 31   THR A OG1 1 
ATOM   17   C CG2 . THR A 1 2   ? 23.335  14.585  1.772   1.00 46.07 ? 31   THR A CG2 1 
ATOM   18   N N   . LEU A 1 3   ? 21.070  14.920  3.795   1.00 26.82 ? 32   LEU A N   1 
ATOM   19   C CA  . LEU A 1 3   ? 19.723  14.391  3.689   1.00 24.50 ? 32   LEU A CA  1 
ATOM   20   C C   . LEU A 1 3   ? 19.611  14.110  2.186   1.00 23.78 ? 32   LEU A C   1 
ATOM   21   O O   . LEU A 1 3   ? 19.673  15.033  1.375   1.00 24.53 ? 32   LEU A O   1 
ATOM   22   C CB  . LEU A 1 3   ? 18.680  15.438  4.105   1.00 23.01 ? 32   LEU A CB  1 
ATOM   23   C CG  . LEU A 1 3   ? 18.659  15.918  5.563   1.00 20.22 ? 32   LEU A CG  1 
ATOM   24   C CD1 . LEU A 1 3   ? 17.559  16.944  5.733   1.00 19.81 ? 32   LEU A CD1 1 
ATOM   25   C CD2 . LEU A 1 3   ? 18.439  14.758  6.524   1.00 17.14 ? 32   LEU A CD2 1 
ATOM   26   N N   . PRO A 1 4   ? 19.522  12.818  1.802   1.00 21.37 ? 33   PRO A N   1 
ATOM   27   C CA  . PRO A 1 4   ? 19.416  12.423  0.387   1.00 20.39 ? 33   PRO A CA  1 
ATOM   28   C C   . PRO A 1 4   ? 18.284  13.129  -0.342  1.00 19.87 ? 33   PRO A C   1 
ATOM   29   O O   . PRO A 1 4   ? 17.193  13.290  0.206   1.00 21.19 ? 33   PRO A O   1 
ATOM   30   C CB  . PRO A 1 4   ? 19.147  10.922  0.481   1.00 19.77 ? 33   PRO A CB  1 
ATOM   31   C CG  . PRO A 1 4   ? 19.850  10.528  1.734   1.00 19.84 ? 33   PRO A CG  1 
ATOM   32   C CD  . PRO A 1 4   ? 19.471  11.641  2.678   1.00 19.70 ? 33   PRO A CD  1 
ATOM   33   N N   . ALA A 1 5   ? 18.548  13.576  -1.569  1.00 18.07 ? 34   ALA A N   1 
ATOM   34   C CA  . ALA A 1 5   ? 17.522  14.239  -2.364  1.00 17.54 ? 34   ALA A CA  1 
ATOM   35   C C   . ALA A 1 5   ? 16.384  13.238  -2.600  1.00 16.82 ? 34   ALA A C   1 
ATOM   36   O O   . ALA A 1 5   ? 15.213  13.616  -2.624  1.00 17.07 ? 34   ALA A O   1 
ATOM   37   C CB  . ALA A 1 5   ? 18.099  14.710  -3.697  1.00 17.56 ? 34   ALA A CB  1 
ATOM   38   N N   . ASN A 1 6   ? 16.743  11.971  -2.797  1.00 15.62 ? 35   ASN A N   1 
ATOM   39   C CA  . ASN A 1 6   ? 15.772  10.896  -3.014  1.00 14.95 ? 35   ASN A CA  1 
ATOM   40   C C   . ASN A 1 6   ? 16.289  9.602   -2.401  1.00 14.47 ? 35   ASN A C   1 
ATOM   41   O O   . ASN A 1 6   ? 17.442  9.221   -2.626  1.00 13.92 ? 35   ASN A O   1 
ATOM   42   C CB  . ASN A 1 6   ? 15.530  10.651  -4.513  1.00 12.18 ? 35   ASN A CB  1 
ATOM   43   C CG  . ASN A 1 6   ? 14.865  11.821  -5.199  1.00 9.10  ? 35   ASN A CG  1 
ATOM   44   O OD1 . ASN A 1 6   ? 13.652  12.009  -5.099  1.00 14.51 ? 35   ASN A OD1 1 
ATOM   45   N ND2 . ASN A 1 6   ? 15.660  12.628  -5.897  1.00 14.40 ? 35   ASN A ND2 1 
ATOM   46   N N   . GLU A 1 7   ? 15.465  8.952   -1.586  1.00 14.47 ? 36   GLU A N   1 
ATOM   47   C CA  . GLU A 1 7   ? 15.842  7.685   -0.983  1.00 14.05 ? 36   GLU A CA  1 
ATOM   48   C C   . GLU A 1 7   ? 14.644  6.748   -0.999  1.00 14.82 ? 36   GLU A C   1 
ATOM   49   O O   . GLU A 1 7   ? 13.526  7.162   -0.684  1.00 15.24 ? 36   GLU A O   1 
ATOM   50   C CB  . GLU A 1 7   ? 16.326  7.847   0.459   1.00 15.16 ? 36   GLU A CB  1 
ATOM   51   C CG  . GLU A 1 7   ? 16.813  6.508   1.029   1.00 22.01 ? 36   GLU A CG  1 
ATOM   52   C CD  . GLU A 1 7   ? 17.202  6.533   2.494   1.00 32.71 ? 36   GLU A CD  1 
ATOM   53   O OE1 . GLU A 1 7   ? 16.998  7.565   3.167   1.00 32.74 ? 36   GLU A OE1 1 
ATOM   54   O OE2 . GLU A 1 7   ? 17.710  5.498   2.974   1.00 29.39 ? 36   GLU A OE2 1 
ATOM   55   N N   . PHE A 1 8   ? 14.875  5.500   -1.394  1.00 15.04 ? 37   PHE A N   1 
ATOM   56   C CA  . PHE A 1 8   ? 13.828  4.481   -1.436  1.00 15.46 ? 37   PHE A CA  1 
ATOM   57   C C   . PHE A 1 8   ? 14.235  3.388   -0.465  1.00 14.78 ? 37   PHE A C   1 
ATOM   58   O O   . PHE A 1 8   ? 15.326  2.830   -0.587  1.00 13.90 ? 37   PHE A O   1 
ATOM   59   C CB  . PHE A 1 8   ? 13.713  3.868   -2.837  1.00 16.03 ? 37   PHE A CB  1 
ATOM   60   C CG  . PHE A 1 8   ? 13.311  4.840   -3.901  1.00 16.85 ? 37   PHE A CG  1 
ATOM   61   C CD1 . PHE A 1 8   ? 14.262  5.660   -4.508  1.00 17.81 ? 37   PHE A CD1 1 
ATOM   62   C CD2 . PHE A 1 8   ? 11.991  4.917   -4.322  1.00 17.20 ? 37   PHE A CD2 1 
ATOM   63   C CE1 . PHE A 1 8   ? 13.898  6.540   -5.518  1.00 17.64 ? 37   PHE A CE1 1 
ATOM   64   C CE2 . PHE A 1 8   ? 11.620  5.792   -5.334  1.00 17.78 ? 37   PHE A CE2 1 
ATOM   65   C CZ  . PHE A 1 8   ? 12.574  6.605   -5.931  1.00 17.88 ? 37   PHE A CZ  1 
ATOM   66   N N   . ARG A 1 9   ? 13.386  3.090   0.512   1.00 15.53 ? 38   ARG A N   1 
ATOM   67   C CA  . ARG A 1 9   ? 13.707  2.041   1.478   1.00 14.03 ? 38   ARG A CA  1 
ATOM   68   C C   . ARG A 1 9   ? 12.454  1.473   2.119   1.00 11.82 ? 38   ARG A C   1 
ATOM   69   O O   . ARG A 1 9   ? 11.369  2.050   2.009   1.00 10.72 ? 38   ARG A O   1 
ATOM   70   C CB  . ARG A 1 9   ? 14.643  2.570   2.578   1.00 12.71 ? 38   ARG A CB  1 
ATOM   71   C CG  . ARG A 1 9   ? 14.082  3.734   3.393   1.00 11.43 ? 38   ARG A CG  1 
ATOM   72   C CD  . ARG A 1 9   ? 14.843  3.893   4.715   1.00 14.63 ? 38   ARG A CD  1 
ATOM   73   N NE  . ARG A 1 9   ? 14.366  5.015   5.526   1.00 12.96 ? 38   ARG A NE  1 
ATOM   74   C CZ  . ARG A 1 9   ? 13.376  4.955   6.416   1.00 13.77 ? 38   ARG A CZ  1 
ATOM   75   N NH1 . ARG A 1 9   ? 12.717  3.821   6.634   1.00 13.43 ? 38   ARG A NH1 1 
ATOM   76   N NH2 . ARG A 1 9   ? 13.055  6.036   7.114   1.00 13.18 ? 38   ARG A NH2 1 
ATOM   77   N N   . CYS A 1 10  ? 12.593  0.302   2.724   1.00 12.65 ? 39   CYS A N   1 
ATOM   78   C CA  . CYS A 1 10  ? 11.481  -0.314  3.431   1.00 13.99 ? 39   CYS A CA  1 
ATOM   79   C C   . CYS A 1 10  ? 11.296  0.520   4.699   1.00 13.47 ? 39   CYS A C   1 
ATOM   80   O O   . CYS A 1 10  ? 12.257  1.099   5.212   1.00 13.32 ? 39   CYS A O   1 
ATOM   81   C CB  . CYS A 1 10  ? 11.818  -1.759  3.798   1.00 14.94 ? 39   CYS A CB  1 
ATOM   82   S SG  . CYS A 1 10  ? 11.920  -2.887  2.385   1.00 15.37 ? 39   CYS A SG  1 
ATOM   83   N N   . LEU A 1 11  ? 10.070  0.616   5.190   1.00 12.69 ? 40   LEU A N   1 
ATOM   84   C CA  . LEU A 1 11  ? 9.801   1.395   6.393   1.00 13.46 ? 40   LEU A CA  1 
ATOM   85   C C   . LEU A 1 11  ? 10.021  0.576   7.662   1.00 13.71 ? 40   LEU A C   1 
ATOM   86   O O   . LEU A 1 11  ? 10.223  -0.635  7.605   1.00 13.11 ? 40   LEU A O   1 
ATOM   87   C CB  . LEU A 1 11  ? 8.365   1.912   6.366   1.00 12.84 ? 40   LEU A CB  1 
ATOM   88   C CG  . LEU A 1 11  ? 7.944   2.696   5.126   1.00 12.55 ? 40   LEU A CG  1 
ATOM   89   C CD1 . LEU A 1 11  ? 6.468   3.022   5.228   1.00 12.89 ? 40   LEU A CD1 1 
ATOM   90   C CD2 . LEU A 1 11  ? 8.782   3.964   4.980   1.00 11.71 ? 40   LEU A CD2 1 
ATOM   91   N N   . THR A 1 12  ? 10.052  1.256   8.802   1.00 15.31 ? 41   THR A N   1 
ATOM   92   C CA  . THR A 1 12  ? 10.192  0.603   10.104  1.00 15.21 ? 41   THR A CA  1 
ATOM   93   C C   . THR A 1 12  ? 9.137   1.321   10.941  1.00 14.51 ? 41   THR A C   1 
ATOM   94   O O   . THR A 1 12  ? 8.596   2.351   10.509  1.00 13.89 ? 41   THR A O   1 
ATOM   95   C CB  . THR A 1 12  ? 11.584  0.824   10.760  1.00 18.90 ? 41   THR A CB  1 
ATOM   96   O OG1 . THR A 1 12  ? 11.677  2.166   11.250  1.00 19.66 ? 41   THR A OG1 1 
ATOM   97   C CG2 . THR A 1 12  ? 12.717  0.551   9.772   1.00 21.03 ? 41   THR A CG2 1 
ATOM   98   N N   . PRO A 1 13  ? 8.824   0.809   12.140  1.00 14.35 ? 42   PRO A N   1 
ATOM   99   C CA  . PRO A 1 13  ? 7.819   1.449   12.995  1.00 14.91 ? 42   PRO A CA  1 
ATOM   100  C C   . PRO A 1 13  ? 8.083   2.936   13.284  1.00 15.13 ? 42   PRO A C   1 
ATOM   101  O O   . PRO A 1 13  ? 7.157   3.674   13.599  1.00 15.46 ? 42   PRO A O   1 
ATOM   102  C CB  . PRO A 1 13  ? 7.870   0.604   14.265  1.00 14.87 ? 42   PRO A CB  1 
ATOM   103  C CG  . PRO A 1 13  ? 8.174   -0.756  13.732  1.00 14.30 ? 42   PRO A CG  1 
ATOM   104  C CD  . PRO A 1 13  ? 9.267   -0.468  12.727  1.00 14.07 ? 42   PRO A CD  1 
ATOM   105  N N   . GLU A 1 14  ? 9.331   3.382   13.137  1.00 15.79 ? 43   GLU A N   1 
ATOM   106  C CA  . GLU A 1 14  ? 9.685   4.782   13.380  1.00 15.83 ? 43   GLU A CA  1 
ATOM   107  C C   . GLU A 1 14  ? 9.030   5.711   12.361  1.00 15.70 ? 43   GLU A C   1 
ATOM   108  O O   . GLU A 1 14  ? 8.869   6.905   12.614  1.00 15.95 ? 43   GLU A O   1 
ATOM   109  C CB  . GLU A 1 14  ? 11.204  4.958   13.353  1.00 18.14 ? 43   GLU A CB  1 
ATOM   110  C CG  . GLU A 1 14  ? 11.931  4.094   14.386  1.00 24.79 ? 43   GLU A CG  1 
ATOM   111  C CD  . GLU A 1 14  ? 13.436  4.298   14.402  1.00 29.04 ? 43   GLU A CD  1 
ATOM   112  O OE1 . GLU A 1 14  ? 13.961  5.013   13.526  1.00 23.49 ? 43   GLU A OE1 1 
ATOM   113  O OE2 . GLU A 1 14  ? 14.097  3.740   15.304  1.00 31.25 ? 43   GLU A OE2 1 
ATOM   114  N N   . ASP A 1 15  ? 8.639   5.151   11.217  1.00 14.60 ? 44   ASP A N   1 
ATOM   115  C CA  . ASP A 1 15  ? 7.989   5.912   10.150  1.00 13.62 ? 44   ASP A CA  1 
ATOM   116  C C   . ASP A 1 15  ? 6.467   5.967   10.300  1.00 13.92 ? 44   ASP A C   1 
ATOM   117  O O   . ASP A 1 15  ? 5.800   6.659   9.530   1.00 14.53 ? 44   ASP A O   1 
ATOM   118  C CB  . ASP A 1 15  ? 8.309   5.301   8.782   1.00 12.27 ? 44   ASP A CB  1 
ATOM   119  C CG  . ASP A 1 15  ? 9.784   5.297   8.470   1.00 12.44 ? 44   ASP A CG  1 
ATOM   120  O OD1 . ASP A 1 15  ? 10.378  6.391   8.381   1.00 14.65 ? 44   ASP A OD1 1 
ATOM   121  O OD2 . ASP A 1 15  ? 10.351  4.204   8.300   1.00 14.95 ? 44   ASP A OD2 1 
ATOM   122  N N   . ALA A 1 16  ? 5.922   5.243   11.277  1.00 14.59 ? 45   ALA A N   1 
ATOM   123  C CA  . ALA A 1 16  ? 4.475   5.202   11.492  1.00 14.21 ? 45   ALA A CA  1 
ATOM   124  C C   . ALA A 1 16  ? 3.790   6.566   11.528  1.00 13.26 ? 45   ALA A C   1 
ATOM   125  O O   . ALA A 1 16  ? 2.789   6.772   10.839  1.00 11.10 ? 45   ALA A O   1 
ATOM   126  C CB  . ALA A 1 16  ? 4.146   4.413   12.747  1.00 14.31 ? 45   ALA A CB  1 
ATOM   127  N N   . ALA A 1 17  ? 4.338   7.496   12.313  1.00 12.90 ? 46   ALA A N   1 
ATOM   128  C CA  . ALA A 1 17  ? 3.781   8.844   12.442  1.00 13.16 ? 46   ALA A CA  1 
ATOM   129  C C   . ALA A 1 17  ? 3.699   9.565   11.094  1.00 12.61 ? 46   ALA A C   1 
ATOM   130  O O   . ALA A 1 17  ? 2.675   10.174  10.782  1.00 11.78 ? 46   ALA A O   1 
ATOM   131  C CB  . ALA A 1 17  ? 4.597   9.673   13.419  1.00 13.67 ? 46   ALA A CB  1 
ATOM   132  N N   . GLY A 1 18  ? 4.782   9.495   10.317  1.00 13.12 ? 47   GLY A N   1 
ATOM   133  C CA  . GLY A 1 18  ? 4.821   10.126  9.012   1.00 11.94 ? 47   GLY A CA  1 
ATOM   134  C C   . GLY A 1 18  ? 3.789   9.528   8.077   1.00 11.82 ? 47   GLY A C   1 
ATOM   135  O O   . GLY A 1 18  ? 3.104   10.245  7.339   1.00 11.70 ? 47   GLY A O   1 
ATOM   136  N N   . VAL A 1 19  ? 3.671   8.204   8.108   1.00 11.27 ? 48   VAL A N   1 
ATOM   137  C CA  . VAL A 1 19  ? 2.693   7.505   7.282   1.00 11.09 ? 48   VAL A CA  1 
ATOM   138  C C   . VAL A 1 19  ? 1.273   7.942   7.655   1.00 12.14 ? 48   VAL A C   1 
ATOM   139  O O   . VAL A 1 19  ? 0.480   8.309   6.780   1.00 11.08 ? 48   VAL A O   1 
ATOM   140  C CB  . VAL A 1 19  ? 2.815   5.982   7.453   1.00 10.06 ? 48   VAL A CB  1 
ATOM   141  C CG1 . VAL A 1 19  ? 1.603   5.274   6.825   1.00 10.07 ? 48   VAL A CG1 1 
ATOM   142  C CG2 . VAL A 1 19  ? 4.112   5.494   6.832   1.00 9.37  ? 48   VAL A CG2 1 
ATOM   143  N N   . PHE A 1 20  ? 0.960   7.927   8.951   1.00 12.31 ? 49   PHE A N   1 
ATOM   144  C CA  . PHE A 1 20  ? -0.372  8.319   9.403   1.00 12.08 ? 49   PHE A CA  1 
ATOM   145  C C   . PHE A 1 20  ? -0.723  9.755   9.015   1.00 11.34 ? 49   PHE A C   1 
ATOM   146  O O   . PHE A 1 20  ? -1.856  10.029  8.639   1.00 10.09 ? 49   PHE A O   1 
ATOM   147  C CB  . PHE A 1 20  ? -0.538  8.110   10.914  1.00 13.13 ? 49   PHE A CB  1 
ATOM   148  C CG  . PHE A 1 20  ? -1.946  8.331   11.393  1.00 14.88 ? 49   PHE A CG  1 
ATOM   149  C CD1 . PHE A 1 20  ? -2.976  7.474   10.994  1.00 15.58 ? 49   PHE A CD1 1 
ATOM   150  C CD2 . PHE A 1 20  ? -2.260  9.423   12.191  1.00 16.80 ? 49   PHE A CD2 1 
ATOM   151  C CE1 . PHE A 1 20  ? -4.298  7.706   11.378  1.00 15.52 ? 49   PHE A CE1 1 
ATOM   152  C CE2 . PHE A 1 20  ? -3.584  9.666   12.583  1.00 17.35 ? 49   PHE A CE2 1 
ATOM   153  C CZ  . PHE A 1 20  ? -4.604  8.804   12.172  1.00 16.89 ? 49   PHE A CZ  1 
ATOM   154  N N   . GLU A 1 21  ? 0.241   10.675  9.095   1.00 12.47 ? 50   GLU A N   1 
ATOM   155  C CA  . GLU A 1 21  ? -0.016  12.065  8.722   1.00 12.27 ? 50   GLU A CA  1 
ATOM   156  C C   . GLU A 1 21  ? -0.437  12.162  7.261   1.00 11.66 ? 50   GLU A C   1 
ATOM   157  O O   . GLU A 1 21  ? -1.338  12.923  6.917   1.00 12.02 ? 50   GLU A O   1 
ATOM   158  C CB  . GLU A 1 21  ? 1.197   12.958  8.972   1.00 12.71 ? 50   GLU A CB  1 
ATOM   159  C CG  . GLU A 1 21  ? 1.420   13.276  10.435  1.00 17.62 ? 50   GLU A CG  1 
ATOM   160  C CD  . GLU A 1 21  ? 0.164   13.799  11.116  1.00 20.81 ? 50   GLU A CD  1 
ATOM   161  O OE1 . GLU A 1 21  ? -0.483  14.720  10.571  1.00 21.32 ? 50   GLU A OE1 1 
ATOM   162  O OE2 . GLU A 1 21  ? -0.185  13.278  12.195  1.00 18.45 ? 50   GLU A OE2 1 
ATOM   163  N N   . ILE A 1 22  ? 0.224   11.409  6.395   1.00 11.72 ? 51   ILE A N   1 
ATOM   164  C CA  . ILE A 1 22  ? -0.125  11.439  4.995   1.00 10.40 ? 51   ILE A CA  1 
ATOM   165  C C   . ILE A 1 22  ? -1.554  10.919  4.862   1.00 9.80  ? 51   ILE A C   1 
ATOM   166  O O   . ILE A 1 22  ? -2.378  11.539  4.178   1.00 10.39 ? 51   ILE A O   1 
ATOM   167  C CB  . ILE A 1 22  ? 0.804   10.532  4.125   1.00 11.23 ? 51   ILE A CB  1 
ATOM   168  C CG1 . ILE A 1 22  ? 2.248   11.053  4.210   1.00 15.81 ? 51   ILE A CG1 1 
ATOM   169  C CG2 . ILE A 1 22  ? 0.321   10.530  2.684   1.00 9.60  ? 51   ILE A CG2 1 
ATOM   170  C CD1 . ILE A 1 22  ? 3.242   10.204  3.436   1.00 21.87 ? 51   ILE A CD1 1 
ATOM   171  N N   . GLU A 1 23  ? -1.890  9.840   5.569   1.00 10.81 ? 52   GLU A N   1 
ATOM   172  C CA  . GLU A 1 23  ? -3.238  9.280   5.514   1.00 10.91 ? 52   GLU A CA  1 
ATOM   173  C C   . GLU A 1 23  ? -4.320  10.250  5.957   1.00 11.00 ? 52   GLU A C   1 
ATOM   174  O O   . GLU A 1 23  ? -5.438  10.224  5.427   1.00 10.85 ? 52   GLU A O   1 
ATOM   175  C CB  . GLU A 1 23  ? -3.328  8.019   6.368   1.00 11.99 ? 52   GLU A CB  1 
ATOM   176  C CG  . GLU A 1 23  ? -2.556  6.847   5.833   1.00 14.14 ? 52   GLU A CG  1 
ATOM   177  C CD  . GLU A 1 23  ? -2.866  5.591   6.601   1.00 16.49 ? 52   GLU A CD  1 
ATOM   178  O OE1 . GLU A 1 23  ? -2.239  5.371   7.658   1.00 11.49 ? 52   GLU A OE1 1 
ATOM   179  O OE2 . GLU A 1 23  ? -3.754  4.833   6.154   1.00 12.15 ? 52   GLU A OE2 1 
ATOM   180  N N   . ARG A 1 24  ? -4.013  11.097  6.932   1.00 11.69 ? 53   ARG A N   1 
ATOM   181  C CA  . ARG A 1 24  ? -4.984  12.071  7.409   1.00 12.07 ? 53   ARG A CA  1 
ATOM   182  C C   . ARG A 1 24  ? -5.516  12.935  6.271   1.00 13.00 ? 53   ARG A C   1 
ATOM   183  O O   . ARG A 1 24  ? -6.725  13.093  6.102   1.00 12.48 ? 53   ARG A O   1 
ATOM   184  C CB  . ARG A 1 24  ? -4.348  12.970  8.458   1.00 13.33 ? 53   ARG A CB  1 
ATOM   185  C CG  . ARG A 1 24  ? -4.063  12.300  9.778   1.00 21.69 ? 53   ARG A CG  1 
ATOM   186  C CD  . ARG A 1 24  ? -3.513  13.340  10.732  1.00 28.38 ? 53   ARG A CD  1 
ATOM   187  N NE  . ARG A 1 24  ? -4.369  14.524  10.748  1.00 32.45 ? 53   ARG A NE  1 
ATOM   188  C CZ  . ARG A 1 24  ? -4.150  15.607  11.484  1.00 47.99 ? 53   ARG A CZ  1 
ATOM   189  N NH1 . ARG A 1 24  ? -3.093  15.677  12.283  1.00 59.05 ? 53   ARG A NH1 1 
ATOM   190  N NH2 . ARG A 1 24  ? -5.008  16.615  11.436  1.00 48.58 ? 53   ARG A NH2 1 
ATOM   191  N N   . GLU A 1 25  ? -4.606  13.490  5.481   1.00 14.10 ? 54   GLU A N   1 
ATOM   192  C CA  . GLU A 1 25  ? -4.995  14.335  4.369   1.00 14.00 ? 54   GLU A CA  1 
ATOM   193  C C   . GLU A 1 25  ? -5.442  13.500  3.167   1.00 14.13 ? 54   GLU A C   1 
ATOM   194  O O   . GLU A 1 25  ? -6.430  13.820  2.510   1.00 15.15 ? 54   GLU A O   1 
ATOM   195  C CB  . GLU A 1 25  ? -3.819  15.247  3.992   1.00 14.23 ? 54   GLU A CB  1 
ATOM   196  C CG  . GLU A 1 25  ? -4.057  16.174  2.796   1.00 14.80 ? 54   GLU A CG  1 
ATOM   197  C CD  . GLU A 1 25  ? -3.965  15.464  1.455   1.00 15.11 ? 54   GLU A CD  1 
ATOM   198  O OE1 . GLU A 1 25  ? -3.227  14.465  1.344   1.00 13.60 ? 54   GLU A OE1 1 
ATOM   199  O OE2 . GLU A 1 25  ? -4.650  15.898  0.511   1.00 19.98 ? 54   GLU A OE2 1 
ATOM   200  N N   . ALA A 1 26  ? -4.710  12.428  2.887   1.00 13.65 ? 55   ALA A N   1 
ATOM   201  C CA  . ALA A 1 26  ? -4.989  11.578  1.735   1.00 13.55 ? 55   ALA A CA  1 
ATOM   202  C C   . ALA A 1 26  ? -6.294  10.796  1.781   1.00 13.91 ? 55   ALA A C   1 
ATOM   203  O O   . ALA A 1 26  ? -6.961  10.644  0.752   1.00 14.14 ? 55   ALA A O   1 
ATOM   204  C CB  . ALA A 1 26  ? -3.821  10.635  1.491   1.00 13.52 ? 55   ALA A CB  1 
ATOM   205  N N   . PHE A 1 27  ? -6.664  10.308  2.961   1.00 12.94 ? 56   PHE A N   1 
ATOM   206  C CA  . PHE A 1 27  ? -7.876  9.510   3.107   1.00 12.75 ? 56   PHE A CA  1 
ATOM   207  C C   . PHE A 1 27  ? -8.922  10.095  4.052   1.00 14.35 ? 56   PHE A C   1 
ATOM   208  O O   . PHE A 1 27  ? -10.063 10.321  3.648   1.00 16.34 ? 56   PHE A O   1 
ATOM   209  C CB  . PHE A 1 27  ? -7.523  8.092   3.570   1.00 11.93 ? 56   PHE A CB  1 
ATOM   210  C CG  . PHE A 1 27  ? -6.631  7.333   2.616   1.00 12.23 ? 56   PHE A CG  1 
ATOM   211  C CD1 . PHE A 1 27  ? -7.159  6.731   1.471   1.00 12.10 ? 56   PHE A CD1 1 
ATOM   212  C CD2 . PHE A 1 27  ? -5.266  7.188   2.885   1.00 12.32 ? 56   PHE A CD2 1 
ATOM   213  C CE1 . PHE A 1 27  ? -6.343  5.992   0.605   1.00 11.80 ? 56   PHE A CE1 1 
ATOM   214  C CE2 . PHE A 1 27  ? -4.444  6.452   2.032   1.00 13.23 ? 56   PHE A CE2 1 
ATOM   215  C CZ  . PHE A 1 27  ? -4.985  5.851   0.885   1.00 12.20 ? 56   PHE A CZ  1 
ATOM   216  N N   . ILE A 1 28  ? -8.535  10.372  5.293   1.00 13.33 ? 57   ILE A N   1 
ATOM   217  C CA  . ILE A 1 28  ? -9.486  10.891  6.273   1.00 14.83 ? 57   ILE A CA  1 
ATOM   218  C C   . ILE A 1 28  ? -10.199 12.172  5.859   1.00 17.65 ? 57   ILE A C   1 
ATOM   219  O O   . ILE A 1 28  ? -11.426 12.260  5.982   1.00 20.21 ? 57   ILE A O   1 
ATOM   220  C CB  . ILE A 1 28  ? -8.845  11.082  7.660   1.00 14.76 ? 57   ILE A CB  1 
ATOM   221  C CG1 . ILE A 1 28  ? -8.118  9.805   8.089   1.00 12.58 ? 57   ILE A CG1 1 
ATOM   222  C CG2 . ILE A 1 28  ? -9.924  11.405  8.683   1.00 16.08 ? 57   ILE A CG2 1 
ATOM   223  C CD1 . ILE A 1 28  ? -7.377  9.926   9.401   1.00 10.72 ? 57   ILE A CD1 1 
ATOM   224  N N   . SER A 1 29  ? -9.467  13.143  5.315   1.00 18.59 ? 58   SER A N   1 
ATOM   225  C CA  . SER A 1 29  ? -10.081 14.405  4.898   1.00 20.16 ? 58   SER A CA  1 
ATOM   226  C C   . SER A 1 29  ? -11.117 14.213  3.788   1.00 21.73 ? 58   SER A C   1 
ATOM   227  O O   . SER A 1 29  ? -12.007 15.050  3.612   1.00 21.61 ? 58   SER A O   1 
ATOM   228  C CB  . SER A 1 29  ? -9.008  15.414  4.456   1.00 23.20 ? 58   SER A CB  1 
ATOM   229  O OG  . SER A 1 29  ? -8.542  15.162  3.137   1.00 23.66 ? 58   SER A OG  1 
ATOM   230  N N   . VAL A 1 30  ? -11.010 13.111  3.050   1.00 22.77 ? 59   VAL A N   1 
ATOM   231  C CA  . VAL A 1 30  ? -11.937 12.828  1.963   1.00 24.41 ? 59   VAL A CA  1 
ATOM   232  C C   . VAL A 1 30  ? -13.149 12.011  2.408   1.00 25.86 ? 59   VAL A C   1 
ATOM   233  O O   . VAL A 1 30  ? -14.283 12.471  2.292   1.00 27.61 ? 59   VAL A O   1 
ATOM   234  C CB  . VAL A 1 30  ? -11.233 12.090  0.789   1.00 25.11 ? 59   VAL A CB  1 
ATOM   235  C CG1 . VAL A 1 30  ? -12.217 11.833  -0.357  1.00 25.07 ? 59   VAL A CG1 1 
ATOM   236  C CG2 . VAL A 1 30  ? -10.043 12.904  0.291   1.00 25.29 ? 59   VAL A CG2 1 
ATOM   237  N N   . SER A 1 31  ? -12.909 10.822  2.948   1.00 26.11 ? 60   SER A N   1 
ATOM   238  C CA  . SER A 1 31  ? -13.994 9.941   3.362   1.00 26.42 ? 60   SER A CA  1 
ATOM   239  C C   . SER A 1 31  ? -14.262 9.823   4.862   1.00 26.56 ? 60   SER A C   1 
ATOM   240  O O   . SER A 1 31  ? -15.235 9.181   5.263   1.00 27.90 ? 60   SER A O   1 
ATOM   241  C CB  . SER A 1 31  ? -13.760 8.546   2.782   1.00 27.45 ? 60   SER A CB  1 
ATOM   242  O OG  . SER A 1 31  ? -12.467 8.075   3.121   1.00 27.55 ? 60   SER A OG  1 
ATOM   243  N N   . GLY A 1 32  ? -13.392 10.384  5.691   1.00 24.83 ? 61   GLY A N   1 
ATOM   244  C CA  . GLY A 1 32  ? -13.602 10.300  7.123   1.00 23.06 ? 61   GLY A CA  1 
ATOM   245  C C   . GLY A 1 32  ? -12.955 9.097   7.784   1.00 22.92 ? 61   GLY A C   1 
ATOM   246  O O   . GLY A 1 32  ? -13.069 8.921   9.001   1.00 23.23 ? 61   GLY A O   1 
ATOM   247  N N   . ASN A 1 33  ? -12.289 8.256   6.998   1.00 22.20 ? 62   ASN A N   1 
ATOM   248  C CA  . ASN A 1 33  ? -11.612 7.082   7.547   1.00 19.27 ? 62   ASN A CA  1 
ATOM   249  C C   . ASN A 1 33  ? -10.355 6.841   6.722   1.00 15.57 ? 62   ASN A C   1 
ATOM   250  O O   . ASN A 1 33  ? -10.124 7.530   5.725   1.00 15.60 ? 62   ASN A O   1 
ATOM   251  C CB  . ASN A 1 33  ? -12.528 5.853   7.495   1.00 27.21 ? 62   ASN A CB  1 
ATOM   252  C CG  . ASN A 1 33  ? -12.184 4.805   8.558   1.00 35.26 ? 62   ASN A CG  1 
ATOM   253  O OD1 . ASN A 1 33  ? -11.098 4.809   9.138   1.00 26.98 ? 62   ASN A OD1 1 
ATOM   254  N ND2 . ASN A 1 33  ? -13.119 3.902   8.811   1.00 43.27 ? 62   ASN A ND2 1 
ATOM   255  N N   . CYS A 1 34  ? -9.516  5.912   7.153   1.00 15.65 ? 63   CYS A N   1 
ATOM   256  C CA  . CYS A 1 34  ? -8.301  5.614   6.420   1.00 15.95 ? 63   CYS A CA  1 
ATOM   257  C C   . CYS A 1 34  ? -7.985  4.137   6.534   1.00 14.65 ? 63   CYS A C   1 
ATOM   258  O O   . CYS A 1 34  ? -8.536  3.440   7.392   1.00 14.31 ? 63   CYS A O   1 
ATOM   259  C CB  . CYS A 1 34  ? -7.131  6.487   6.905   1.00 16.41 ? 63   CYS A CB  1 
ATOM   260  S SG  . CYS A 1 34  ? -6.551  6.181   8.578   1.00 16.22 ? 63   CYS A SG  1 
ATOM   261  N N   . PRO A 1 35  ? -7.139  3.625   5.631   1.00 14.07 ? 64   PRO A N   1 
ATOM   262  C CA  . PRO A 1 35  ? -6.723  2.226   5.582   1.00 13.87 ? 64   PRO A CA  1 
ATOM   263  C C   . PRO A 1 35  ? -6.077  1.705   6.850   1.00 14.06 ? 64   PRO A C   1 
ATOM   264  O O   . PRO A 1 35  ? -6.444  0.643   7.350   1.00 13.57 ? 64   PRO A O   1 
ATOM   265  C CB  . PRO A 1 35  ? -5.719  2.216   4.434   1.00 14.12 ? 64   PRO A CB  1 
ATOM   266  C CG  . PRO A 1 35  ? -6.219  3.282   3.542   1.00 14.15 ? 64   PRO A CG  1 
ATOM   267  C CD  . PRO A 1 35  ? -6.571  4.372   4.495   1.00 14.06 ? 64   PRO A CD  1 
ATOM   268  N N   . LEU A 1 36  ? -5.130  2.465   7.389   1.00 13.53 ? 65   LEU A N   1 
ATOM   269  C CA  . LEU A 1 36  ? -4.409  2.033   8.576   1.00 12.72 ? 65   LEU A CA  1 
ATOM   270  C C   . LEU A 1 36  ? -4.252  3.131   9.625   1.00 12.77 ? 65   LEU A C   1 
ATOM   271  O O   . LEU A 1 36  ? -3.778  4.225   9.319   1.00 10.07 ? 65   LEU A O   1 
ATOM   272  C CB  . LEU A 1 36  ? -3.018  1.533   8.161   1.00 12.87 ? 65   LEU A CB  1 
ATOM   273  C CG  . LEU A 1 36  ? -2.899  0.409   7.117   1.00 12.91 ? 65   LEU A CG  1 
ATOM   274  C CD1 . LEU A 1 36  ? -1.477  0.328   6.603   1.00 12.42 ? 65   LEU A CD1 1 
ATOM   275  C CD2 . LEU A 1 36  ? -3.317  -0.927  7.716   1.00 10.62 ? 65   LEU A CD2 1 
ATOM   276  N N   . ASN A 1 37  ? -4.686  2.866   10.854  1.00 13.48 ? 66   ASN A N   1 
ATOM   277  C CA  . ASN A 1 37  ? -4.507  3.858   11.905  1.00 12.71 ? 66   ASN A CA  1 
ATOM   278  C C   . ASN A 1 37  ? -3.080  3.667   12.432  1.00 12.11 ? 66   ASN A C   1 
ATOM   279  O O   . ASN A 1 37  ? -2.373  2.747   11.988  1.00 10.93 ? 66   ASN A O   1 
ATOM   280  C CB  . ASN A 1 37  ? -5.592  3.774   13.003  1.00 10.94 ? 66   ASN A CB  1 
ATOM   281  C CG  . ASN A 1 37  ? -5.589  2.462   13.773  1.00 10.80 ? 66   ASN A CG  1 
ATOM   282  O OD1 . ASN A 1 37  ? -4.585  1.758   13.848  1.00 11.45 ? 66   ASN A OD1 1 
ATOM   283  N ND2 . ASN A 1 37  ? -6.724  2.149   14.386  1.00 10.22 ? 66   ASN A ND2 1 
ATOM   284  N N   . LEU A 1 38  ? -2.638  4.523   13.348  1.00 12.86 ? 67   LEU A N   1 
ATOM   285  C CA  . LEU A 1 38  ? -1.274  4.427   13.865  1.00 13.84 ? 67   LEU A CA  1 
ATOM   286  C C   . LEU A 1 38  ? -0.898  3.023   14.330  1.00 13.70 ? 67   LEU A C   1 
ATOM   287  O O   . LEU A 1 38  ? 0.139   2.494   13.928  1.00 13.32 ? 67   LEU A O   1 
ATOM   288  C CB  . LEU A 1 38  ? -1.052  5.434   14.997  1.00 15.07 ? 67   LEU A CB  1 
ATOM   289  C CG  . LEU A 1 38  ? 0.408   5.646   15.394  1.00 17.53 ? 67   LEU A CG  1 
ATOM   290  C CD1 . LEU A 1 38  ? 1.163   6.301   14.246  1.00 17.31 ? 67   LEU A CD1 1 
ATOM   291  C CD2 . LEU A 1 38  ? 0.482   6.508   16.645  1.00 19.60 ? 67   LEU A CD2 1 
ATOM   292  N N   . ASP A 1 39  ? -1.754  2.404   15.141  1.00 12.85 ? 68   ASP A N   1 
ATOM   293  C CA  . ASP A 1 39  ? -1.492  1.063   15.649  1.00 12.80 ? 68   ASP A CA  1 
ATOM   294  C C   . ASP A 1 39  ? -1.382  0.017   14.531  1.00 11.91 ? 68   ASP A C   1 
ATOM   295  O O   . ASP A 1 39  ? -0.529  -0.872  14.590  1.00 11.49 ? 68   ASP A O   1 
ATOM   296  C CB  . ASP A 1 39  ? -2.575  0.652   16.650  1.00 18.41 ? 68   ASP A CB  1 
ATOM   297  C CG  . ASP A 1 39  ? -2.256  -0.655  17.349  1.00 34.98 ? 68   ASP A CG  1 
ATOM   298  O OD1 . ASP A 1 39  ? -1.372  -0.658  18.230  1.00 39.36 ? 68   ASP A OD1 1 
ATOM   299  O OD2 . ASP A 1 39  ? -2.887  -1.682  17.017  1.00 42.90 ? 68   ASP A OD2 1 
ATOM   300  N N   . GLU A 1 40  ? -2.231  0.130   13.514  1.00 12.78 ? 69   GLU A N   1 
ATOM   301  C CA  . GLU A 1 40  ? -2.215  -0.806  12.394  1.00 12.55 ? 69   GLU A CA  1 
ATOM   302  C C   . GLU A 1 40  ? -0.961  -0.636  11.541  1.00 13.31 ? 69   GLU A C   1 
ATOM   303  O O   . GLU A 1 40  ? -0.395  -1.624  11.067  1.00 12.33 ? 69   GLU A O   1 
ATOM   304  C CB  . GLU A 1 40  ? -3.482  -0.658  11.562  1.00 12.22 ? 69   GLU A CB  1 
ATOM   305  C CG  . GLU A 1 40  ? -4.711  -1.095  12.344  1.00 10.78 ? 69   GLU A CG  1 
ATOM   306  C CD  . GLU A 1 40  ? -6.016  -0.666  11.715  1.00 16.42 ? 69   GLU A CD  1 
ATOM   307  O OE1 . GLU A 1 40  ? -6.016  0.286   10.910  1.00 16.56 ? 69   GLU A OE1 1 
ATOM   308  O OE2 . GLU A 1 40  ? -7.052  -1.277  12.043  1.00 15.17 ? 69   GLU A OE2 1 
ATOM   309  N N   . VAL A 1 41  ? -0.506  0.608   11.377  1.00 13.29 ? 70   VAL A N   1 
ATOM   310  C CA  . VAL A 1 41  ? 0.711   0.865   10.619  1.00 12.03 ? 70   VAL A CA  1 
ATOM   311  C C   . VAL A 1 41  ? 1.858   0.196   11.380  1.00 12.47 ? 70   VAL A C   1 
ATOM   312  O O   . VAL A 1 41  ? 2.633   -0.571  10.804  1.00 11.18 ? 70   VAL A O   1 
ATOM   313  C CB  . VAL A 1 41  ? 0.975   2.394   10.445  1.00 10.96 ? 70   VAL A CB  1 
ATOM   314  C CG1 . VAL A 1 41  ? 2.366   2.645   9.873   1.00 10.86 ? 70   VAL A CG1 1 
ATOM   315  C CG2 . VAL A 1 41  ? -0.077  3.006   9.526   1.00 10.20 ? 70   VAL A CG2 1 
ATOM   316  N N   . GLN A 1 42  ? 1.915   0.421   12.692  1.00 12.75 ? 71   GLN A N   1 
ATOM   317  C CA  . GLN A 1 42  ? 2.963   -0.164  13.527  1.00 13.56 ? 71   GLN A CA  1 
ATOM   318  C C   . GLN A 1 42  ? 2.936   -1.689  13.491  1.00 13.94 ? 71   GLN A C   1 
ATOM   319  O O   . GLN A 1 42  ? 3.984   -2.335  13.482  1.00 14.89 ? 71   GLN A O   1 
ATOM   320  C CB  . GLN A 1 42  ? 2.842   0.356   14.960  1.00 19.34 ? 71   GLN A CB  1 
ATOM   321  C CG  . GLN A 1 42  ? 2.977   1.872   15.028  1.00 31.60 ? 71   GLN A CG  1 
ATOM   322  C CD  . GLN A 1 42  ? 2.661   2.453   16.390  1.00 42.54 ? 71   GLN A CD  1 
ATOM   323  O OE1 . GLN A 1 42  ? 1.881   1.889   17.155  1.00 45.57 ? 71   GLN A OE1 1 
ATOM   324  N NE2 . GLN A 1 42  ? 3.260   3.596   16.694  1.00 41.41 ? 71   GLN A NE2 1 
ATOM   325  N N   . HIS A 1 43  ? 1.738   -2.259  13.436  1.00 14.14 ? 72   HIS A N   1 
ATOM   326  C CA  . HIS A 1 43  ? 1.561   -3.708  13.385  1.00 13.78 ? 72   HIS A CA  1 
ATOM   327  C C   . HIS A 1 43  ? 2.277   -4.309  12.170  1.00 12.04 ? 72   HIS A C   1 
ATOM   328  O O   . HIS A 1 43  ? 3.135   -5.191  12.313  1.00 11.11 ? 72   HIS A O   1 
ATOM   329  C CB  . HIS A 1 43  ? 0.058   -4.025  13.339  1.00 14.75 ? 72   HIS A CB  1 
ATOM   330  C CG  . HIS A 1 43  ? -0.264  -5.484  13.215  1.00 16.44 ? 72   HIS A CG  1 
ATOM   331  N ND1 . HIS A 1 43  ? -1.260  -5.953  12.385  1.00 16.87 ? 72   HIS A ND1 1 
ATOM   332  C CD2 . HIS A 1 43  ? 0.235   -6.571  13.851  1.00 17.48 ? 72   HIS A CD2 1 
ATOM   333  C CE1 . HIS A 1 43  ? -1.366  -7.262  12.517  1.00 17.12 ? 72   HIS A CE1 1 
ATOM   334  N NE2 . HIS A 1 43  ? -0.471  -7.662  13.400  1.00 17.78 ? 72   HIS A NE2 1 
ATOM   335  N N   . PHE A 1 44  ? 1.957   -3.812  10.979  1.00 11.83 ? 73   PHE A N   1 
ATOM   336  C CA  . PHE A 1 44  ? 2.568   -4.343  9.761   1.00 12.00 ? 73   PHE A CA  1 
ATOM   337  C C   . PHE A 1 44  ? 4.038   -3.993  9.606   1.00 11.45 ? 73   PHE A C   1 
ATOM   338  O O   . PHE A 1 44  ? 4.810   -4.788  9.082   1.00 11.07 ? 73   PHE A O   1 
ATOM   339  C CB  . PHE A 1 44  ? 1.758   -3.950  8.520   1.00 11.55 ? 73   PHE A CB  1 
ATOM   340  C CG  . PHE A 1 44  ? 0.380   -4.551  8.488   1.00 11.03 ? 73   PHE A CG  1 
ATOM   341  C CD1 . PHE A 1 44  ? 0.196   -5.912  8.725   1.00 12.05 ? 73   PHE A CD1 1 
ATOM   342  C CD2 . PHE A 1 44  ? -0.734  -3.757  8.255   1.00 11.32 ? 73   PHE A CD2 1 
ATOM   343  C CE1 . PHE A 1 44  ? -1.089  -6.473  8.735   1.00 12.21 ? 73   PHE A CE1 1 
ATOM   344  C CE2 . PHE A 1 44  ? -2.023  -4.303  8.261   1.00 12.40 ? 73   PHE A CE2 1 
ATOM   345  C CZ  . PHE A 1 44  ? -2.199  -5.666  8.503   1.00 12.37 ? 73   PHE A CZ  1 
ATOM   346  N N   . LEU A 1 45  ? 4.447   -2.833  10.105  1.00 13.30 ? 74   LEU A N   1 
ATOM   347  C CA  . LEU A 1 45  ? 5.852   -2.452  10.005  1.00 13.54 ? 74   LEU A CA  1 
ATOM   348  C C   . LEU A 1 45  ? 6.707   -3.236  11.000  1.00 13.75 ? 74   LEU A C   1 
ATOM   349  O O   . LEU A 1 45  ? 7.934   -3.266  10.885  1.00 13.89 ? 74   LEU A O   1 
ATOM   350  C CB  . LEU A 1 45  ? 6.029   -0.943  10.173  1.00 13.26 ? 74   LEU A CB  1 
ATOM   351  C CG  . LEU A 1 45  ? 5.390   -0.114  9.057   1.00 12.18 ? 74   LEU A CG  1 
ATOM   352  C CD1 . LEU A 1 45  ? 5.798   1.343   9.197   1.00 10.22 ? 74   LEU A CD1 1 
ATOM   353  C CD2 . LEU A 1 45  ? 5.832   -0.656  7.703   1.00 12.25 ? 74   LEU A CD2 1 
ATOM   354  N N   . THR A 1 46  ? 6.053   -3.871  11.972  1.00 12.62 ? 75   THR A N   1 
ATOM   355  C CA  . THR A 1 46  ? 6.741   -4.695  12.960  1.00 13.23 ? 75   THR A CA  1 
ATOM   356  C C   . THR A 1 46  ? 6.794   -6.132  12.438  1.00 14.38 ? 75   THR A C   1 
ATOM   357  O O   . THR A 1 46  ? 7.864   -6.742  12.382  1.00 14.08 ? 75   THR A O   1 
ATOM   358  C CB  . THR A 1 46  ? 5.994   -4.685  14.324  1.00 16.69 ? 75   THR A CB  1 
ATOM   359  O OG1 . THR A 1 46  ? 6.126   -3.393  14.932  1.00 15.81 ? 75   THR A OG1 1 
ATOM   360  C CG2 . THR A 1 46  ? 6.545   -5.748  15.266  1.00 15.06 ? 75   THR A CG2 1 
ATOM   361  N N   . LEU A 1 47  ? 5.638   -6.652  12.027  1.00 14.75 ? 76   LEU A N   1 
ATOM   362  C CA  . LEU A 1 47  ? 5.541   -8.019  11.531  1.00 14.83 ? 76   LEU A CA  1 
ATOM   363  C C   . LEU A 1 47  ? 6.150   -8.254  10.158  1.00 14.90 ? 76   LEU A C   1 
ATOM   364  O O   . LEU A 1 47  ? 6.817   -9.267  9.947   1.00 16.53 ? 76   LEU A O   1 
ATOM   365  C CB  . LEU A 1 47  ? 4.085   -8.499  11.528  1.00 14.97 ? 76   LEU A CB  1 
ATOM   366  C CG  . LEU A 1 47  ? 3.448   -8.767  12.894  1.00 14.81 ? 76   LEU A CG  1 
ATOM   367  C CD1 . LEU A 1 47  ? 2.075   -9.373  12.696  1.00 14.92 ? 76   LEU A CD1 1 
ATOM   368  C CD2 . LEU A 1 47  ? 4.323   -9.711  13.688  1.00 16.21 ? 76   LEU A CD2 1 
ATOM   369  N N   . CYS A 1 48  ? 5.932   -7.331  9.229   1.00 13.90 ? 77   CYS A N   1 
ATOM   370  C CA  . CYS A 1 48  ? 6.464   -7.496  7.881   1.00 14.22 ? 77   CYS A CA  1 
ATOM   371  C C   . CYS A 1 48  ? 6.902   -6.188  7.220   1.00 14.31 ? 77   CYS A C   1 
ATOM   372  O O   . CYS A 1 48  ? 6.305   -5.746  6.241   1.00 14.16 ? 77   CYS A O   1 
ATOM   373  C CB  . CYS A 1 48  ? 5.439   -8.226  7.002   1.00 13.87 ? 77   CYS A CB  1 
ATOM   374  S SG  . CYS A 1 48  ? 3.757   -7.582  7.121   1.00 14.21 ? 77   CYS A SG  1 
ATOM   375  N N   . PRO A 1 49  ? 7.976   -5.563  7.741   1.00 14.09 ? 78   PRO A N   1 
ATOM   376  C CA  . PRO A 1 49  ? 8.480   -4.306  7.179   1.00 13.89 ? 78   PRO A CA  1 
ATOM   377  C C   . PRO A 1 49  ? 8.999   -4.493  5.758   1.00 13.05 ? 78   PRO A C   1 
ATOM   378  O O   . PRO A 1 49  ? 9.006   -3.552  4.968   1.00 13.31 ? 78   PRO A O   1 
ATOM   379  C CB  . PRO A 1 49  ? 9.612   -3.934  8.144   1.00 14.43 ? 78   PRO A CB  1 
ATOM   380  C CG  . PRO A 1 49  ? 10.094  -5.265  8.629   1.00 14.59 ? 78   PRO A CG  1 
ATOM   381  C CD  . PRO A 1 49  ? 8.787   -5.974  8.896   1.00 14.50 ? 78   PRO A CD  1 
ATOM   382  N N   . GLU A 1 50  ? 9.411   -5.712  5.430   1.00 14.16 ? 79   GLU A N   1 
ATOM   383  C CA  . GLU A 1 50  ? 9.932   -6.018  4.099   1.00 15.07 ? 79   GLU A CA  1 
ATOM   384  C C   . GLU A 1 50  ? 8.845   -5.911  3.037   1.00 15.71 ? 79   GLU A C   1 
ATOM   385  O O   . GLU A 1 50  ? 9.124   -5.976  1.834   1.00 16.20 ? 79   GLU A O   1 
ATOM   386  C CB  . GLU A 1 50  ? 10.576  -7.415  4.066   1.00 16.25 ? 79   GLU A CB  1 
ATOM   387  C CG  . GLU A 1 50  ? 9.600   -8.597  4.096   1.00 18.96 ? 79   GLU A CG  1 
ATOM   388  C CD  . GLU A 1 50  ? 9.168   -9.020  5.496   1.00 26.49 ? 79   GLU A CD  1 
ATOM   389  O OE1 . GLU A 1 50  ? 9.413   -8.285  6.476   1.00 19.08 ? 79   GLU A OE1 1 
ATOM   390  O OE2 . GLU A 1 50  ? 8.575   -10.110 5.615   1.00 22.51 ? 79   GLU A OE2 1 
ATOM   391  N N   . LEU A 1 51  ? 7.605   -5.763  3.489   1.00 15.48 ? 80   LEU A N   1 
ATOM   392  C CA  . LEU A 1 51  ? 6.475   -5.628  2.585   1.00 13.55 ? 80   LEU A CA  1 
ATOM   393  C C   . LEU A 1 51  ? 6.012   -4.177  2.513   1.00 11.39 ? 80   LEU A C   1 
ATOM   394  O O   . LEU A 1 51  ? 4.871   -3.891  2.151   1.00 10.23 ? 80   LEU A O   1 
ATOM   395  C CB  . LEU A 1 51  ? 5.332   -6.568  2.999   1.00 13.59 ? 80   LEU A CB  1 
ATOM   396  C CG  . LEU A 1 51  ? 5.629   -8.059  2.792   1.00 13.61 ? 80   LEU A CG  1 
ATOM   397  C CD1 . LEU A 1 51  ? 4.438   -8.888  3.204   1.00 14.10 ? 80   LEU A CD1 1 
ATOM   398  C CD2 . LEU A 1 51  ? 5.962   -8.327  1.342   1.00 13.93 ? 80   LEU A CD2 1 
ATOM   399  N N   . SER A 1 52  ? 6.901   -3.254  2.860   1.00 10.20 ? 81   SER A N   1 
ATOM   400  C CA  . SER A 1 52  ? 6.570   -1.839  2.787   1.00 10.15 ? 81   SER A CA  1 
ATOM   401  C C   . SER A 1 52  ? 7.651   -1.152  1.959   1.00 10.46 ? 81   SER A C   1 
ATOM   402  O O   . SER A 1 52  ? 8.727   -1.713  1.749   1.00 10.88 ? 81   SER A O   1 
ATOM   403  C CB  . SER A 1 52  ? 6.521   -1.206  4.184   1.00 10.26 ? 81   SER A CB  1 
ATOM   404  O OG  . SER A 1 52  ? 7.813   -1.168  4.770   1.00 10.90 ? 81   SER A OG  1 
ATOM   405  N N   . LEU A 1 53  ? 7.360   0.058   1.495   1.00 12.04 ? 82   LEU A N   1 
ATOM   406  C CA  . LEU A 1 53  ? 8.314   0.834   0.720   1.00 12.83 ? 82   LEU A CA  1 
ATOM   407  C C   . LEU A 1 53  ? 7.949   2.309   0.864   1.00 12.43 ? 82   LEU A C   1 
ATOM   408  O O   . LEU A 1 53  ? 6.766   2.664   0.852   1.00 13.19 ? 82   LEU A O   1 
ATOM   409  C CB  . LEU A 1 53  ? 8.273   0.420   -0.754  1.00 13.61 ? 82   LEU A CB  1 
ATOM   410  C CG  . LEU A 1 53  ? 9.447   0.880   -1.626  1.00 15.45 ? 82   LEU A CG  1 
ATOM   411  C CD1 . LEU A 1 53  ? 10.736  0.268   -1.105  1.00 14.76 ? 82   LEU A CD1 1 
ATOM   412  C CD2 . LEU A 1 53  ? 9.209   0.460   -3.067  1.00 18.70 ? 82   LEU A CD2 1 
ATOM   413  N N   . GLY A 1 54  ? 8.956   3.158   1.035   1.00 10.58 ? 83   GLY A N   1 
ATOM   414  C CA  . GLY A 1 54  ? 8.709   4.578   1.175   1.00 8.90  ? 83   GLY A CA  1 
ATOM   415  C C   . GLY A 1 54  ? 9.713   5.382   0.376   1.00 9.58  ? 83   GLY A C   1 
ATOM   416  O O   . GLY A 1 54  ? 10.852  4.944   0.171   1.00 9.95  ? 83   GLY A O   1 
ATOM   417  N N   . TRP A 1 55  ? 9.268   6.535   -0.108  1.00 11.24 ? 84   TRP A N   1 
ATOM   418  C CA  . TRP A 1 55  ? 10.092  7.448   -0.891  1.00 12.26 ? 84   TRP A CA  1 
ATOM   419  C C   . TRP A 1 55  ? 10.323  8.682   -0.016  1.00 12.26 ? 84   TRP A C   1 
ATOM   420  O O   . TRP A 1 55  ? 9.363   9.339   0.401   1.00 12.74 ? 84   TRP A O   1 
ATOM   421  C CB  . TRP A 1 55  ? 9.341   7.845   -2.168  1.00 12.55 ? 84   TRP A CB  1 
ATOM   422  C CG  . TRP A 1 55  ? 10.139  8.638   -3.185  1.00 13.37 ? 84   TRP A CG  1 
ATOM   423  C CD1 . TRP A 1 55  ? 11.195  9.476   -2.948  1.00 13.55 ? 84   TRP A CD1 1 
ATOM   424  C CD2 . TRP A 1 55  ? 9.920   8.662   -4.602  1.00 14.05 ? 84   TRP A CD2 1 
ATOM   425  N NE1 . TRP A 1 55  ? 11.643  10.021  -4.130  1.00 13.97 ? 84   TRP A NE1 1 
ATOM   426  C CE2 . TRP A 1 55  ? 10.880  9.536   -5.163  1.00 14.10 ? 84   TRP A CE2 1 
ATOM   427  C CE3 . TRP A 1 55  ? 9.006   8.025   -5.456  1.00 14.67 ? 84   TRP A CE3 1 
ATOM   428  C CZ2 . TRP A 1 55  ? 10.957  9.789   -6.539  1.00 14.34 ? 84   TRP A CZ2 1 
ATOM   429  C CZ3 . TRP A 1 55  ? 9.083   8.274   -6.827  1.00 14.90 ? 84   TRP A CZ3 1 
ATOM   430  C CH2 . TRP A 1 55  ? 10.054  9.152   -7.351  1.00 14.74 ? 84   TRP A CH2 1 
ATOM   431  N N   . PHE A 1 56  ? 11.581  8.974   0.287   1.00 12.43 ? 85   PHE A N   1 
ATOM   432  C CA  . PHE A 1 56  ? 11.927  10.125  1.110   1.00 13.01 ? 85   PHE A CA  1 
ATOM   433  C C   . PHE A 1 56  ? 12.638  11.173  0.265   1.00 13.64 ? 85   PHE A C   1 
ATOM   434  O O   . PHE A 1 56  ? 13.504  10.843  -0.550  1.00 13.82 ? 85   PHE A O   1 
ATOM   435  C CB  . PHE A 1 56  ? 12.825  9.696   2.277   1.00 12.63 ? 85   PHE A CB  1 
ATOM   436  C CG  . PHE A 1 56  ? 12.180  8.706   3.204   1.00 12.33 ? 85   PHE A CG  1 
ATOM   437  C CD1 . PHE A 1 56  ? 12.193  7.346   2.911   1.00 11.84 ? 85   PHE A CD1 1 
ATOM   438  C CD2 . PHE A 1 56  ? 11.529  9.137   4.355   1.00 13.08 ? 85   PHE A CD2 1 
ATOM   439  C CE1 . PHE A 1 56  ? 11.563  6.427   3.748   1.00 11.11 ? 85   PHE A CE1 1 
ATOM   440  C CE2 . PHE A 1 56  ? 10.895  8.224   5.200   1.00 12.62 ? 85   PHE A CE2 1 
ATOM   441  C CZ  . PHE A 1 56  ? 10.913  6.866   4.891   1.00 11.99 ? 85   PHE A CZ  1 
ATOM   442  N N   . VAL A 1 57  ? 12.220  12.422  0.419   1.00 14.11 ? 86   VAL A N   1 
ATOM   443  C CA  . VAL A 1 57  ? 12.812  13.545  -0.295  1.00 13.91 ? 86   VAL A CA  1 
ATOM   444  C C   . VAL A 1 57  ? 13.333  14.504  0.767   1.00 15.90 ? 86   VAL A C   1 
ATOM   445  O O   . VAL A 1 57  ? 12.554  15.006  1.586   1.00 15.34 ? 86   VAL A O   1 
ATOM   446  C CB  . VAL A 1 57  ? 11.779  14.275  -1.165  1.00 13.40 ? 86   VAL A CB  1 
ATOM   447  C CG1 . VAL A 1 57  ? 12.363  15.573  -1.705  1.00 13.49 ? 86   VAL A CG1 1 
ATOM   448  C CG2 . VAL A 1 57  ? 11.343  13.384  -2.316  1.00 13.53 ? 86   VAL A CG2 1 
ATOM   449  N N   . GLU A 1 58  ? 14.648  14.712  0.790   1.00 17.46 ? 87   GLU A N   1 
ATOM   450  C CA  . GLU A 1 58  ? 15.274  15.612  1.750   1.00 18.45 ? 87   GLU A CA  1 
ATOM   451  C C   . GLU A 1 58  ? 14.886  15.243  3.187   1.00 18.69 ? 87   GLU A C   1 
ATOM   452  O O   . GLU A 1 58  ? 14.466  16.099  3.979   1.00 18.70 ? 87   GLU A O   1 
ATOM   453  C CB  . GLU A 1 58  ? 14.886  17.063  1.434   1.00 21.32 ? 87   GLU A CB  1 
ATOM   454  C CG  . GLU A 1 58  ? 16.058  17.980  1.069   1.00 37.79 ? 87   GLU A CG  1 
ATOM   455  C CD  . GLU A 1 58  ? 16.731  17.633  -0.247  1.00 42.53 ? 87   GLU A CD  1 
ATOM   456  O OE1 . GLU A 1 58  ? 16.101  17.802  -1.315  1.00 53.24 ? 87   GLU A OE1 1 
ATOM   457  O OE2 . GLU A 1 58  ? 17.905  17.216  -0.216  1.00 38.46 ? 87   GLU A OE2 1 
ATOM   458  N N   . GLY A 1 59  ? 14.971  13.951  3.486   1.00 17.08 ? 88   GLY A N   1 
ATOM   459  C CA  . GLY A 1 59  ? 14.662  13.440  4.811   1.00 17.61 ? 88   GLY A CA  1 
ATOM   460  C C   . GLY A 1 59  ? 13.203  13.363  5.232   1.00 17.23 ? 88   GLY A C   1 
ATOM   461  O O   . GLY A 1 59  ? 12.924  13.086  6.399   1.00 18.30 ? 88   GLY A O   1 
ATOM   462  N N   . ARG A 1 60  ? 12.274  13.556  4.298   1.00 15.75 ? 89   ARG A N   1 
ATOM   463  C CA  . ARG A 1 60  ? 10.845  13.520  4.614   1.00 14.34 ? 89   ARG A CA  1 
ATOM   464  C C   . ARG A 1 60  ? 10.097  12.520  3.738   1.00 15.22 ? 89   ARG A C   1 
ATOM   465  O O   . ARG A 1 60  ? 10.356  12.424  2.535   1.00 14.97 ? 89   ARG A O   1 
ATOM   466  C CB  . ARG A 1 60  ? 10.226  14.908  4.421   1.00 15.26 ? 89   ARG A CB  1 
ATOM   467  C CG  . ARG A 1 60  ? 10.909  16.029  5.204   1.00 15.08 ? 89   ARG A CG  1 
ATOM   468  C CD  . ARG A 1 60  ? 10.849  15.782  6.702   1.00 14.18 ? 89   ARG A CD  1 
ATOM   469  N NE  . ARG A 1 60  ? 11.506  16.852  7.452   1.00 15.16 ? 89   ARG A NE  1 
ATOM   470  C CZ  . ARG A 1 60  ? 12.654  16.719  8.112   1.00 13.91 ? 89   ARG A CZ  1 
ATOM   471  N NH1 . ARG A 1 60  ? 13.291  15.555  8.131   1.00 11.30 ? 89   ARG A NH1 1 
ATOM   472  N NH2 . ARG A 1 60  ? 13.180  17.766  8.740   1.00 13.71 ? 89   ARG A NH2 1 
ATOM   473  N N   . LEU A 1 61  ? 9.159   11.788  4.332   1.00 14.23 ? 90   LEU A N   1 
ATOM   474  C CA  . LEU A 1 61  ? 8.366   10.801  3.589   1.00 12.38 ? 90   LEU A CA  1 
ATOM   475  C C   . LEU A 1 61  ? 7.395   11.509  2.654   1.00 10.93 ? 90   LEU A C   1 
ATOM   476  O O   . LEU A 1 61  ? 6.670   12.410  3.076   1.00 11.79 ? 90   LEU A O   1 
ATOM   477  C CB  . LEU A 1 61  ? 7.576   9.913   4.560   1.00 12.06 ? 90   LEU A CB  1 
ATOM   478  C CG  . LEU A 1 61  ? 6.762   8.770   3.949   1.00 11.09 ? 90   LEU A CG  1 
ATOM   479  C CD1 . LEU A 1 61  ? 7.697   7.739   3.334   1.00 10.27 ? 90   LEU A CD1 1 
ATOM   480  C CD2 . LEU A 1 61  ? 5.904   8.122   5.031   1.00 13.36 ? 90   LEU A CD2 1 
ATOM   481  N N   . VAL A 1 62  ? 7.392   11.125  1.383   1.00 10.04 ? 91   VAL A N   1 
ATOM   482  C CA  . VAL A 1 62  ? 6.490   11.733  0.402   1.00 9.67  ? 91   VAL A CA  1 
ATOM   483  C C   . VAL A 1 62  ? 5.575   10.713  -0.286  1.00 9.68  ? 91   VAL A C   1 
ATOM   484  O O   . VAL A 1 62  ? 4.633   11.099  -0.963  1.00 10.62 ? 91   VAL A O   1 
ATOM   485  C CB  . VAL A 1 62  ? 7.262   12.544  -0.683  1.00 10.31 ? 91   VAL A CB  1 
ATOM   486  C CG1 . VAL A 1 62  ? 8.106   13.635  -0.026  1.00 10.27 ? 91   VAL A CG1 1 
ATOM   487  C CG2 . VAL A 1 62  ? 8.144   11.629  -1.523  1.00 9.88  ? 91   VAL A CG2 1 
ATOM   488  N N   . ALA A 1 63  ? 5.845   9.422   -0.104  1.00 9.89  ? 92   ALA A N   1 
ATOM   489  C CA  . ALA A 1 63  ? 5.030   8.365   -0.711  1.00 9.86  ? 92   ALA A CA  1 
ATOM   490  C C   . ALA A 1 63  ? 5.311   7.034   -0.018  1.00 9.39  ? 92   ALA A C   1 
ATOM   491  O O   . ALA A 1 63  ? 6.446   6.771   0.381   1.00 10.49 ? 92   ALA A O   1 
ATOM   492  C CB  . ALA A 1 63  ? 5.336   8.257   -2.207  1.00 9.69  ? 92   ALA A CB  1 
ATOM   493  N N   . PHE A 1 64  ? 4.290   6.195   0.130   1.00 7.84  ? 93   PHE A N   1 
ATOM   494  C CA  . PHE A 1 64  ? 4.474   4.908   0.783   1.00 7.91  ? 93   PHE A CA  1 
ATOM   495  C C   . PHE A 1 64  ? 3.476   3.851   0.316   1.00 6.60  ? 93   PHE A C   1 
ATOM   496  O O   . PHE A 1 64  ? 2.433   4.165   -0.266  1.00 6.96  ? 93   PHE A O   1 
ATOM   497  C CB  . PHE A 1 64  ? 4.341   5.058   2.321   1.00 8.68  ? 93   PHE A CB  1 
ATOM   498  C CG  . PHE A 1 64  ? 2.938   5.370   2.782   1.00 10.01 ? 93   PHE A CG  1 
ATOM   499  C CD1 . PHE A 1 64  ? 2.010   4.344   2.988   1.00 10.89 ? 93   PHE A CD1 1 
ATOM   500  C CD2 . PHE A 1 64  ? 2.515   6.691   2.927   1.00 11.33 ? 93   PHE A CD2 1 
ATOM   501  C CE1 . PHE A 1 64  ? 0.682   4.632   3.319   1.00 11.01 ? 93   PHE A CE1 1 
ATOM   502  C CE2 . PHE A 1 64  ? 1.191   6.987   3.259   1.00 12.29 ? 93   PHE A CE2 1 
ATOM   503  C CZ  . PHE A 1 64  ? 0.273   5.953   3.453   1.00 11.92 ? 93   PHE A CZ  1 
ATOM   504  N N   . ILE A 1 65  ? 3.822   2.603   0.597   1.00 8.54  ? 94   ILE A N   1 
ATOM   505  C CA  . ILE A 1 65  ? 2.981   1.440   0.339   1.00 9.52  ? 94   ILE A CA  1 
ATOM   506  C C   . ILE A 1 65  ? 3.209   0.569   1.562   1.00 8.87  ? 94   ILE A C   1 
ATOM   507  O O   . ILE A 1 65  ? 4.356   0.369   1.972   1.00 10.09 ? 94   ILE A O   1 
ATOM   508  C CB  . ILE A 1 65  ? 3.415   0.633   -0.916  1.00 10.11 ? 94   ILE A CB  1 
ATOM   509  C CG1 . ILE A 1 65  ? 3.037   1.394   -2.184  1.00 11.17 ? 94   ILE A CG1 1 
ATOM   510  C CG2 . ILE A 1 65  ? 2.710   -0.729  -0.931  1.00 9.49  ? 94   ILE A CG2 1 
ATOM   511  C CD1 . ILE A 1 65  ? 3.619   0.805   -3.462  1.00 8.93  ? 94   ILE A CD1 1 
ATOM   512  N N   . ILE A 1 66  ? 2.129   0.127   2.196   1.00 8.93  ? 95   ILE A N   1 
ATOM   513  C CA  . ILE A 1 66  ? 2.233   -0.751  3.357   1.00 9.95  ? 95   ILE A CA  1 
ATOM   514  C C   . ILE A 1 66  ? 1.491   -2.029  2.992   1.00 10.18 ? 95   ILE A C   1 
ATOM   515  O O   . ILE A 1 66  ? 0.314   -1.974  2.617   1.00 9.45  ? 95   ILE A O   1 
ATOM   516  C CB  . ILE A 1 66  ? 1.532   -0.174  4.611   1.00 10.60 ? 95   ILE A CB  1 
ATOM   517  C CG1 . ILE A 1 66  ? 2.073   1.222   4.953   1.00 16.98 ? 95   ILE A CG1 1 
ATOM   518  C CG2 . ILE A 1 66  ? 1.707   -1.146  5.788   1.00 11.89 ? 95   ILE A CG2 1 
ATOM   519  C CD1 . ILE A 1 66  ? 3.472   1.230   5.500   1.00 17.37 ? 95   ILE A CD1 1 
ATOM   520  N N   . GLY A 1 67  ? 2.161   -3.169  3.094   1.00 10.51 ? 96   GLY A N   1 
ATOM   521  C CA  . GLY A 1 67  ? 1.503   -4.421  2.776   1.00 11.51 ? 96   GLY A CA  1 
ATOM   522  C C   . GLY A 1 67  ? 1.756   -5.521  3.790   1.00 11.26 ? 96   GLY A C   1 
ATOM   523  O O   . GLY A 1 67  ? 2.446   -5.315  4.794   1.00 11.28 ? 96   GLY A O   1 
ATOM   524  N N   . SER A 1 68  ? 1.114   -6.666  3.565   1.00 9.87  ? 97   SER A N   1 
ATOM   525  C CA  . SER A 1 68  ? 1.283   -7.853  4.403   1.00 9.31  ? 97   SER A CA  1 
ATOM   526  C C   . SER A 1 68  ? 0.899   -9.018  3.505   1.00 12.08 ? 97   SER A C   1 
ATOM   527  O O   . SER A 1 68  ? 0.422   -8.800  2.392   1.00 12.77 ? 97   SER A O   1 
ATOM   528  C CB  . SER A 1 68  ? 0.378   -7.820  5.632   1.00 8.82  ? 97   SER A CB  1 
ATOM   529  O OG  . SER A 1 68  ? -0.962  -8.117  5.288   1.00 12.28 ? 97   SER A OG  1 
ATOM   530  N N   . LEU A 1 69  ? 1.127   -10.241 3.960   1.00 11.93 ? 98   LEU A N   1 
ATOM   531  C CA  . LEU A 1 69  ? 0.791   -11.414 3.170   1.00 12.39 ? 98   LEU A CA  1 
ATOM   532  C C   . LEU A 1 69  ? -0.636  -11.869 3.435   1.00 13.19 ? 98   LEU A C   1 
ATOM   533  O O   . LEU A 1 69  ? -1.137  -11.762 4.555   1.00 13.34 ? 98   LEU A O   1 
ATOM   534  C CB  . LEU A 1 69  ? 1.756   -12.563 3.467   1.00 12.18 ? 98   LEU A CB  1 
ATOM   535  C CG  . LEU A 1 69  ? 3.222   -12.368 3.102   1.00 12.92 ? 98   LEU A CG  1 
ATOM   536  C CD1 . LEU A 1 69  ? 4.006   -13.593 3.517   1.00 15.04 ? 98   LEU A CD1 1 
ATOM   537  C CD2 . LEU A 1 69  ? 3.361   -12.127 1.614   1.00 15.59 ? 98   LEU A CD2 1 
ATOM   538  N N   . TRP A 1 70  ? -1.282  -12.362 2.385   1.00 13.47 ? 99   TRP A N   1 
ATOM   539  C CA  . TRP A 1 70  ? -2.643  -12.867 2.456   1.00 13.92 ? 99   TRP A CA  1 
ATOM   540  C C   . TRP A 1 70  ? -2.557  -14.270 1.856   1.00 14.35 ? 99   TRP A C   1 
ATOM   541  O O   . TRP A 1 70  ? -1.668  -14.540 1.044   1.00 13.95 ? 99   TRP A O   1 
ATOM   542  C CB  . TRP A 1 70  ? -3.599  -11.970 1.657   1.00 13.84 ? 99   TRP A CB  1 
ATOM   543  C CG  . TRP A 1 70  ? -5.055  -12.365 1.751   1.00 14.08 ? 99   TRP A CG  1 
ATOM   544  C CD1 . TRP A 1 70  ? -5.930  -12.501 0.711   1.00 14.00 ? 99   TRP A CD1 1 
ATOM   545  C CD2 . TRP A 1 70  ? -5.796  -12.689 2.939   1.00 14.28 ? 99   TRP A CD2 1 
ATOM   546  N NE1 . TRP A 1 70  ? -7.163  -12.891 1.174   1.00 14.22 ? 99   TRP A NE1 1 
ATOM   547  C CE2 . TRP A 1 70  ? -7.112  -13.016 2.538   1.00 14.51 ? 99   TRP A CE2 1 
ATOM   548  C CE3 . TRP A 1 70  ? -5.476  -12.741 4.307   1.00 14.13 ? 99   TRP A CE3 1 
ATOM   549  C CZ2 . TRP A 1 70  ? -8.108  -13.388 3.448   1.00 14.60 ? 99   TRP A CZ2 1 
ATOM   550  C CZ3 . TRP A 1 70  ? -6.465  -13.111 5.212   1.00 14.31 ? 99   TRP A CZ3 1 
ATOM   551  C CH2 . TRP A 1 70  ? -7.766  -13.431 4.779   1.00 14.27 ? 99   TRP A CH2 1 
ATOM   552  N N   . ASP A 1 71  ? -3.473  -15.157 2.236   1.00 15.39 ? 100  ASP A N   1 
ATOM   553  C CA  . ASP A 1 71  ? -3.437  -16.535 1.748   1.00 16.40 ? 100  ASP A CA  1 
ATOM   554  C C   . ASP A 1 71  ? -4.714  -17.057 1.077   1.00 16.07 ? 100  ASP A C   1 
ATOM   555  O O   . ASP A 1 71  ? -4.873  -18.267 0.920   1.00 16.82 ? 100  ASP A O   1 
ATOM   556  C CB  . ASP A 1 71  ? -3.044  -17.469 2.899   1.00 16.12 ? 100  ASP A CB  1 
ATOM   557  C CG  . ASP A 1 71  ? -4.076  -17.483 4.027   1.00 18.50 ? 100  ASP A CG  1 
ATOM   558  O OD1 . ASP A 1 71  ? -4.999  -16.638 4.031   1.00 14.18 ? 100  ASP A OD1 1 
ATOM   559  O OD2 . ASP A 1 71  ? -3.963  -18.343 4.921   1.00 22.20 ? 100  ASP A OD2 1 
ATOM   560  N N   . GLU A 1 72  ? -5.620  -16.160 0.702   1.00 15.08 ? 101  GLU A N   1 
ATOM   561  C CA  . GLU A 1 72  ? -6.870  -16.549 0.047   1.00 16.42 ? 101  GLU A CA  1 
ATOM   562  C C   . GLU A 1 72  ? -7.014  -15.799 -1.273  1.00 16.67 ? 101  GLU A C   1 
ATOM   563  O O   . GLU A 1 72  ? -6.418  -14.739 -1.450  1.00 15.96 ? 101  GLU A O   1 
ATOM   564  C CB  . GLU A 1 72  ? -8.075  -16.257 0.955   1.00 17.65 ? 101  GLU A CB  1 
ATOM   565  C CG  . GLU A 1 72  ? -8.105  -17.099 2.234   1.00 19.97 ? 101  GLU A CG  1 
ATOM   566  C CD  . GLU A 1 72  ? -9.309  -16.817 3.132   1.00 22.17 ? 101  GLU A CD  1 
ATOM   567  O OE1 . GLU A 1 72  ? -10.330 -16.284 2.650   1.00 22.59 ? 101  GLU A OE1 1 
ATOM   568  O OE2 . GLU A 1 72  ? -9.232  -17.143 4.335   1.00 35.23 ? 101  GLU A OE2 1 
ATOM   569  N N   . GLU A 1 73  ? -7.799  -16.340 -2.199  1.00 16.63 ? 102  GLU A N   1 
ATOM   570  C CA  . GLU A 1 73  ? -7.983  -15.696 -3.499  1.00 16.39 ? 102  GLU A CA  1 
ATOM   571  C C   . GLU A 1 73  ? -8.634  -14.315 -3.425  1.00 16.45 ? 102  GLU A C   1 
ATOM   572  O O   . GLU A 1 73  ? -8.222  -13.397 -4.136  1.00 17.34 ? 102  GLU A O   1 
ATOM   573  C CB  . GLU A 1 73  ? -8.795  -16.588 -4.439  1.00 15.87 ? 102  GLU A CB  1 
ATOM   574  C CG  . GLU A 1 73  ? -9.038  -15.965 -5.811  1.00 19.56 ? 102  GLU A CG  1 
ATOM   575  C CD  . GLU A 1 73  ? -10.173 -16.632 -6.561  1.00 24.32 ? 102  GLU A CD  1 
ATOM   576  O OE1 . GLU A 1 73  ? -10.010 -17.790 -6.986  1.00 21.38 ? 102  GLU A OE1 1 
ATOM   577  O OE2 . GLU A 1 73  ? -11.235 -16.002 -6.706  1.00 21.54 ? 102  GLU A OE2 1 
ATOM   578  N N   . ARG A 1 74  ? -9.664  -14.181 -2.591  1.00 14.21 ? 103  ARG A N   1 
ATOM   579  C CA  . ARG A 1 74  ? -10.388 -12.918 -2.436  1.00 13.44 ? 103  ARG A CA  1 
ATOM   580  C C   . ARG A 1 74  ? -10.026 -12.260 -1.108  1.00 13.31 ? 103  ARG A C   1 
ATOM   581  O O   . ARG A 1 74  ? -9.744  -12.957 -0.132  1.00 13.66 ? 103  ARG A O   1 
ATOM   582  C CB  . ARG A 1 74  ? -11.902 -13.172 -2.414  1.00 17.61 ? 103  ARG A CB  1 
ATOM   583  C CG  . ARG A 1 74  ? -12.431 -14.123 -3.470  1.00 33.38 ? 103  ARG A CG  1 
ATOM   584  C CD  . ARG A 1 74  ? -12.523 -13.457 -4.823  1.00 45.95 ? 103  ARG A CD  1 
ATOM   585  N NE  . ARG A 1 74  ? -13.466 -12.341 -4.817  1.00 48.87 ? 103  ARG A NE  1 
ATOM   586  C CZ  . ARG A 1 74  ? -13.416 -11.328 -5.674  1.00 40.12 ? 103  ARG A CZ  1 
ATOM   587  N NH1 . ARG A 1 74  ? -12.475 -11.298 -6.605  1.00 26.25 ? 103  ARG A NH1 1 
ATOM   588  N NH2 . ARG A 1 74  ? -14.277 -10.324 -5.566  1.00 40.92 ? 103  ARG A NH2 1 
ATOM   589  N N   . LEU A 1 75  ? -10.066 -10.932 -1.064  1.00 13.58 ? 104  LEU A N   1 
ATOM   590  C CA  . LEU A 1 75  ? -9.791  -10.187 0.163   1.00 13.23 ? 104  LEU A CA  1 
ATOM   591  C C   . LEU A 1 75  ? -11.063 -10.241 1.013   1.00 14.55 ? 104  LEU A C   1 
ATOM   592  O O   . LEU A 1 75  ? -12.175 -10.288 0.470   1.00 15.64 ? 104  LEU A O   1 
ATOM   593  C CB  . LEU A 1 75  ? -9.458  -8.722  -0.154  1.00 12.26 ? 104  LEU A CB  1 
ATOM   594  C CG  . LEU A 1 75  ? -8.099  -8.450  -0.800  1.00 10.66 ? 104  LEU A CG  1 
ATOM   595  C CD1 . LEU A 1 75  ? -7.911  -6.954  -1.007  1.00 9.28  ? 104  LEU A CD1 1 
ATOM   596  C CD2 . LEU A 1 75  ? -7.003  -9.017  0.077   1.00 10.23 ? 104  LEU A CD2 1 
ATOM   597  N N   . THR A 1 76  ? -10.907 -10.245 2.334   1.00 15.16 ? 105  THR A N   1 
ATOM   598  C CA  . THR A 1 76  ? -12.054 -10.305 3.241   1.00 16.54 ? 105  THR A CA  1 
ATOM   599  C C   . THR A 1 76  ? -11.962 -9.239  4.333   1.00 15.53 ? 105  THR A C   1 
ATOM   600  O O   . THR A 1 76  ? -10.914 -8.614  4.509   1.00 12.81 ? 105  THR A O   1 
ATOM   601  C CB  . THR A 1 76  ? -12.149 -11.681 3.913   1.00 14.04 ? 105  THR A CB  1 
ATOM   602  O OG1 . THR A 1 76  ? -10.925 -11.956 4.607   1.00 14.14 ? 105  THR A OG1 1 
ATOM   603  C CG2 . THR A 1 76  ? -12.409 -12.763 2.873   1.00 16.20 ? 105  THR A CG2 1 
ATOM   604  N N   . GLN A 1 77  ? -13.044 -9.043  5.081   1.00 15.09 ? 106  GLN A N   1 
ATOM   605  C CA  . GLN A 1 77  ? -13.039 -8.047  6.145   1.00 14.76 ? 106  GLN A CA  1 
ATOM   606  C C   . GLN A 1 77  ? -11.903 -8.337  7.121   1.00 14.36 ? 106  GLN A C   1 
ATOM   607  O O   . GLN A 1 77  ? -11.207 -7.424  7.551   1.00 14.23 ? 106  GLN A O   1 
ATOM   608  C CB  . GLN A 1 77  ? -14.378 -8.034  6.884   1.00 16.31 ? 106  GLN A CB  1 
ATOM   609  C CG  . GLN A 1 77  ? -14.644 -6.746  7.643   1.00 15.05 ? 106  GLN A CG  1 
ATOM   610  C CD  . GLN A 1 77  ? -14.815 -5.545  6.724   1.00 18.88 ? 106  GLN A CD  1 
ATOM   611  O OE1 . GLN A 1 77  ? -15.395 -5.650  5.636   1.00 21.59 ? 106  GLN A OE1 1 
ATOM   612  N NE2 . GLN A 1 77  ? -14.316 -4.403  7.154   1.00 15.11 ? 106  GLN A NE2 1 
ATOM   613  N N   . GLU A 1 78  ? -11.675 -9.610  7.426   1.00 13.75 ? 107  GLU A N   1 
ATOM   614  C CA  . GLU A 1 78  ? -10.606 -9.956  8.348   1.00 14.70 ? 107  GLU A CA  1 
ATOM   615  C C   . GLU A 1 78  ? -9.200  -9.708  7.786   1.00 15.14 ? 107  GLU A C   1 
ATOM   616  O O   . GLU A 1 78  ? -8.268  -9.459  8.552   1.00 15.45 ? 107  GLU A O   1 
ATOM   617  C CB  . GLU A 1 78  ? -10.726 -11.407 8.817   1.00 17.37 ? 107  GLU A CB  1 
ATOM   618  C CG  . GLU A 1 78  ? -10.307 -12.443 7.780   1.00 25.70 ? 107  GLU A CG  1 
ATOM   619  C CD  . GLU A 1 78  ? -10.135 -13.843 8.353   1.00 34.30 ? 107  GLU A CD  1 
ATOM   620  O OE1 . GLU A 1 78  ? -10.314 -14.034 9.578   1.00 29.52 ? 107  GLU A OE1 1 
ATOM   621  O OE2 . GLU A 1 78  ? -9.806  -14.759 7.568   1.00 33.23 ? 107  GLU A OE2 1 
ATOM   622  N N   . SER A 1 79  ? -9.036  -9.759  6.463   1.00 14.15 ? 108  SER A N   1 
ATOM   623  C CA  . SER A 1 79  ? -7.711  -9.559  5.872   1.00 12.31 ? 108  SER A CA  1 
ATOM   624  C C   . SER A 1 79  ? -7.141  -8.166  6.133   1.00 12.42 ? 108  SER A C   1 
ATOM   625  O O   . SER A 1 79  ? -5.926  -7.975  6.086   1.00 14.28 ? 108  SER A O   1 
ATOM   626  C CB  . SER A 1 79  ? -7.703  -9.876  4.363   1.00 9.23  ? 108  SER A CB  1 
ATOM   627  O OG  . SER A 1 79  ? -8.375  -8.893  3.594   1.00 11.53 ? 108  SER A OG  1 
ATOM   628  N N   . LEU A 1 80  ? -8.010  -7.201  6.422   1.00 13.01 ? 109  LEU A N   1 
ATOM   629  C CA  . LEU A 1 80  ? -7.574  -5.831  6.704   1.00 14.38 ? 109  LEU A CA  1 
ATOM   630  C C   . LEU A 1 80  ? -6.543  -5.770  7.826   1.00 15.32 ? 109  LEU A C   1 
ATOM   631  O O   . LEU A 1 80  ? -5.561  -5.024  7.742   1.00 14.89 ? 109  LEU A O   1 
ATOM   632  C CB  . LEU A 1 80  ? -8.762  -4.953  7.097   1.00 13.47 ? 109  LEU A CB  1 
ATOM   633  C CG  . LEU A 1 80  ? -9.797  -4.613  6.032   1.00 14.27 ? 109  LEU A CG  1 
ATOM   634  C CD1 . LEU A 1 80  ? -10.902 -3.770  6.653   1.00 14.67 ? 109  LEU A CD1 1 
ATOM   635  C CD2 . LEU A 1 80  ? -9.123  -3.862  4.888   1.00 14.81 ? 109  LEU A CD2 1 
ATOM   636  N N   . ALA A 1 81  ? -6.754  -6.582  8.858   1.00 17.80 ? 110  ALA A N   1 
ATOM   637  C CA  . ALA A 1 81  ? -5.870  -6.591  10.019  1.00 19.75 ? 110  ALA A CA  1 
ATOM   638  C C   . ALA A 1 81  ? -4.993  -7.829  10.160  1.00 19.90 ? 110  ALA A C   1 
ATOM   639  O O   . ALA A 1 81  ? -4.410  -8.049  11.225  1.00 22.39 ? 110  ALA A O   1 
ATOM   640  C CB  . ALA A 1 81  ? -6.705  -6.403  11.288  1.00 20.08 ? 110  ALA A CB  1 
ATOM   641  N N   . LEU A 1 82  ? -4.825  -8.593  9.088   1.00 17.24 ? 111  LEU A N   1 
ATOM   642  C CA  . LEU A 1 82  ? -4.038  -9.816  9.161   1.00 17.10 ? 111  LEU A CA  1 
ATOM   643  C C   . LEU A 1 82  ? -2.809  -9.928  8.275   1.00 17.87 ? 111  LEU A C   1 
ATOM   644  O O   . LEU A 1 82  ? -2.759  -9.380  7.174   1.00 19.32 ? 111  LEU A O   1 
ATOM   645  C CB  . LEU A 1 82  ? -4.932  -11.021 8.854   1.00 17.57 ? 111  LEU A CB  1 
ATOM   646  C CG  . LEU A 1 82  ? -5.856  -11.556 9.941   1.00 17.23 ? 111  LEU A CG  1 
ATOM   647  C CD1 . LEU A 1 82  ? -6.764  -12.615 9.351   1.00 17.22 ? 111  LEU A CD1 1 
ATOM   648  C CD2 . LEU A 1 82  ? -5.028  -12.130 11.073  1.00 19.09 ? 111  LEU A CD2 1 
ATOM   649  N N   . HIS A 1 83  ? -1.833  -10.682 8.769   1.00 16.59 ? 112  HIS A N   1 
ATOM   650  C CA  . HIS A 1 83  ? -0.611  -10.986 8.041   1.00 15.59 ? 112  HIS A CA  1 
ATOM   651  C C   . HIS A 1 83  ? -0.507  -12.507 8.110   1.00 16.97 ? 112  HIS A C   1 
ATOM   652  O O   . HIS A 1 83  ? -0.394  -13.074 9.204   1.00 17.65 ? 112  HIS A O   1 
ATOM   653  C CB  . HIS A 1 83  ? 0.626   -10.358 8.694   1.00 14.27 ? 112  HIS A CB  1 
ATOM   654  C CG  . HIS A 1 83  ? 1.921   -10.820 8.089   1.00 12.67 ? 112  HIS A CG  1 
ATOM   655  N ND1 . HIS A 1 83  ? 2.196   -10.705 6.742   1.00 11.87 ? 112  HIS A ND1 1 
ATOM   656  C CD2 . HIS A 1 83  ? 3.003   -11.416 8.640   1.00 11.61 ? 112  HIS A CD2 1 
ATOM   657  C CE1 . HIS A 1 83  ? 3.390   -11.211 6.491   1.00 11.32 ? 112  HIS A CE1 1 
ATOM   658  N NE2 . HIS A 1 83  ? 3.901   -11.649 7.627   1.00 11.30 ? 112  HIS A NE2 1 
ATOM   659  N N   . ARG A 1 84  ? -0.623  -13.166 6.964   1.00 16.55 ? 113  ARG A N   1 
ATOM   660  C CA  . ARG A 1 84  ? -0.531  -14.622 6.893   1.00 19.07 ? 113  ARG A CA  1 
ATOM   661  C C   . ARG A 1 84  ? 0.875   -14.949 6.413   1.00 20.81 ? 113  ARG A C   1 
ATOM   662  O O   . ARG A 1 84  ? 1.142   -14.902 5.221   1.00 22.14 ? 113  ARG A O   1 
ATOM   663  C CB  . ARG A 1 84  ? -1.556  -15.164 5.892   1.00 17.91 ? 113  ARG A CB  1 
ATOM   664  C CG  . ARG A 1 84  ? -3.003  -14.950 6.278   1.00 20.71 ? 113  ARG A CG  1 
ATOM   665  C CD  . ARG A 1 84  ? -3.437  -15.886 7.399   1.00 23.44 ? 113  ARG A CD  1 
ATOM   666  N NE  . ARG A 1 84  ? -4.894  -15.945 7.486   1.00 29.20 ? 113  ARG A NE  1 
ATOM   667  C CZ  . ARG A 1 84  ? -5.586  -15.871 8.618   1.00 39.68 ? 113  ARG A CZ  1 
ATOM   668  N NH1 . ARG A 1 84  ? -4.962  -15.734 9.780   1.00 51.39 ? 113  ARG A NH1 1 
ATOM   669  N NH2 . ARG A 1 84  ? -6.913  -15.921 8.584   1.00 34.22 ? 113  ARG A NH2 1 
ATOM   670  N N   . PRO A 1 85  ? 1.785   -15.310 7.338   1.00 21.38 ? 114  PRO A N   1 
ATOM   671  C CA  . PRO A 1 85  ? 3.183   -15.644 7.029   1.00 21.68 ? 114  PRO A CA  1 
ATOM   672  C C   . PRO A 1 85  ? 3.371   -16.734 5.974   1.00 22.00 ? 114  PRO A C   1 
ATOM   673  O O   . PRO A 1 85  ? 4.397   -16.774 5.287   1.00 21.21 ? 114  PRO A O   1 
ATOM   674  C CB  . PRO A 1 85  ? 3.731   -16.107 8.383   1.00 21.97 ? 114  PRO A CB  1 
ATOM   675  C CG  . PRO A 1 85  ? 2.880   -15.398 9.367   1.00 22.30 ? 114  PRO A CG  1 
ATOM   676  C CD  . PRO A 1 85  ? 1.511   -15.527 8.768   1.00 21.54 ? 114  PRO A CD  1 
ATOM   677  N N   . ARG A 1 86  ? 2.392   -17.626 5.862   1.00 22.55 ? 115  ARG A N   1 
ATOM   678  C CA  . ARG A 1 86  ? 2.461   -18.727 4.908   1.00 24.11 ? 115  ARG A CA  1 
ATOM   679  C C   . ARG A 1 86  ? 1.819   -18.372 3.565   1.00 25.46 ? 115  ARG A C   1 
ATOM   680  O O   . ARG A 1 86  ? 1.940   -19.130 2.597   1.00 26.53 ? 115  ARG A O   1 
ATOM   681  C CB  . ARG A 1 86  ? 1.780   -19.970 5.499   1.00 27.19 ? 115  ARG A CB  1 
ATOM   682  C CG  . ARG A 1 86  ? 2.116   -20.235 6.970   1.00 32.22 ? 115  ARG A CG  1 
ATOM   683  C CD  . ARG A 1 86  ? 3.590   -20.542 7.169   1.00 38.75 ? 115  ARG A CD  1 
ATOM   684  N NE  . ARG A 1 86  ? 3.911   -21.917 6.794   1.00 48.00 ? 115  ARG A NE  1 
ATOM   685  C CZ  . ARG A 1 86  ? 4.692   -22.269 5.775   1.00 45.27 ? 115  ARG A CZ  1 
ATOM   686  N NH1 . ARG A 1 86  ? 5.252   -21.345 5.003   1.00 47.78 ? 115  ARG A NH1 1 
ATOM   687  N NH2 . ARG A 1 86  ? 4.928   -23.556 5.543   1.00 32.77 ? 115  ARG A NH2 1 
ATOM   688  N N   . GLY A 1 87  ? 1.148   -17.222 3.510   1.00 23.63 ? 116  GLY A N   1 
ATOM   689  C CA  . GLY A 1 87  ? 0.482   -16.789 2.292   1.00 21.99 ? 116  GLY A CA  1 
ATOM   690  C C   . GLY A 1 87  ? 1.429   -16.459 1.155   1.00 20.57 ? 116  GLY A C   1 
ATOM   691  O O   . GLY A 1 87  ? 2.634   -16.312 1.371   1.00 19.51 ? 116  GLY A O   1 
ATOM   692  N N   . HIS A 1 88  ? 0.882   -16.337 -0.054  1.00 19.07 ? 117  HIS A N   1 
ATOM   693  C CA  . HIS A 1 88  ? 1.681   -16.032 -1.236  1.00 19.15 ? 117  HIS A CA  1 
ATOM   694  C C   . HIS A 1 88  ? 1.242   -14.755 -1.930  1.00 18.06 ? 117  HIS A C   1 
ATOM   695  O O   . HIS A 1 88  ? 1.726   -14.446 -3.025  1.00 18.16 ? 117  HIS A O   1 
ATOM   696  C CB  . HIS A 1 88  ? 1.623   -17.191 -2.234  1.00 20.54 ? 117  HIS A CB  1 
ATOM   697  C CG  . HIS A 1 88  ? 2.147   -18.483 -1.688  1.00 23.13 ? 117  HIS A CG  1 
ATOM   698  N ND1 . HIS A 1 88  ? 3.481   -18.684 -1.394  1.00 24.13 ? 117  HIS A ND1 1 
ATOM   699  C CD2 . HIS A 1 88  ? 1.515   -19.635 -1.360  1.00 23.92 ? 117  HIS A CD2 1 
ATOM   700  C CE1 . HIS A 1 88  ? 3.646   -19.902 -0.907  1.00 24.36 ? 117  HIS A CE1 1 
ATOM   701  N NE2 . HIS A 1 88  ? 2.468   -20.499 -0.876  1.00 24.36 ? 117  HIS A NE2 1 
ATOM   702  N N   . SER A 1 89  ? 0.313   -14.025 -1.320  1.00 15.32 ? 118  SER A N   1 
ATOM   703  C CA  . SER A 1 89  ? -0.177  -12.788 -1.909  1.00 13.40 ? 118  SER A CA  1 
ATOM   704  C C   . SER A 1 89  ? 0.269   -11.567 -1.125  1.00 14.04 ? 118  SER A C   1 
ATOM   705  O O   . SER A 1 89  ? 0.093   -11.516 0.091   1.00 13.59 ? 118  SER A O   1 
ATOM   706  C CB  . SER A 1 89  ? -1.698  -12.793 -1.979  1.00 12.90 ? 118  SER A CB  1 
ATOM   707  O OG  . SER A 1 89  ? -2.158  -13.840 -2.810  1.00 19.28 ? 118  SER A OG  1 
ATOM   708  N N   . ALA A 1 90  ? 0.854   -10.598 -1.821  1.00 13.42 ? 119  ALA A N   1 
ATOM   709  C CA  . ALA A 1 90  ? 1.282   -9.357  -1.193  1.00 12.43 ? 119  ALA A CA  1 
ATOM   710  C C   . ALA A 1 90  ? 0.059   -8.450  -1.215  1.00 11.64 ? 119  ALA A C   1 
ATOM   711  O O   . ALA A 1 90  ? -0.355  -7.981  -2.274  1.00 10.82 ? 119  ALA A O   1 
ATOM   712  C CB  . ALA A 1 90  ? 2.437   -8.715  -1.979  1.00 12.25 ? 119  ALA A CB  1 
ATOM   713  N N   . HIS A 1 91  ? -0.572  -8.287  -0.060  1.00 11.17 ? 120  HIS A N   1 
ATOM   714  C CA  . HIS A 1 91  ? -1.751  -7.446  0.087   1.00 10.93 ? 120  HIS A CA  1 
ATOM   715  C C   . HIS A 1 91  ? -1.330  -5.999  0.357   1.00 11.87 ? 120  HIS A C   1 
ATOM   716  O O   . HIS A 1 91  ? -0.776  -5.710  1.425   1.00 11.64 ? 120  HIS A O   1 
ATOM   717  C CB  . HIS A 1 91  ? -2.609  -7.976  1.252   1.00 10.65 ? 120  HIS A CB  1 
ATOM   718  C CG  . HIS A 1 91  ? -3.860  -7.192  1.506   1.00 11.35 ? 120  HIS A CG  1 
ATOM   719  N ND1 . HIS A 1 91  ? -4.639  -7.386  2.624   1.00 11.36 ? 120  HIS A ND1 1 
ATOM   720  C CD2 . HIS A 1 91  ? -4.465  -6.205  0.796   1.00 12.20 ? 120  HIS A CD2 1 
ATOM   721  C CE1 . HIS A 1 91  ? -5.665  -6.553  2.599   1.00 11.44 ? 120  HIS A CE1 1 
ATOM   722  N NE2 . HIS A 1 91  ? -5.581  -5.827  1.500   1.00 12.19 ? 120  HIS A NE2 1 
ATOM   723  N N   . LEU A 1 92  ? -1.542  -5.103  -0.608  1.00 11.23 ? 121  LEU A N   1 
ATOM   724  C CA  . LEU A 1 92  ? -1.198  -3.693  -0.406  1.00 10.81 ? 121  LEU A CA  1 
ATOM   725  C C   . LEU A 1 92  ? -2.363  -3.059  0.344   1.00 11.06 ? 121  LEU A C   1 
ATOM   726  O O   . LEU A 1 92  ? -3.435  -2.848  -0.225  1.00 11.61 ? 121  LEU A O   1 
ATOM   727  C CB  . LEU A 1 92  ? -0.980  -2.952  -1.732  1.00 10.67 ? 121  LEU A CB  1 
ATOM   728  C CG  . LEU A 1 92  ? 0.242   -3.264  -2.595  1.00 11.58 ? 121  LEU A CG  1 
ATOM   729  C CD1 . LEU A 1 92  ? 0.054   -4.597  -3.315  1.00 10.76 ? 121  LEU A CD1 1 
ATOM   730  C CD2 . LEU A 1 92  ? 0.443   -2.143  -3.608  1.00 11.66 ? 121  LEU A CD2 1 
ATOM   731  N N   . HIS A 1 93  ? -2.163  -2.806  1.632   1.00 11.18 ? 122  HIS A N   1 
ATOM   732  C CA  . HIS A 1 93  ? -3.193  -2.209  2.480   1.00 11.48 ? 122  HIS A CA  1 
ATOM   733  C C   . HIS A 1 93  ? -3.414  -0.737  2.179   1.00 11.16 ? 122  HIS A C   1 
ATOM   734  O O   . HIS A 1 93  ? -4.540  -0.244  2.259   1.00 10.79 ? 122  HIS A O   1 
ATOM   735  C CB  . HIS A 1 93  ? -2.830  -2.375  3.960   1.00 11.36 ? 122  HIS A CB  1 
ATOM   736  C CG  . HIS A 1 93  ? -2.844  -3.797  4.424   1.00 11.72 ? 122  HIS A CG  1 
ATOM   737  N ND1 . HIS A 1 93  ? -3.851  -4.351  5.186   1.00 11.47 ? 122  HIS A ND1 1 
ATOM   738  C CD2 . HIS A 1 93  ? -1.958  -4.800  4.202   1.00 11.90 ? 122  HIS A CD2 1 
ATOM   739  C CE1 . HIS A 1 93  ? -3.554  -5.638  5.392   1.00 11.76 ? 122  HIS A CE1 1 
ATOM   740  N NE2 . HIS A 1 93  ? -2.414  -5.956  4.814   1.00 12.26 ? 122  HIS A NE2 1 
ATOM   741  N N   . ALA A 1 94  ? -2.343  -0.037  1.819   1.00 11.55 ? 123  ALA A N   1 
ATOM   742  C CA  . ALA A 1 94  ? -2.443  1.385   1.521   1.00 12.02 ? 123  ALA A CA  1 
ATOM   743  C C   . ALA A 1 94  ? -1.314  1.869   0.618   1.00 11.41 ? 123  ALA A C   1 
ATOM   744  O O   . ALA A 1 94  ? -0.181  1.404   0.725   1.00 12.18 ? 123  ALA A O   1 
ATOM   745  C CB  . ALA A 1 94  ? -2.446  2.201   2.827   1.00 11.89 ? 123  ALA A CB  1 
ATOM   746  N N   . LEU A 1 95  ? -1.656  2.782   -0.283  1.00 11.58 ? 124  LEU A N   1 
ATOM   747  C CA  . LEU A 1 95  ? -0.712  3.414   -1.201  1.00 10.84 ? 124  LEU A CA  1 
ATOM   748  C C   . LEU A 1 95  ? -1.132  4.878   -1.243  1.00 9.24  ? 124  LEU A C   1 
ATOM   749  O O   . LEU A 1 95  ? -2.302  5.179   -1.474  1.00 8.99  ? 124  LEU A O   1 
ATOM   750  C CB  . LEU A 1 95  ? -0.803  2.816   -2.614  1.00 11.81 ? 124  LEU A CB  1 
ATOM   751  C CG  . LEU A 1 95  ? -0.276  3.725   -3.746  1.00 13.73 ? 124  LEU A CG  1 
ATOM   752  C CD1 . LEU A 1 95  ? 1.206   3.999   -3.595  1.00 16.17 ? 124  LEU A CD1 1 
ATOM   753  C CD2 . LEU A 1 95  ? -0.544  3.095   -5.087  1.00 18.62 ? 124  LEU A CD2 1 
ATOM   754  N N   . ALA A 1 96  ? -0.200  5.792   -1.006  1.00 9.88  ? 125  ALA A N   1 
ATOM   755  C CA  . ALA A 1 96  ? -0.534  7.208   -1.035  1.00 9.28  ? 125  ALA A CA  1 
ATOM   756  C C   . ALA A 1 96  ? 0.710   8.035   -1.269  1.00 9.68  ? 125  ALA A C   1 
ATOM   757  O O   . ALA A 1 96  ? 1.824   7.601   -0.952  1.00 10.50 ? 125  ALA A O   1 
ATOM   758  C CB  . ALA A 1 96  ? -1.194  7.626   0.275   1.00 9.09  ? 125  ALA A CB  1 
ATOM   759  N N   . VAL A 1 97  ? 0.512   9.215   -1.842  1.00 11.06 ? 126  VAL A N   1 
ATOM   760  C CA  . VAL A 1 97  ? 1.594   10.151  -2.117  1.00 11.77 ? 126  VAL A CA  1 
ATOM   761  C C   . VAL A 1 97  ? 1.199   11.466  -1.442  1.00 10.23 ? 126  VAL A C   1 
ATOM   762  O O   . VAL A 1 97  ? 0.034   11.865  -1.479  1.00 9.42  ? 126  VAL A O   1 
ATOM   763  C CB  . VAL A 1 97  ? 1.784   10.380  -3.652  1.00 12.52 ? 126  VAL A CB  1 
ATOM   764  C CG1 . VAL A 1 97  ? 2.853   11.441  -3.911  1.00 12.61 ? 126  VAL A CG1 1 
ATOM   765  C CG2 . VAL A 1 97  ? 2.181   9.074   -4.343  1.00 12.31 ? 126  VAL A CG2 1 
ATOM   766  N N   . HIS A 1 98  ? 2.162   12.092  -0.774  1.00 11.59 ? 127  HIS A N   1 
ATOM   767  C CA  . HIS A 1 98  ? 1.958   13.362  -0.082  1.00 12.70 ? 127  HIS A CA  1 
ATOM   768  C C   . HIS A 1 98  ? 1.325   14.367  -1.048  1.00 12.74 ? 127  HIS A C   1 
ATOM   769  O O   . HIS A 1 98  ? 1.751   14.476  -2.196  1.00 12.56 ? 127  HIS A O   1 
ATOM   770  C CB  . HIS A 1 98  ? 3.310   13.869  0.431   1.00 13.66 ? 127  HIS A CB  1 
ATOM   771  C CG  . HIS A 1 98  ? 3.220   15.100  1.277   1.00 14.44 ? 127  HIS A CG  1 
ATOM   772  N ND1 . HIS A 1 98  ? 2.950   16.344  0.750   1.00 14.78 ? 127  HIS A ND1 1 
ATOM   773  C CD2 . HIS A 1 98  ? 3.378   15.280  2.608   1.00 14.49 ? 127  HIS A CD2 1 
ATOM   774  C CE1 . HIS A 1 98  ? 2.942   17.240  1.721   1.00 14.79 ? 127  HIS A CE1 1 
ATOM   775  N NE2 . HIS A 1 98  ? 3.202   16.621  2.858   1.00 14.59 ? 127  HIS A NE2 1 
ATOM   776  N N   . ARG A 1 99  ? 0.324   15.106  -0.574  1.00 13.24 ? 128  ARG A N   1 
ATOM   777  C CA  . ARG A 1 99  ? -0.393  16.075  -1.406  1.00 15.63 ? 128  ARG A CA  1 
ATOM   778  C C   . ARG A 1 99  ? 0.439   17.086  -2.192  1.00 16.74 ? 128  ARG A C   1 
ATOM   779  O O   . ARG A 1 99  ? -0.021  17.595  -3.209  1.00 18.46 ? 128  ARG A O   1 
ATOM   780  C CB  . ARG A 1 99  ? -1.449  16.827  -0.594  1.00 20.17 ? 128  ARG A CB  1 
ATOM   781  C CG  . ARG A 1 99  ? -0.916  17.906  0.334   1.00 29.57 ? 128  ARG A CG  1 
ATOM   782  C CD  . ARG A 1 99  ? -2.056  18.814  0.758   1.00 46.71 ? 128  ARG A CD  1 
ATOM   783  N NE  . ARG A 1 99  ? -1.608  19.966  1.532   1.00 69.43 ? 128  ARG A NE  1 
ATOM   784  C CZ  . ARG A 1 99  ? -2.415  20.732  2.264   1.00 84.14 ? 128  ARG A CZ  1 
ATOM   785  N NH1 . ARG A 1 99  ? -3.715  20.468  2.323   1.00 87.62 ? 128  ARG A NH1 1 
ATOM   786  N NH2 . ARG A 1 99  ? -1.926  21.765  2.941   1.00 85.30 ? 128  ARG A NH2 1 
ATOM   787  N N   . SER A 1 100 ? 1.624   17.428  -1.703  1.00 15.57 ? 129  SER A N   1 
ATOM   788  C CA  . SER A 1 100 ? 2.467   18.390  -2.404  1.00 16.62 ? 129  SER A CA  1 
ATOM   789  C C   . SER A 1 100 ? 3.358   17.723  -3.441  1.00 16.63 ? 129  SER A C   1 
ATOM   790  O O   . SER A 1 100 ? 4.141   18.399  -4.098  1.00 16.79 ? 129  SER A O   1 
ATOM   791  C CB  . SER A 1 100 ? 3.345   19.156  -1.409  1.00 17.70 ? 129  SER A CB  1 
ATOM   792  O OG  . SER A 1 100 ? 2.554   19.858  -0.468  1.00 20.75 ? 129  SER A OG  1 
ATOM   793  N N   . PHE A 1 101 ? 3.247   16.407  -3.584  1.00 16.78 ? 130  PHE A N   1 
ATOM   794  C CA  . PHE A 1 101 ? 4.088   15.663  -4.516  1.00 16.77 ? 130  PHE A CA  1 
ATOM   795  C C   . PHE A 1 101 ? 3.332   14.803  -5.528  1.00 17.00 ? 130  PHE A C   1 
ATOM   796  O O   . PHE A 1 101 ? 3.934   13.955  -6.191  1.00 17.95 ? 130  PHE A O   1 
ATOM   797  C CB  . PHE A 1 101 ? 5.068   14.779  -3.729  1.00 16.29 ? 130  PHE A CB  1 
ATOM   798  C CG  . PHE A 1 101 ? 6.060   15.554  -2.901  1.00 16.96 ? 130  PHE A CG  1 
ATOM   799  C CD1 . PHE A 1 101 ? 5.732   15.984  -1.620  1.00 17.04 ? 130  PHE A CD1 1 
ATOM   800  C CD2 . PHE A 1 101 ? 7.315   15.873  -3.413  1.00 17.42 ? 130  PHE A CD2 1 
ATOM   801  C CE1 . PHE A 1 101 ? 6.640   16.728  -0.855  1.00 17.52 ? 130  PHE A CE1 1 
ATOM   802  C CE2 . PHE A 1 101 ? 8.231   16.615  -2.662  1.00 18.18 ? 130  PHE A CE2 1 
ATOM   803  C CZ  . PHE A 1 101 ? 7.893   17.043  -1.380  1.00 18.35 ? 130  PHE A CZ  1 
ATOM   804  N N   . ARG A 1 102 ? 2.026   15.004  -5.656  1.00 16.61 ? 131  ARG A N   1 
ATOM   805  C CA  . ARG A 1 102 ? 1.234   14.206  -6.594  1.00 17.51 ? 131  ARG A CA  1 
ATOM   806  C C   . ARG A 1 102 ? 1.315   14.685  -8.043  1.00 19.34 ? 131  ARG A C   1 
ATOM   807  O O   . ARG A 1 102 ? 1.860   15.752  -8.329  1.00 19.08 ? 131  ARG A O   1 
ATOM   808  C CB  . ARG A 1 102 ? -0.231  14.158  -6.155  1.00 14.34 ? 131  ARG A CB  1 
ATOM   809  C CG  . ARG A 1 102 ? -0.447  13.457  -4.839  1.00 14.62 ? 131  ARG A CG  1 
ATOM   810  C CD  . ARG A 1 102 ? -1.891  13.556  -4.386  1.00 15.15 ? 131  ARG A CD  1 
ATOM   811  N NE  . ARG A 1 102 ? -2.052  12.957  -3.068  1.00 18.94 ? 131  ARG A NE  1 
ATOM   812  C CZ  . ARG A 1 102 ? -2.811  13.453  -2.095  1.00 19.57 ? 131  ARG A CZ  1 
ATOM   813  N NH1 . ARG A 1 102 ? -3.509  14.569  -2.278  1.00 17.90 ? 131  ARG A NH1 1 
ATOM   814  N NH2 . ARG A 1 102 ? -2.829  12.855  -0.912  1.00 16.00 ? 131  ARG A NH2 1 
ATOM   815  N N   . GLN A 1 103 ? 0.774   13.871  -8.948  1.00 20.22 ? 132  GLN A N   1 
ATOM   816  C CA  . GLN A 1 103 ? 0.727   14.170  -10.377 1.00 21.38 ? 132  GLN A CA  1 
ATOM   817  C C   . GLN A 1 103 ? 2.086   14.298  -11.055 1.00 21.48 ? 132  GLN A C   1 
ATOM   818  O O   . GLN A 1 103 ? 2.184   14.865  -12.143 1.00 22.71 ? 132  GLN A O   1 
ATOM   819  C CB  . GLN A 1 103 ? -0.093  15.442  -10.624 1.00 26.68 ? 132  GLN A CB  1 
ATOM   820  C CG  . GLN A 1 103 ? -1.541  15.369  -10.154 1.00 45.16 ? 132  GLN A CG  1 
ATOM   821  C CD  . GLN A 1 103 ? -2.392  14.470  -11.026 1.00 63.42 ? 132  GLN A CD  1 
ATOM   822  O OE1 . GLN A 1 103 ? -3.039  14.931  -11.963 1.00 70.27 ? 132  GLN A OE1 1 
ATOM   823  N NE2 . GLN A 1 103 ? -2.402  13.180  -10.718 1.00 67.11 ? 132  GLN A NE2 1 
ATOM   824  N N   . GLN A 1 104 ? 3.125   13.743  -10.443 1.00 20.82 ? 133  GLN A N   1 
ATOM   825  C CA  . GLN A 1 104 ? 4.461   13.832  -11.020 1.00 21.13 ? 133  GLN A CA  1 
ATOM   826  C C   . GLN A 1 104 ? 5.172   12.483  -11.146 1.00 20.93 ? 133  GLN A C   1 
ATOM   827  O O   . GLN A 1 104 ? 6.400   12.401  -11.063 1.00 21.76 ? 133  GLN A O   1 
ATOM   828  C CB  . GLN A 1 104 ? 5.311   14.839  -10.239 1.00 22.53 ? 133  GLN A CB  1 
ATOM   829  C CG  . GLN A 1 104 ? 4.763   16.264  -10.313 1.00 27.89 ? 133  GLN A CG  1 
ATOM   830  C CD  . GLN A 1 104 ? 5.751   17.314  -9.837  1.00 29.84 ? 133  GLN A CD  1 
ATOM   831  O OE1 . GLN A 1 104 ? 6.470   17.119  -8.851  1.00 25.03 ? 133  GLN A OE1 1 
ATOM   832  N NE2 . GLN A 1 104 ? 5.796   18.438  -10.543 1.00 31.04 ? 133  GLN A NE2 1 
ATOM   833  N N   . GLY A 1 105 ? 4.388   11.425  -11.340 1.00 19.94 ? 134  GLY A N   1 
ATOM   834  C CA  . GLY A 1 105 ? 4.942   10.091  -11.501 1.00 17.46 ? 134  GLY A CA  1 
ATOM   835  C C   . GLY A 1 105 ? 5.446   9.351   -10.276 1.00 15.13 ? 134  GLY A C   1 
ATOM   836  O O   . GLY A 1 105 ? 5.846   8.191   -10.402 1.00 15.63 ? 134  GLY A O   1 
ATOM   837  N N   . LYS A 1 106 ? 5.400   9.971   -9.094  1.00 12.78 ? 135  LYS A N   1 
ATOM   838  C CA  . LYS A 1 106 ? 5.877   9.308   -7.877  1.00 10.98 ? 135  LYS A CA  1 
ATOM   839  C C   . LYS A 1 106 ? 5.110   8.037   -7.504  1.00 9.82  ? 135  LYS A C   1 
ATOM   840  O O   . LYS A 1 106 ? 5.715   7.026   -7.145  1.00 10.72 ? 135  LYS A O   1 
ATOM   841  C CB  . LYS A 1 106 ? 5.925   10.282  -6.697  1.00 15.90 ? 135  LYS A CB  1 
ATOM   842  C CG  . LYS A 1 106 ? 7.102   11.235  -6.780  1.00 19.28 ? 135  LYS A CG  1 
ATOM   843  C CD  . LYS A 1 106 ? 7.328   11.996  -5.492  1.00 17.59 ? 135  LYS A CD  1 
ATOM   844  C CE  . LYS A 1 106 ? 8.669   12.728  -5.518  1.00 20.35 ? 135  LYS A CE  1 
ATOM   845  N NZ  . LYS A 1 106 ? 8.770   13.685  -6.664  1.00 21.64 ? 135  LYS A NZ  1 
ATOM   846  N N   . GLY A 1 107 ? 3.787   8.077   -7.611  1.00 10.60 ? 136  GLY A N   1 
ATOM   847  C CA  . GLY A 1 107 ? 2.983   6.899   -7.301  1.00 11.17 ? 136  GLY A CA  1 
ATOM   848  C C   . GLY A 1 107 ? 3.310   5.736   -8.231  1.00 11.07 ? 136  GLY A C   1 
ATOM   849  O O   . GLY A 1 107 ? 3.464   4.599   -7.784  1.00 11.05 ? 136  GLY A O   1 
ATOM   850  N N   . SER A 1 108 ? 3.447   6.032   -9.522  1.00 11.68 ? 137  SER A N   1 
ATOM   851  C CA  . SER A 1 108 ? 3.762   5.017   -10.524 1.00 10.66 ? 137  SER A CA  1 
ATOM   852  C C   . SER A 1 108 ? 5.157   4.435   -10.315 1.00 9.68  ? 137  SER A C   1 
ATOM   853  O O   . SER A 1 108 ? 5.346   3.217   -10.398 1.00 10.04 ? 137  SER A O   1 
ATOM   854  C CB  . SER A 1 108 ? 3.646   5.605   -11.937 1.00 12.87 ? 137  SER A CB  1 
ATOM   855  O OG  . SER A 1 108 ? 2.330   6.055   -12.204 1.00 13.21 ? 137  SER A OG  1 
ATOM   856  N N   . VAL A 1 109 ? 6.138   5.301   -10.055 1.00 10.55 ? 138  VAL A N   1 
ATOM   857  C CA  . VAL A 1 109 ? 7.505   4.852   -9.824  1.00 10.45 ? 138  VAL A CA  1 
ATOM   858  C C   . VAL A 1 109 ? 7.563   3.965   -8.580  1.00 9.78  ? 138  VAL A C   1 
ATOM   859  O O   . VAL A 1 109 ? 8.165   2.891   -8.600  1.00 8.74  ? 138  VAL A O   1 
ATOM   860  C CB  . VAL A 1 109 ? 8.484   6.047   -9.654  1.00 10.54 ? 138  VAL A CB  1 
ATOM   861  C CG1 . VAL A 1 109 ? 9.851   5.559   -9.180  1.00 10.63 ? 138  VAL A CG1 1 
ATOM   862  C CG2 . VAL A 1 109 ? 8.637   6.792   -10.971 1.00 11.07 ? 138  VAL A CG2 1 
ATOM   863  N N   . LEU A 1 110 ? 6.918   4.415   -7.506  1.00 11.42 ? 139  LEU A N   1 
ATOM   864  C CA  . LEU A 1 110 ? 6.903   3.674   -6.245  1.00 10.70 ? 139  LEU A CA  1 
ATOM   865  C C   . LEU A 1 110 ? 6.214   2.323   -6.441  1.00 9.22  ? 139  LEU A C   1 
ATOM   866  O O   . LEU A 1 110 ? 6.721   1.299   -5.993  1.00 9.15  ? 139  LEU A O   1 
ATOM   867  C CB  . LEU A 1 110 ? 6.193   4.499   -5.161  1.00 11.56 ? 139  LEU A CB  1 
ATOM   868  C CG  . LEU A 1 110 ? 6.596   4.463   -3.675  1.00 14.68 ? 139  LEU A CG  1 
ATOM   869  C CD1 . LEU A 1 110 ? 5.524   3.796   -2.853  1.00 15.36 ? 139  LEU A CD1 1 
ATOM   870  C CD2 . LEU A 1 110 ? 7.960   3.835   -3.451  1.00 15.33 ? 139  LEU A CD2 1 
ATOM   871  N N   . LEU A 1 111 ? 5.085   2.314   -7.139  1.00 10.06 ? 140  LEU A N   1 
ATOM   872  C CA  . LEU A 1 111 ? 4.360   1.069   -7.376  1.00 10.91 ? 140  LEU A CA  1 
ATOM   873  C C   . LEU A 1 111 ? 5.190   0.054   -8.172  1.00 11.14 ? 140  LEU A C   1 
ATOM   874  O O   . LEU A 1 111 ? 5.296   -1.102  -7.761  1.00 11.22 ? 140  LEU A O   1 
ATOM   875  C CB  . LEU A 1 111 ? 3.006   1.337   -8.042  1.00 10.48 ? 140  LEU A CB  1 
ATOM   876  C CG  . LEU A 1 111 ? 2.101   0.118   -8.262  1.00 11.52 ? 140  LEU A CG  1 
ATOM   877  C CD1 . LEU A 1 111 ? 2.019   -0.757  -7.015  1.00 11.15 ? 140  LEU A CD1 1 
ATOM   878  C CD2 . LEU A 1 111 ? 0.727   0.588   -8.688  1.00 13.25 ? 140  LEU A CD2 1 
ATOM   879  N N   . TRP A 1 112 ? 5.791   0.470   -9.290  1.00 11.16 ? 141  TRP A N   1 
ATOM   880  C CA  . TRP A 1 112 ? 6.626   -0.444  -10.077 1.00 11.21 ? 141  TRP A CA  1 
ATOM   881  C C   . TRP A 1 112 ? 7.798   -0.951  -9.244  1.00 11.51 ? 141  TRP A C   1 
ATOM   882  O O   . TRP A 1 112 ? 8.115   -2.144  -9.272  1.00 11.06 ? 141  TRP A O   1 
ATOM   883  C CB  . TRP A 1 112 ? 7.138   0.223   -11.360 1.00 11.57 ? 141  TRP A CB  1 
ATOM   884  C CG  . TRP A 1 112 ? 6.221   0.028   -12.549 1.00 11.98 ? 141  TRP A CG  1 
ATOM   885  C CD1 . TRP A 1 112 ? 5.579   1.000   -13.259 1.00 11.89 ? 141  TRP A CD1 1 
ATOM   886  C CD2 . TRP A 1 112 ? 5.806   -1.223  -13.116 1.00 12.24 ? 141  TRP A CD2 1 
ATOM   887  N NE1 . TRP A 1 112 ? 4.781   0.433   -14.226 1.00 12.53 ? 141  TRP A NE1 1 
ATOM   888  C CE2 . TRP A 1 112 ? 4.901   -0.935  -14.160 1.00 12.83 ? 141  TRP A CE2 1 
ATOM   889  C CE3 . TRP A 1 112 ? 6.108   -2.567  -12.837 1.00 12.87 ? 141  TRP A CE3 1 
ATOM   890  C CZ2 . TRP A 1 112 ? 4.288   -1.933  -14.928 1.00 13.88 ? 141  TRP A CZ2 1 
ATOM   891  C CZ3 . TRP A 1 112 ? 5.500   -3.563  -13.598 1.00 13.56 ? 141  TRP A CZ3 1 
ATOM   892  C CH2 . TRP A 1 112 ? 4.600   -3.239  -14.632 1.00 13.88 ? 141  TRP A CH2 1 
ATOM   893  N N   . ARG A 1 113 ? 8.429   -0.067  -8.473  1.00 11.47 ? 142  ARG A N   1 
ATOM   894  C CA  . ARG A 1 113 ? 9.550   -0.493  -7.643  1.00 9.47  ? 142  ARG A CA  1 
ATOM   895  C C   . ARG A 1 113 ? 9.076   -1.508  -6.602  1.00 10.74 ? 142  ARG A C   1 
ATOM   896  O O   . ARG A 1 113 ? 9.777   -2.482  -6.308  1.00 11.62 ? 142  ARG A O   1 
ATOM   897  C CB  . ARG A 1 113 ? 10.237  0.693   -6.949  1.00 7.64  ? 142  ARG A CB  1 
ATOM   898  C CG  . ARG A 1 113 ? 11.535  0.253   -6.280  1.00 22.18 ? 142  ARG A CG  1 
ATOM   899  C CD  . ARG A 1 113 ? 12.252  1.344   -5.519  1.00 33.68 ? 142  ARG A CD  1 
ATOM   900  N NE  . ARG A 1 113 ? 13.527  0.846   -5.008  1.00 33.65 ? 142  ARG A NE  1 
ATOM   901  C CZ  . ARG A 1 113 ? 14.686  1.482   -5.136  1.00 35.73 ? 142  ARG A CZ  1 
ATOM   902  N NH1 . ARG A 1 113 ? 14.742  2.650   -5.751  1.00 35.16 ? 142  ARG A NH1 1 
ATOM   903  N NH2 . ARG A 1 113 ? 15.801  0.935   -4.668  1.00 39.03 ? 142  ARG A NH2 1 
ATOM   904  N N   . TYR A 1 114 ? 7.868   -1.298  -6.080  1.00 11.11 ? 143  TYR A N   1 
ATOM   905  C CA  . TYR A 1 114 ? 7.287   -2.192  -5.082  1.00 10.84 ? 143  TYR A CA  1 
ATOM   906  C C   . TYR A 1 114 ? 7.039   -3.578  -5.668  1.00 11.29 ? 143  TYR A C   1 
ATOM   907  O O   . TYR A 1 114 ? 7.415   -4.588  -5.064  1.00 12.09 ? 143  TYR A O   1 
ATOM   908  C CB  . TYR A 1 114 ? 5.972   -1.622  -4.546  1.00 10.78 ? 143  TYR A CB  1 
ATOM   909  C CG  . TYR A 1 114 ? 5.392   -2.431  -3.404  1.00 11.35 ? 143  TYR A CG  1 
ATOM   910  C CD1 . TYR A 1 114 ? 5.923   -2.325  -2.113  1.00 10.96 ? 143  TYR A CD1 1 
ATOM   911  C CD2 . TYR A 1 114 ? 4.317   -3.302  -3.611  1.00 10.83 ? 143  TYR A CD2 1 
ATOM   912  C CE1 . TYR A 1 114 ? 5.401   -3.070  -1.050  1.00 12.31 ? 143  TYR A CE1 1 
ATOM   913  C CE2 . TYR A 1 114 ? 3.785   -4.060  -2.552  1.00 9.76  ? 143  TYR A CE2 1 
ATOM   914  C CZ  . TYR A 1 114 ? 4.333   -3.932  -1.275  1.00 11.80 ? 143  TYR A CZ  1 
ATOM   915  O OH  . TYR A 1 114 ? 3.816   -4.657  -0.223  1.00 13.64 ? 143  TYR A OH  1 
ATOM   916  N N   . LEU A 1 115 ? 6.411   -3.621  -6.839  1.00 13.31 ? 144  LEU A N   1 
ATOM   917  C CA  . LEU A 1 115 ? 6.109   -4.883  -7.513  1.00 14.00 ? 144  LEU A CA  1 
ATOM   918  C C   . LEU A 1 115 ? 7.375   -5.705  -7.748  1.00 15.70 ? 144  LEU A C   1 
ATOM   919  O O   . LEU A 1 115 ? 7.390   -6.921  -7.529  1.00 15.48 ? 144  LEU A O   1 
ATOM   920  C CB  . LEU A 1 115 ? 5.376   -4.620  -8.833  1.00 13.40 ? 144  LEU A CB  1 
ATOM   921  C CG  . LEU A 1 115 ? 3.945   -4.099  -8.669  1.00 14.03 ? 144  LEU A CG  1 
ATOM   922  C CD1 . LEU A 1 115 ? 3.327   -3.785  -10.020 1.00 12.78 ? 144  LEU A CD1 1 
ATOM   923  C CD2 . LEU A 1 115 ? 3.104   -5.128  -7.927  1.00 16.37 ? 144  LEU A CD2 1 
ATOM   924  N N   . HIS A 1 116 ? 8.454   -5.034  -8.134  1.00 19.30 ? 145  HIS A N   1 
ATOM   925  C CA  . HIS A 1 116 ? 9.715   -5.715  -8.364  1.00 22.42 ? 145  HIS A CA  1 
ATOM   926  C C   . HIS A 1 116 ? 10.375  -6.123  -7.046  1.00 22.27 ? 145  HIS A C   1 
ATOM   927  O O   . HIS A 1 116 ? 10.982  -7.188  -6.957  1.00 22.60 ? 145  HIS A O   1 
ATOM   928  C CB  . HIS A 1 116 ? 10.635  -4.841  -9.215  1.00 24.64 ? 145  HIS A CB  1 
ATOM   929  C CG  . HIS A 1 116 ? 10.094  -4.593  -10.593 1.00 28.46 ? 145  HIS A CG  1 
ATOM   930  N ND1 . HIS A 1 116 ? 9.436   -5.569  -11.313 1.00 30.30 ? 145  HIS A ND1 1 
ATOM   931  C CD2 . HIS A 1 116 ? 10.085  -3.487  -11.367 1.00 29.54 ? 145  HIS A CD2 1 
ATOM   932  C CE1 . HIS A 1 116 ? 9.041   -5.075  -12.472 1.00 30.42 ? 145  HIS A CE1 1 
ATOM   933  N NE2 . HIS A 1 116 ? 9.423   -3.814  -12.531 1.00 30.30 ? 145  HIS A NE2 1 
ATOM   934  N N   . HIS A 1 117 ? 10.196  -5.305  -6.012  1.00 21.81 ? 146  HIS A N   1 
ATOM   935  C CA  . HIS A 1 117 ? 10.748  -5.586  -4.692  1.00 21.55 ? 146  HIS A CA  1 
ATOM   936  C C   . HIS A 1 117 ? 10.122  -6.843  -4.074  1.00 20.79 ? 146  HIS A C   1 
ATOM   937  O O   . HIS A 1 117 ? 10.837  -7.770  -3.680  1.00 21.56 ? 146  HIS A O   1 
ATOM   938  C CB  . HIS A 1 117 ? 10.540  -4.378  -3.770  1.00 22.45 ? 146  HIS A CB  1 
ATOM   939  C CG  . HIS A 1 117 ? 10.930  -4.625  -2.346  1.00 24.06 ? 146  HIS A CG  1 
ATOM   940  N ND1 . HIS A 1 117 ? 12.236  -4.822  -1.954  1.00 25.03 ? 146  HIS A ND1 1 
ATOM   941  C CD2 . HIS A 1 117 ? 10.183  -4.707  -1.218  1.00 24.78 ? 146  HIS A CD2 1 
ATOM   942  C CE1 . HIS A 1 117 ? 12.279  -5.014  -0.648  1.00 25.33 ? 146  HIS A CE1 1 
ATOM   943  N NE2 . HIS A 1 117 ? 11.047  -4.947  -0.176  1.00 25.09 ? 146  HIS A NE2 1 
ATOM   944  N N   . VAL A 1 118 ? 8.793   -6.887  -4.007  1.00 19.78 ? 147  VAL A N   1 
ATOM   945  C CA  . VAL A 1 118 ? 8.103   -8.038  -3.426  1.00 19.83 ? 147  VAL A CA  1 
ATOM   946  C C   . VAL A 1 118 ? 8.082   -9.243  -4.363  1.00 21.64 ? 147  VAL A C   1 
ATOM   947  O O   . VAL A 1 118 ? 8.139   -10.386 -3.910  1.00 21.96 ? 147  VAL A O   1 
ATOM   948  C CB  . VAL A 1 118 ? 6.657   -7.691  -2.967  1.00 19.09 ? 147  VAL A CB  1 
ATOM   949  C CG1 . VAL A 1 118 ? 6.683   -6.504  -2.008  1.00 18.89 ? 147  VAL A CG1 1 
ATOM   950  C CG2 . VAL A 1 118 ? 5.753   -7.405  -4.159  1.00 18.84 ? 147  VAL A CG2 1 
ATOM   951  N N   . GLY A 1 119 ? 8.026   -8.993  -5.666  1.00 23.24 ? 148  GLY A N   1 
ATOM   952  C CA  . GLY A 1 119 ? 8.021   -10.088 -6.619  1.00 26.41 ? 148  GLY A CA  1 
ATOM   953  C C   . GLY A 1 119 ? 9.344   -10.827 -6.560  1.00 29.71 ? 148  GLY A C   1 
ATOM   954  O O   . GLY A 1 119 ? 9.425   -12.017 -6.875  1.00 31.36 ? 148  GLY A O   1 
ATOM   955  N N   . ALA A 1 120 ? 10.383  -10.109 -6.144  1.00 31.10 ? 149  ALA A N   1 
ATOM   956  C CA  . ALA A 1 120 ? 11.718  -10.667 -6.023  1.00 33.06 ? 149  ALA A CA  1 
ATOM   957  C C   . ALA A 1 120 ? 11.812  -11.598 -4.823  1.00 35.77 ? 149  ALA A C   1 
ATOM   958  O O   . ALA A 1 120 ? 12.736  -12.405 -4.736  1.00 36.71 ? 149  ALA A O   1 
ATOM   959  C CB  . ALA A 1 120 ? 12.748  -9.546  -5.895  1.00 32.66 ? 149  ALA A CB  1 
ATOM   960  N N   . GLN A 1 121 ? 10.871  -11.472 -3.890  1.00 38.43 ? 150  GLN A N   1 
ATOM   961  C CA  . GLN A 1 121 ? 10.857  -12.308 -2.693  1.00 40.06 ? 150  GLN A CA  1 
ATOM   962  C C   . GLN A 1 121 ? 10.183  -13.640 -3.021  1.00 42.43 ? 150  GLN A C   1 
ATOM   963  O O   . GLN A 1 121 ? 8.951   -13.697 -3.131  1.00 42.82 ? 150  GLN A O   1 
ATOM   964  C CB  . GLN A 1 121 ? 10.094  -11.607 -1.559  1.00 38.83 ? 150  GLN A CB  1 
ATOM   965  C CG  . GLN A 1 121 ? 10.679  -10.257 -1.119  1.00 42.81 ? 150  GLN A CG  1 
ATOM   966  C CD  . GLN A 1 121 ? 9.796   -9.527  -0.108  1.00 40.12 ? 150  GLN A CD  1 
ATOM   967  O OE1 . GLN A 1 121 ? 8.738   -10.021 0.277   1.00 43.39 ? 150  GLN A OE1 1 
ATOM   968  N NE2 . GLN A 1 121 ? 10.235  -8.353  0.329   1.00 33.50 ? 150  GLN A NE2 1 
ATOM   969  N N   . PRO A 1 122 ? 10.970  -14.717 -3.218  1.00 44.73 ? 151  PRO A N   1 
ATOM   970  C CA  . PRO A 1 122 ? 10.379  -16.019 -3.534  1.00 44.28 ? 151  PRO A CA  1 
ATOM   971  C C   . PRO A 1 122 ? 9.489   -16.507 -2.387  1.00 41.55 ? 151  PRO A C   1 
ATOM   972  O O   . PRO A 1 122 ? 9.975   -17.010 -1.366  1.00 42.56 ? 151  PRO A O   1 
ATOM   973  C CB  . PRO A 1 122 ? 11.601  -16.914 -3.751  1.00 45.29 ? 151  PRO A CB  1 
ATOM   974  C CG  . PRO A 1 122 ? 12.650  -15.950 -4.238  1.00 45.64 ? 151  PRO A CG  1 
ATOM   975  C CD  . PRO A 1 122 ? 12.444  -14.805 -3.270  1.00 45.89 ? 151  PRO A CD  1 
ATOM   976  N N   . ALA A 1 123 ? 8.193   -16.288 -2.573  1.00 35.66 ? 152  ALA A N   1 
ATOM   977  C CA  . ALA A 1 123 ? 7.127   -16.628 -1.637  1.00 32.43 ? 152  ALA A CA  1 
ATOM   978  C C   . ALA A 1 123 ? 5.921   -15.854 -2.171  1.00 29.00 ? 152  ALA A C   1 
ATOM   979  O O   . ALA A 1 123 ? 4.792   -16.337 -2.155  1.00 27.74 ? 152  ALA A O   1 
ATOM   980  C CB  . ALA A 1 123 ? 7.469   -16.152 -0.230  1.00 32.44 ? 152  ALA A CB  1 
ATOM   981  N N   . VAL A 1 124 ? 6.184   -14.653 -2.676  1.00 24.43 ? 153  VAL A N   1 
ATOM   982  C CA  . VAL A 1 124 ? 5.144   -13.806 -3.235  1.00 21.46 ? 153  VAL A CA  1 
ATOM   983  C C   . VAL A 1 124 ? 4.898   -14.193 -4.696  1.00 21.13 ? 153  VAL A C   1 
ATOM   984  O O   . VAL A 1 124 ? 5.789   -14.067 -5.540  1.00 21.60 ? 153  VAL A O   1 
ATOM   985  C CB  . VAL A 1 124 ? 5.545   -12.325 -3.159  1.00 19.92 ? 153  VAL A CB  1 
ATOM   986  C CG1 . VAL A 1 124 ? 4.422   -11.457 -3.666  1.00 19.47 ? 153  VAL A CG1 1 
ATOM   987  C CG2 . VAL A 1 124 ? 5.914   -11.953 -1.735  1.00 19.98 ? 153  VAL A CG2 1 
ATOM   988  N N   . ARG A 1 125 ? 3.687   -14.655 -4.987  1.00 19.91 ? 154  ARG A N   1 
ATOM   989  C CA  . ARG A 1 125 ? 3.315   -15.069 -6.336  1.00 20.54 ? 154  ARG A CA  1 
ATOM   990  C C   . ARG A 1 125 ? 2.324   -14.106 -6.990  1.00 18.63 ? 154  ARG A C   1 
ATOM   991  O O   . ARG A 1 125 ? 2.157   -14.107 -8.215  1.00 18.79 ? 154  ARG A O   1 
ATOM   992  C CB  . ARG A 1 125 ? 2.683   -16.463 -6.287  1.00 23.70 ? 154  ARG A CB  1 
ATOM   993  C CG  . ARG A 1 125 ? 3.566   -17.534 -5.680  1.00 34.31 ? 154  ARG A CG  1 
ATOM   994  C CD  . ARG A 1 125 ? 2.812   -18.849 -5.529  1.00 45.74 ? 154  ARG A CD  1 
ATOM   995  N NE  . ARG A 1 125 ? 3.663   -19.895 -4.958  1.00 54.46 ? 154  ARG A NE  1 
ATOM   996  C CZ  . ARG A 1 125 ? 3.222   -21.052 -4.467  1.00 49.95 ? 154  ARG A CZ  1 
ATOM   997  N NH1 . ARG A 1 125 ? 1.924   -21.338 -4.465  1.00 43.19 ? 154  ARG A NH1 1 
ATOM   998  N NH2 . ARG A 1 125 ? 4.088   -21.933 -3.985  1.00 49.14 ? 154  ARG A NH2 1 
ATOM   999  N N   . ARG A 1 126 ? 1.702   -13.259 -6.181  1.00 16.21 ? 155  ARG A N   1 
ATOM   1000 C CA  . ARG A 1 126 ? 0.693   -12.336 -6.668  1.00 14.36 ? 155  ARG A CA  1 
ATOM   1001 C C   . ARG A 1 126 ? 0.602   -11.120 -5.731  1.00 12.13 ? 155  ARG A C   1 
ATOM   1002 O O   . ARG A 1 126 ? 1.113   -11.159 -4.609  1.00 11.02 ? 155  ARG A O   1 
ATOM   1003 C CB  . ARG A 1 126 ? -0.650  -13.096 -6.698  1.00 14.73 ? 155  ARG A CB  1 
ATOM   1004 C CG  . ARG A 1 126 ? -1.889  -12.293 -7.044  1.00 24.17 ? 155  ARG A CG  1 
ATOM   1005 C CD  . ARG A 1 126 ? -3.154  -13.153 -6.912  1.00 32.84 ? 155  ARG A CD  1 
ATOM   1006 N NE  . ARG A 1 126 ? -3.455  -13.503 -5.524  1.00 32.75 ? 155  ARG A NE  1 
ATOM   1007 C CZ  . ARG A 1 126 ? -4.684  -13.623 -5.023  1.00 28.14 ? 155  ARG A CZ  1 
ATOM   1008 N NH1 . ARG A 1 126 ? -5.747  -13.431 -5.793  1.00 17.41 ? 155  ARG A NH1 1 
ATOM   1009 N NH2 . ARG A 1 126 ? -4.853  -13.887 -3.730  1.00 26.35 ? 155  ARG A NH2 1 
ATOM   1010 N N   . ALA A 1 127 ? 0.009   -10.035 -6.226  1.00 11.81 ? 156  ALA A N   1 
ATOM   1011 C CA  . ALA A 1 127 ? -0.205  -8.812  -5.452  1.00 10.83 ? 156  ALA A CA  1 
ATOM   1012 C C   . ALA A 1 127 ? -1.700  -8.518  -5.534  1.00 11.33 ? 156  ALA A C   1 
ATOM   1013 O O   . ALA A 1 127 ? -2.323  -8.705  -6.589  1.00 12.06 ? 156  ALA A O   1 
ATOM   1014 C CB  . ALA A 1 127 ? 0.599   -7.643  -6.033  1.00 10.17 ? 156  ALA A CB  1 
ATOM   1015 N N   . VAL A 1 128 ? -2.294  -8.107  -4.423  1.00 10.95 ? 157  VAL A N   1 
ATOM   1016 C CA  . VAL A 1 128 ? -3.718  -7.805  -4.397  1.00 10.06 ? 157  VAL A CA  1 
ATOM   1017 C C   . VAL A 1 128 ? -3.966  -6.496  -3.669  1.00 10.16 ? 157  VAL A C   1 
ATOM   1018 O O   . VAL A 1 128 ? -3.185  -6.103  -2.800  1.00 10.87 ? 157  VAL A O   1 
ATOM   1019 C CB  . VAL A 1 128 ? -4.533  -8.930  -3.712  1.00 10.93 ? 157  VAL A CB  1 
ATOM   1020 C CG1 . VAL A 1 128 ? -4.367  -10.234 -4.473  1.00 11.63 ? 157  VAL A CG1 1 
ATOM   1021 C CG2 . VAL A 1 128 ? -4.086  -9.113  -2.272  1.00 11.40 ? 157  VAL A CG2 1 
ATOM   1022 N N   . LEU A 1 129 ? -5.045  -5.821  -4.038  1.00 9.95  ? 158  LEU A N   1 
ATOM   1023 C CA  . LEU A 1 129 ? -5.415  -4.558  -3.418  1.00 11.51 ? 158  LEU A CA  1 
ATOM   1024 C C   . LEU A 1 129 ? -6.837  -4.232  -3.824  1.00 11.79 ? 158  LEU A C   1 
ATOM   1025 O O   . LEU A 1 129 ? -7.436  -4.947  -4.630  1.00 14.33 ? 158  LEU A O   1 
ATOM   1026 C CB  . LEU A 1 129 ? -4.462  -3.435  -3.866  1.00 12.00 ? 158  LEU A CB  1 
ATOM   1027 C CG  . LEU A 1 129 ? -4.344  -3.070  -5.356  1.00 13.86 ? 158  LEU A CG  1 
ATOM   1028 C CD1 . LEU A 1 129 ? -5.483  -2.147  -5.782  1.00 13.65 ? 158  LEU A CD1 1 
ATOM   1029 C CD2 . LEU A 1 129 ? -3.002  -2.382  -5.606  1.00 16.00 ? 158  LEU A CD2 1 
ATOM   1030 N N   . MET A 1 130 ? -7.391  -3.176  -3.248  1.00 11.47 ? 159  MET A N   1 
ATOM   1031 C CA  . MET A 1 130 ? -8.730  -2.735  -3.593  1.00 11.71 ? 159  MET A CA  1 
ATOM   1032 C C   . MET A 1 130 ? -8.647  -1.224  -3.782  1.00 12.58 ? 159  MET A C   1 
ATOM   1033 O O   . MET A 1 130 ? -7.811  -0.555  -3.164  1.00 12.37 ? 159  MET A O   1 
ATOM   1034 C CB  . MET A 1 130 ? -9.736  -3.111  -2.499  1.00 12.36 ? 159  MET A CB  1 
ATOM   1035 C CG  . MET A 1 130 ? -9.517  -2.419  -1.168  1.00 13.30 ? 159  MET A CG  1 
ATOM   1036 S SD  . MET A 1 130 ? -10.672 -3.016  0.080   1.00 13.74 ? 159  MET A SD  1 
ATOM   1037 C CE  . MET A 1 130 ? -10.643 -1.668  1.248   1.00 13.67 ? 159  MET A CE  1 
ATOM   1038 N N   . CYS A 1 131 ? -9.471  -0.688  -4.671  1.00 13.09 ? 160  CYS A N   1 
ATOM   1039 C CA  . CYS A 1 131 ? -9.466  0.742   -4.939  1.00 14.45 ? 160  CYS A CA  1 
ATOM   1040 C C   . CYS A 1 131 ? -10.844 1.178   -5.389  1.00 15.53 ? 160  CYS A C   1 
ATOM   1041 O O   . CYS A 1 131 ? -11.703 0.347   -5.692  1.00 14.20 ? 160  CYS A O   1 
ATOM   1042 C CB  . CYS A 1 131 ? -8.452  1.064   -6.046  1.00 14.49 ? 160  CYS A CB  1 
ATOM   1043 S SG  . CYS A 1 131 ? -8.825  0.312   -7.678  1.00 14.28 ? 160  CYS A SG  1 
ATOM   1044 N N   . GLU A 1 132 ? -11.074 2.483   -5.398  1.00 18.36 ? 161  GLU A N   1 
ATOM   1045 C CA  . GLU A 1 132 ? -12.353 2.992   -5.854  1.00 19.52 ? 161  GLU A CA  1 
ATOM   1046 C C   . GLU A 1 132 ? -12.342 2.925   -7.372  1.00 20.14 ? 161  GLU A C   1 
ATOM   1047 O O   . GLU A 1 132 ? -11.282 2.982   -7.996  1.00 18.71 ? 161  GLU A O   1 
ATOM   1048 C CB  . GLU A 1 132 ? -12.603 4.394   -5.313  1.00 20.42 ? 161  GLU A CB  1 
ATOM   1049 C CG  . GLU A 1 132 ? -12.833 4.358   -3.804  1.00 30.78 ? 161  GLU A CG  1 
ATOM   1050 C CD  . GLU A 1 132 ? -13.281 5.681   -3.231  1.00 45.23 ? 161  GLU A CD  1 
ATOM   1051 O OE1 . GLU A 1 132 ? -14.481 6.012   -3.355  1.00 45.19 ? 161  GLU A OE1 1 
ATOM   1052 O OE2 . GLU A 1 132 ? -12.432 6.375   -2.634  1.00 47.39 ? 161  GLU A OE2 1 
ATOM   1053 N N   . ASP A 1 133 ? -13.522 2.765   -7.956  1.00 22.69 ? 162  ASP A N   1 
ATOM   1054 C CA  . ASP A 1 133 ? -13.674 2.614   -9.398  1.00 23.16 ? 162  ASP A CA  1 
ATOM   1055 C C   . ASP A 1 133 ? -12.830 3.522   -10.288 1.00 22.48 ? 162  ASP A C   1 
ATOM   1056 O O   . ASP A 1 133 ? -12.326 3.076   -11.318 1.00 22.64 ? 162  ASP A O   1 
ATOM   1057 C CB  . ASP A 1 133 ? -15.161 2.687   -9.769  1.00 26.51 ? 162  ASP A CB  1 
ATOM   1058 C CG  . ASP A 1 133 ? -15.997 1.595   -9.082  1.00 33.76 ? 162  ASP A CG  1 
ATOM   1059 O OD1 . ASP A 1 133 ? -15.439 0.772   -8.313  1.00 34.53 ? 162  ASP A OD1 1 
ATOM   1060 O OD2 . ASP A 1 133 ? -17.225 1.560   -9.305  1.00 35.77 ? 162  ASP A OD2 1 
ATOM   1061 N N   . ALA A 1 134 ? -12.602 4.758   -9.863  1.00 22.19 ? 163  ALA A N   1 
ATOM   1062 C CA  . ALA A 1 134 ? -11.818 5.704   -10.656 1.00 22.87 ? 163  ALA A CA  1 
ATOM   1063 C C   . ALA A 1 134 ? -10.343 5.336   -10.830 1.00 22.26 ? 163  ALA A C   1 
ATOM   1064 O O   . ALA A 1 134 ? -9.699  5.784   -11.781 1.00 22.57 ? 163  ALA A O   1 
ATOM   1065 C CB  . ALA A 1 134 ? -11.948 7.116   -10.076 1.00 23.16 ? 163  ALA A CB  1 
ATOM   1066 N N   . LEU A 1 135 ? -9.803  4.534   -9.918  1.00 19.99 ? 164  LEU A N   1 
ATOM   1067 C CA  . LEU A 1 135 ? -8.397  4.136   -9.996  1.00 19.25 ? 164  LEU A CA  1 
ATOM   1068 C C   . LEU A 1 135 ? -8.151  2.810   -10.709 1.00 17.99 ? 164  LEU A C   1 
ATOM   1069 O O   . LEU A 1 135 ? -6.999  2.403   -10.886 1.00 17.35 ? 164  LEU A O   1 
ATOM   1070 C CB  . LEU A 1 135 ? -7.770  4.090   -8.598  1.00 19.79 ? 164  LEU A CB  1 
ATOM   1071 C CG  . LEU A 1 135 ? -7.390  5.427   -7.962  1.00 21.38 ? 164  LEU A CG  1 
ATOM   1072 C CD1 . LEU A 1 135 ? -6.865  5.202   -6.549  1.00 20.87 ? 164  LEU A CD1 1 
ATOM   1073 C CD2 . LEU A 1 135 ? -6.339  6.119   -8.808  1.00 21.92 ? 164  LEU A CD2 1 
ATOM   1074 N N   . VAL A 1 136 ? -9.219  2.142   -11.134 1.00 16.64 ? 165  VAL A N   1 
ATOM   1075 C CA  . VAL A 1 136 ? -9.079  0.865   -11.820 1.00 16.53 ? 165  VAL A CA  1 
ATOM   1076 C C   . VAL A 1 136 ? -8.163  0.945   -13.050 1.00 16.41 ? 165  VAL A C   1 
ATOM   1077 O O   . VAL A 1 136 ? -7.223  0.153   -13.174 1.00 16.75 ? 165  VAL A O   1 
ATOM   1078 C CB  . VAL A 1 136 ? -10.456 0.262   -12.191 1.00 16.43 ? 165  VAL A CB  1 
ATOM   1079 C CG1 . VAL A 1 136 ? -10.279 -1.001  -13.006 1.00 15.88 ? 165  VAL A CG1 1 
ATOM   1080 C CG2 . VAL A 1 136 ? -11.242 -0.053  -10.924 1.00 16.61 ? 165  VAL A CG2 1 
ATOM   1081 N N   . PRO A 1 137 ? -8.391  1.924   -13.949 1.00 16.64 ? 166  PRO A N   1 
ATOM   1082 C CA  . PRO A 1 137 ? -7.529  2.015   -15.133 1.00 16.69 ? 166  PRO A CA  1 
ATOM   1083 C C   . PRO A 1 137 ? -6.063  2.200   -14.762 1.00 16.65 ? 166  PRO A C   1 
ATOM   1084 O O   . PRO A 1 137 ? -5.183  1.585   -15.373 1.00 16.77 ? 166  PRO A O   1 
ATOM   1085 C CB  . PRO A 1 137 ? -8.092  3.229   -15.867 1.00 16.61 ? 166  PRO A CB  1 
ATOM   1086 C CG  . PRO A 1 137 ? -9.539  3.170   -15.522 1.00 17.03 ? 166  PRO A CG  1 
ATOM   1087 C CD  . PRO A 1 137 ? -9.481  2.912   -14.036 1.00 16.54 ? 166  PRO A CD  1 
ATOM   1088 N N   . PHE A 1 138 ? -5.816  3.033   -13.755 1.00 16.20 ? 167  PHE A N   1 
ATOM   1089 C CA  . PHE A 1 138 ? -4.467  3.304   -13.261 1.00 15.83 ? 167  PHE A CA  1 
ATOM   1090 C C   . PHE A 1 138 ? -3.745  2.001   -12.901 1.00 14.45 ? 167  PHE A C   1 
ATOM   1091 O O   . PHE A 1 138 ? -2.656  1.725   -13.401 1.00 13.48 ? 167  PHE A O   1 
ATOM   1092 C CB  . PHE A 1 138 ? -4.541  4.230   -12.032 1.00 16.07 ? 167  PHE A CB  1 
ATOM   1093 C CG  . PHE A 1 138 ? -3.215  4.457   -11.346 1.00 16.11 ? 167  PHE A CG  1 
ATOM   1094 C CD1 . PHE A 1 138 ? -2.267  5.307   -11.898 1.00 16.98 ? 167  PHE A CD1 1 
ATOM   1095 C CD2 . PHE A 1 138 ? -2.927  3.831   -10.140 1.00 15.12 ? 167  PHE A CD2 1 
ATOM   1096 C CE1 . PHE A 1 138 ? -1.052  5.528   -11.259 1.00 16.59 ? 167  PHE A CE1 1 
ATOM   1097 C CE2 . PHE A 1 138 ? -1.715  4.046   -9.494  1.00 14.91 ? 167  PHE A CE2 1 
ATOM   1098 C CZ  . PHE A 1 138 ? -0.778  4.896   -10.053 1.00 15.76 ? 167  PHE A CZ  1 
ATOM   1099 N N   . TYR A 1 139 ? -4.369  1.183   -12.062 1.00 13.33 ? 168  TYR A N   1 
ATOM   1100 C CA  . TYR A 1 139 ? -3.750  -0.070  -11.651 1.00 13.05 ? 168  TYR A CA  1 
ATOM   1101 C C   . TYR A 1 139 ? -3.578  -1.061  -12.795 1.00 12.37 ? 168  TYR A C   1 
ATOM   1102 O O   . TYR A 1 139 ? -2.624  -1.847  -12.807 1.00 11.62 ? 168  TYR A O   1 
ATOM   1103 C CB  . TYR A 1 139 ? -4.507  -0.680  -10.469 1.00 13.84 ? 168  TYR A CB  1 
ATOM   1104 C CG  . TYR A 1 139 ? -4.300  0.121   -9.197  1.00 14.01 ? 168  TYR A CG  1 
ATOM   1105 C CD1 . TYR A 1 139 ? -3.031  0.237   -8.632  1.00 13.86 ? 168  TYR A CD1 1 
ATOM   1106 C CD2 . TYR A 1 139 ? -5.355  0.803   -8.592  1.00 14.25 ? 168  TYR A CD2 1 
ATOM   1107 C CE1 . TYR A 1 139 ? -2.813  1.019   -7.502  1.00 14.25 ? 168  TYR A CE1 1 
ATOM   1108 C CE2 . TYR A 1 139 ? -5.145  1.589   -7.458  1.00 13.03 ? 168  TYR A CE2 1 
ATOM   1109 C CZ  . TYR A 1 139 ? -3.870  1.689   -6.923  1.00 15.08 ? 168  TYR A CZ  1 
ATOM   1110 O OH  . TYR A 1 139 ? -3.643  2.473   -5.818  1.00 20.36 ? 168  TYR A OH  1 
ATOM   1111 N N   . GLN A 1 140 ? -4.470  -1.004  -13.779 1.00 13.00 ? 169  GLN A N   1 
ATOM   1112 C CA  . GLN A 1 140 ? -4.371  -1.892  -14.932 1.00 13.45 ? 169  GLN A CA  1 
ATOM   1113 C C   . GLN A 1 140 ? -3.071  -1.637  -15.706 1.00 13.70 ? 169  GLN A C   1 
ATOM   1114 O O   . GLN A 1 140 ? -2.571  -2.524  -16.400 1.00 14.70 ? 169  GLN A O   1 
ATOM   1115 C CB  . GLN A 1 140 ? -5.578  -1.721  -15.847 1.00 14.59 ? 169  GLN A CB  1 
ATOM   1116 C CG  . GLN A 1 140 ? -6.833  -2.425  -15.345 1.00 11.63 ? 169  GLN A CG  1 
ATOM   1117 C CD  . GLN A 1 140 ? -8.036  -2.136  -16.217 1.00 17.34 ? 169  GLN A CD  1 
ATOM   1118 O OE1 . GLN A 1 140 ? -8.593  -1.039  -16.175 1.00 25.61 ? 169  GLN A OE1 1 
ATOM   1119 N NE2 . GLN A 1 140 ? -8.442  -3.113  -17.017 1.00 18.38 ? 169  GLN A NE2 1 
ATOM   1120 N N   . ARG A 1 141 ? -2.505  -0.441  -15.550 1.00 13.59 ? 170  ARG A N   1 
ATOM   1121 C CA  . ARG A 1 141 ? -1.255  -0.079  -16.220 1.00 15.93 ? 170  ARG A CA  1 
ATOM   1122 C C   . ARG A 1 141 ? -0.054  -0.813  -15.625 1.00 15.76 ? 170  ARG A C   1 
ATOM   1123 O O   . ARG A 1 141 ? 1.016   -0.858  -16.238 1.00 17.10 ? 170  ARG A O   1 
ATOM   1124 C CB  . ARG A 1 141 ? -1.023  1.437   -16.149 1.00 17.96 ? 170  ARG A CB  1 
ATOM   1125 C CG  . ARG A 1 141 ? -2.214  2.253   -16.622 1.00 25.26 ? 170  ARG A CG  1 
ATOM   1126 C CD  . ARG A 1 141 ? -1.819  3.592   -17.220 1.00 29.91 ? 170  ARG A CD  1 
ATOM   1127 N NE  . ARG A 1 141 ? -1.454  4.605   -16.236 1.00 30.10 ? 170  ARG A NE  1 
ATOM   1128 C CZ  . ARG A 1 141 ? -2.090  5.765   -16.078 1.00 35.52 ? 170  ARG A CZ  1 
ATOM   1129 N NH1 . ARG A 1 141 ? -3.144  6.067   -16.827 1.00 36.58 ? 170  ARG A NH1 1 
ATOM   1130 N NH2 . ARG A 1 141 ? -1.629  6.661   -15.215 1.00 38.34 ? 170  ARG A NH2 1 
ATOM   1131 N N   . PHE A 1 142 ? -0.232  -1.408  -14.448 1.00 12.37 ? 171  PHE A N   1 
ATOM   1132 C CA  . PHE A 1 142 ? 0.836   -2.139  -13.772 1.00 12.22 ? 171  PHE A CA  1 
ATOM   1133 C C   . PHE A 1 142 ? 0.653   -3.655  -13.832 1.00 12.45 ? 171  PHE A C   1 
ATOM   1134 O O   . PHE A 1 142 ? 1.393   -4.400  -13.188 1.00 12.90 ? 171  PHE A O   1 
ATOM   1135 C CB  . PHE A 1 142 ? 0.945   -1.694  -12.308 1.00 12.56 ? 171  PHE A CB  1 
ATOM   1136 C CG  . PHE A 1 142 ? 1.178   -0.224  -12.143 1.00 12.81 ? 171  PHE A CG  1 
ATOM   1137 C CD1 . PHE A 1 142 ? 0.136   0.681   -12.325 1.00 13.35 ? 171  PHE A CD1 1 
ATOM   1138 C CD2 . PHE A 1 142 ? 2.443   0.259   -11.823 1.00 13.34 ? 171  PHE A CD2 1 
ATOM   1139 C CE1 . PHE A 1 142 ? 0.347   2.054   -12.191 1.00 14.42 ? 171  PHE A CE1 1 
ATOM   1140 C CE2 . PHE A 1 142 ? 2.669   1.624   -11.687 1.00 14.14 ? 171  PHE A CE2 1 
ATOM   1141 C CZ  . PHE A 1 142 ? 1.619   2.524   -11.872 1.00 14.84 ? 171  PHE A CZ  1 
ATOM   1142 N N   . GLY A 1 143 ? -0.327  -4.113  -14.602 1.00 12.40 ? 172  GLY A N   1 
ATOM   1143 C CA  . GLY A 1 143 ? -0.554  -5.542  -14.712 1.00 13.94 ? 172  GLY A CA  1 
ATOM   1144 C C   . GLY A 1 143 ? -1.662  -6.083  -13.827 1.00 14.44 ? 172  GLY A C   1 
ATOM   1145 O O   . GLY A 1 143 ? -1.853  -7.302  -13.761 1.00 14.90 ? 172  GLY A O   1 
ATOM   1146 N N   . PHE A 1 144 ? -2.382  -5.201  -13.138 1.00 14.22 ? 173  PHE A N   1 
ATOM   1147 C CA  . PHE A 1 144 ? -3.489  -5.628  -12.279 1.00 14.26 ? 173  PHE A CA  1 
ATOM   1148 C C   . PHE A 1 144 ? -4.737  -5.839  -13.120 1.00 15.40 ? 173  PHE A C   1 
ATOM   1149 O O   . PHE A 1 144 ? -4.994  -5.075  -14.051 1.00 16.21 ? 173  PHE A O   1 
ATOM   1150 C CB  . PHE A 1 144 ? -3.807  -4.571  -11.209 1.00 13.56 ? 173  PHE A CB  1 
ATOM   1151 C CG  . PHE A 1 144 ? -2.839  -4.547  -10.067 1.00 12.98 ? 173  PHE A CG  1 
ATOM   1152 C CD1 . PHE A 1 144 ? -1.657  -3.821  -10.157 1.00 11.56 ? 173  PHE A CD1 1 
ATOM   1153 C CD2 . PHE A 1 144 ? -3.115  -5.245  -8.894  1.00 12.72 ? 173  PHE A CD2 1 
ATOM   1154 C CE1 . PHE A 1 144 ? -0.767  -3.787  -9.098  1.00 11.89 ? 173  PHE A CE1 1 
ATOM   1155 C CE2 . PHE A 1 144 ? -2.229  -5.217  -7.826  1.00 12.65 ? 173  PHE A CE2 1 
ATOM   1156 C CZ  . PHE A 1 144 ? -1.050  -4.485  -7.927  1.00 12.97 ? 173  PHE A CZ  1 
ATOM   1157 N N   . HIS A 1 145 ? -5.519  -6.857  -12.781 1.00 16.39 ? 174  HIS A N   1 
ATOM   1158 C CA  . HIS A 1 145 ? -6.761  -7.154  -13.489 1.00 17.86 ? 174  HIS A CA  1 
ATOM   1159 C C   . HIS A 1 145 ? -7.934  -6.917  -12.550 1.00 15.78 ? 174  HIS A C   1 
ATOM   1160 O O   . HIS A 1 145 ? -7.868  -7.285  -11.377 1.00 14.74 ? 174  HIS A O   1 
ATOM   1161 C CB  . HIS A 1 145 ? -6.790  -8.618  -13.926 1.00 19.94 ? 174  HIS A CB  1 
ATOM   1162 C CG  . HIS A 1 145 ? -5.770  -8.960  -14.962 1.00 24.23 ? 174  HIS A CG  1 
ATOM   1163 N ND1 . HIS A 1 145 ? -5.815  -8.451  -16.244 1.00 26.86 ? 174  HIS A ND1 1 
ATOM   1164 C CD2 . HIS A 1 145 ? -4.678  -9.755  -14.910 1.00 26.25 ? 174  HIS A CD2 1 
ATOM   1165 C CE1 . HIS A 1 145 ? -4.793  -8.919  -16.937 1.00 27.10 ? 174  HIS A CE1 1 
ATOM   1166 N NE2 . HIS A 1 145 ? -4.086  -9.714  -16.152 1.00 26.98 ? 174  HIS A NE2 1 
ATOM   1167 N N   . PRO A 1 146 ? -9.000  -6.257  -13.039 1.00 14.33 ? 175  PRO A N   1 
ATOM   1168 C CA  . PRO A 1 146 ? -10.181 -5.995  -12.210 1.00 14.49 ? 175  PRO A CA  1 
ATOM   1169 C C   . PRO A 1 146 ? -10.752 -7.363  -11.830 1.00 14.46 ? 175  PRO A C   1 
ATOM   1170 O O   . PRO A 1 146 ? -10.972 -8.207  -12.707 1.00 14.78 ? 175  PRO A O   1 
ATOM   1171 C CB  . PRO A 1 146 ? -11.119 -5.274  -13.183 1.00 15.14 ? 175  PRO A CB  1 
ATOM   1172 C CG  . PRO A 1 146 ? -10.177 -4.628  -14.167 1.00 15.24 ? 175  PRO A CG  1 
ATOM   1173 C CD  . PRO A 1 146 ? -9.161  -5.693  -14.388 1.00 14.48 ? 175  PRO A CD  1 
ATOM   1174 N N   . ALA A 1 147 ? -10.967 -7.600  -10.542 1.00 12.02 ? 176  ALA A N   1 
ATOM   1175 C CA  . ALA A 1 147 ? -11.476 -8.891  -10.092 1.00 11.79 ? 176  ALA A CA  1 
ATOM   1176 C C   . ALA A 1 147 ? -12.821 -8.799  -9.379  1.00 12.48 ? 176  ALA A C   1 
ATOM   1177 O O   . ALA A 1 147 ? -13.084 -9.544  -8.436  1.00 12.23 ? 176  ALA A O   1 
ATOM   1178 C CB  . ALA A 1 147 ? -10.442 -9.590  -9.217  1.00 11.48 ? 176  ALA A CB  1 
ATOM   1179 N N   . GLY A 1 148 ? -13.678 -7.905  -9.863  1.00 13.41 ? 177  GLY A N   1 
ATOM   1180 C CA  . GLY A 1 148 ? -15.000 -7.739  -9.292  1.00 14.86 ? 177  GLY A CA  1 
ATOM   1181 C C   . GLY A 1 148 ? -15.040 -6.929  -8.017  1.00 16.03 ? 177  GLY A C   1 
ATOM   1182 O O   . GLY A 1 148 ? -14.002 -6.500  -7.505  1.00 14.96 ? 177  GLY A O   1 
ATOM   1183 N N   . PRO A 1 149 ? -16.248 -6.676  -7.492  1.00 16.98 ? 178  PRO A N   1 
ATOM   1184 C CA  . PRO A 1 149 ? -16.421 -5.903  -6.258  1.00 16.46 ? 178  PRO A CA  1 
ATOM   1185 C C   . PRO A 1 149 ? -15.710 -6.582  -5.089  1.00 15.78 ? 178  PRO A C   1 
ATOM   1186 O O   . PRO A 1 149 ? -15.768 -7.806  -4.933  1.00 15.72 ? 178  PRO A O   1 
ATOM   1187 C CB  . PRO A 1 149 ? -17.940 -5.914  -6.058  1.00 17.07 ? 178  PRO A CB  1 
ATOM   1188 C CG  . PRO A 1 149 ? -18.474 -6.047  -7.462  1.00 17.76 ? 178  PRO A CG  1 
ATOM   1189 C CD  . PRO A 1 149 ? -17.551 -7.081  -8.050  1.00 17.34 ? 178  PRO A CD  1 
ATOM   1190 N N   . CYS A 1 150 ? -14.996 -5.793  -4.296  1.00 14.26 ? 179  CYS A N   1 
ATOM   1191 C CA  . CYS A 1 150 ? -14.304 -6.339  -3.146  1.00 12.54 ? 179  CYS A CA  1 
ATOM   1192 C C   . CYS A 1 150 ? -15.376 -6.552  -2.082  1.00 12.42 ? 179  CYS A C   1 
ATOM   1193 O O   . CYS A 1 150 ? -16.355 -5.802  -2.028  1.00 13.70 ? 179  CYS A O   1 
ATOM   1194 C CB  . CYS A 1 150 ? -13.241 -5.360  -2.644  1.00 12.44 ? 179  CYS A CB  1 
ATOM   1195 S SG  . CYS A 1 150 ? -12.132 -6.051  -1.402  1.00 12.98 ? 179  CYS A SG  1 
ATOM   1196 N N   . ALA A 1 151 ? -15.228 -7.597  -1.278  1.00 14.08 ? 180  ALA A N   1 
ATOM   1197 C CA  . ALA A 1 151 ? -16.184 -7.883  -0.213  1.00 15.24 ? 180  ALA A CA  1 
ATOM   1198 C C   . ALA A 1 151 ? -16.022 -6.887  0.935   1.00 16.19 ? 180  ALA A C   1 
ATOM   1199 O O   . ALA A 1 151 ? -16.984 -6.576  1.635   1.00 17.48 ? 180  ALA A O   1 
ATOM   1200 C CB  . ALA A 1 151 ? -16.001 -9.312  0.295   1.00 15.00 ? 180  ALA A CB  1 
ATOM   1201 N N   . ILE A 1 152 ? -14.809 -6.373  1.113   1.00 15.67 ? 181  ILE A N   1 
ATOM   1202 C CA  . ILE A 1 152 ? -14.517 -5.416  2.180   1.00 16.04 ? 181  ILE A CA  1 
ATOM   1203 C C   . ILE A 1 152 ? -15.311 -4.118  2.049   1.00 17.91 ? 181  ILE A C   1 
ATOM   1204 O O   . ILE A 1 152 ? -15.356 -3.498  0.982   1.00 17.87 ? 181  ILE A O   1 
ATOM   1205 C CB  . ILE A 1 152 ? -13.014 -5.067  2.232   1.00 14.73 ? 181  ILE A CB  1 
ATOM   1206 C CG1 . ILE A 1 152 ? -12.188 -6.332  2.433   1.00 12.15 ? 181  ILE A CG1 1 
ATOM   1207 C CG2 . ILE A 1 152 ? -12.741 -4.056  3.348   1.00 14.93 ? 181  ILE A CG2 1 
ATOM   1208 C CD1 . ILE A 1 152 ? -10.688 -6.114  2.336   1.00 11.88 ? 181  ILE A CD1 1 
ATOM   1209 N N   . VAL A 1 153 ? -15.914 -3.702  3.154   1.00 20.86 ? 182  VAL A N   1 
ATOM   1210 C CA  . VAL A 1 153 ? -16.701 -2.481  3.186   1.00 22.65 ? 182  VAL A CA  1 
ATOM   1211 C C   . VAL A 1 153 ? -16.106 -1.529  4.218   1.00 20.96 ? 182  VAL A C   1 
ATOM   1212 O O   . VAL A 1 153 ? -15.676 -1.960  5.292   1.00 21.35 ? 182  VAL A O   1 
ATOM   1213 C CB  . VAL A 1 153 ? -18.181 -2.781  3.538   1.00 24.75 ? 182  VAL A CB  1 
ATOM   1214 C CG1 . VAL A 1 153 ? -18.842 -3.576  2.409   1.00 25.47 ? 182  VAL A CG1 1 
ATOM   1215 C CG2 . VAL A 1 153 ? -18.271 -3.547  4.853   1.00 24.61 ? 182  VAL A CG2 1 
ATOM   1216 N N   . VAL A 1 154 ? -16.012 -0.253  3.857   1.00 20.37 ? 183  VAL A N   1 
ATOM   1217 C CA  . VAL A 1 154 ? -15.479 0.789   4.740   1.00 19.49 ? 183  VAL A CA  1 
ATOM   1218 C C   . VAL A 1 154 ? -16.429 1.975   4.633   1.00 20.57 ? 183  VAL A C   1 
ATOM   1219 O O   . VAL A 1 154 ? -16.426 2.683   3.624   1.00 22.27 ? 183  VAL A O   1 
ATOM   1220 C CB  . VAL A 1 154 ? -14.065 1.262   4.309   1.00 18.54 ? 183  VAL A CB  1 
ATOM   1221 C CG1 . VAL A 1 154 ? -13.582 2.370   5.232   1.00 18.15 ? 183  VAL A CG1 1 
ATOM   1222 C CG2 . VAL A 1 154 ? -13.079 0.098   4.324   1.00 18.41 ? 183  VAL A CG2 1 
ATOM   1223 N N   . GLY A 1 155 ? -17.247 2.191   5.660   1.00 20.27 ? 184  GLY A N   1 
ATOM   1224 C CA  . GLY A 1 155 ? -18.191 3.290   5.626   1.00 20.27 ? 184  GLY A CA  1 
ATOM   1225 C C   . GLY A 1 155 ? -19.138 3.095   4.458   1.00 20.72 ? 184  GLY A C   1 
ATOM   1226 O O   . GLY A 1 155 ? -19.684 2.007   4.284   1.00 20.36 ? 184  GLY A O   1 
ATOM   1227 N N   . SER A 1 156 ? -19.309 4.128   3.638   1.00 22.49 ? 185  SER A N   1 
ATOM   1228 C CA  . SER A 1 156 ? -20.182 4.047   2.471   1.00 24.47 ? 185  SER A CA  1 
ATOM   1229 C C   . SER A 1 156 ? -19.387 3.822   1.180   1.00 25.37 ? 185  SER A C   1 
ATOM   1230 O O   . SER A 1 156 ? -19.946 3.860   0.077   1.00 25.55 ? 185  SER A O   1 
ATOM   1231 C CB  . SER A 1 156 ? -21.040 5.312   2.358   1.00 25.56 ? 185  SER A CB  1 
ATOM   1232 O OG  . SER A 1 156 ? -20.266 6.472   2.597   1.00 32.03 ? 185  SER A OG  1 
ATOM   1233 N N   . LEU A 1 157 ? -18.088 3.572   1.324   1.00 24.60 ? 186  LEU A N   1 
ATOM   1234 C CA  . LEU A 1 157 ? -17.201 3.340   0.184   1.00 25.00 ? 186  LEU A CA  1 
ATOM   1235 C C   . LEU A 1 157 ? -17.270 1.906   -0.335  1.00 24.79 ? 186  LEU A C   1 
ATOM   1236 O O   . LEU A 1 157 ? -17.377 0.960   0.446   1.00 24.40 ? 186  LEU A O   1 
ATOM   1237 C CB  . LEU A 1 157 ? -15.753 3.654   0.578   1.00 25.32 ? 186  LEU A CB  1 
ATOM   1238 C CG  . LEU A 1 157 ? -15.195 5.078   0.480   1.00 27.17 ? 186  LEU A CG  1 
ATOM   1239 C CD1 . LEU A 1 157 ? -16.225 6.132   0.821   1.00 28.08 ? 186  LEU A CD1 1 
ATOM   1240 C CD2 . LEU A 1 157 ? -13.989 5.186   1.392   1.00 26.90 ? 186  LEU A CD2 1 
ATOM   1241 N N   . THR A 1 158 ? -17.224 1.753   -1.654  1.00 25.17 ? 187  THR A N   1 
ATOM   1242 C CA  . THR A 1 158 ? -17.234 0.435   -2.290  1.00 25.25 ? 187  THR A CA  1 
ATOM   1243 C C   . THR A 1 158 ? -15.964 0.367   -3.146  1.00 21.04 ? 187  THR A C   1 
ATOM   1244 O O   . THR A 1 158 ? -15.546 1.372   -3.737  1.00 20.43 ? 187  THR A O   1 
ATOM   1245 C CB  . THR A 1 158 ? -18.495 0.208   -3.164  1.00 29.33 ? 187  THR A CB  1 
ATOM   1246 O OG1 . THR A 1 158 ? -18.496 1.110   -4.277  1.00 28.99 ? 187  THR A OG1 1 
ATOM   1247 C CG2 . THR A 1 158 ? -19.762 0.425   -2.337  1.00 32.04 ? 187  THR A CG2 1 
ATOM   1248 N N   . PHE A 1 159 ? -15.342 -0.803  -3.206  1.00 18.74 ? 188  PHE A N   1 
ATOM   1249 C CA  . PHE A 1 159 ? -14.104 -0.950  -3.952  1.00 17.32 ? 188  PHE A CA  1 
ATOM   1250 C C   . PHE A 1 159 ? -14.124 -2.096  -4.945  1.00 17.09 ? 188  PHE A C   1 
ATOM   1251 O O   . PHE A 1 159 ? -14.917 -3.035  -4.823  1.00 16.13 ? 188  PHE A O   1 
ATOM   1252 C CB  . PHE A 1 159 ? -12.944 -1.217  -2.985  1.00 17.14 ? 188  PHE A CB  1 
ATOM   1253 C CG  . PHE A 1 159 ? -12.905 -0.291  -1.801  1.00 16.73 ? 188  PHE A CG  1 
ATOM   1254 C CD1 . PHE A 1 159 ? -12.199 0.907   -1.864  1.00 16.41 ? 188  PHE A CD1 1 
ATOM   1255 C CD2 . PHE A 1 159 ? -13.560 -0.627  -0.616  1.00 16.43 ? 188  PHE A CD2 1 
ATOM   1256 C CE1 . PHE A 1 159 ? -12.143 1.757   -0.766  1.00 16.87 ? 188  PHE A CE1 1 
ATOM   1257 C CE2 . PHE A 1 159 ? -13.511 0.216   0.489   1.00 17.02 ? 188  PHE A CE2 1 
ATOM   1258 C CZ  . PHE A 1 159 ? -12.801 1.413   0.414   1.00 17.32 ? 188  PHE A CZ  1 
ATOM   1259 N N   . THR A 1 160 ? -13.235 -2.005  -5.926  1.00 16.22 ? 189  THR A N   1 
ATOM   1260 C CA  . THR A 1 160 ? -13.046 -3.044  -6.926  1.00 15.04 ? 189  THR A CA  1 
ATOM   1261 C C   . THR A 1 160 ? -11.764 -3.734  -6.463  1.00 13.64 ? 189  THR A C   1 
ATOM   1262 O O   . THR A 1 160 ? -10.817 -3.062  -6.040  1.00 14.67 ? 189  THR A O   1 
ATOM   1263 C CB  . THR A 1 160 ? -12.803 -2.437  -8.336  1.00 16.38 ? 189  THR A CB  1 
ATOM   1264 O OG1 . THR A 1 160 ? -13.991 -1.771  -8.786  1.00 17.68 ? 189  THR A OG1 1 
ATOM   1265 C CG2 . THR A 1 160 ? -12.402 -3.522  -9.344  1.00 12.33 ? 189  THR A CG2 1 
ATOM   1266 N N   . GLU A 1 161 ? -11.756 -5.061  -6.444  1.00 12.11 ? 190  GLU A N   1 
ATOM   1267 C CA  . GLU A 1 161 ? -10.560 -5.794  -6.049  1.00 12.78 ? 190  GLU A CA  1 
ATOM   1268 C C   . GLU A 1 161 ? -9.688  -5.929  -7.309  1.00 13.93 ? 190  GLU A C   1 
ATOM   1269 O O   . GLU A 1 161 ? -10.213 -6.153  -8.402  1.00 13.78 ? 190  GLU A O   1 
ATOM   1270 C CB  . GLU A 1 161 ? -10.945 -7.166  -5.489  1.00 11.19 ? 190  GLU A CB  1 
ATOM   1271 C CG  . GLU A 1 161 ? -9.794  -7.952  -4.887  1.00 12.14 ? 190  GLU A CG  1 
ATOM   1272 C CD  . GLU A 1 161 ? -10.267 -9.056  -3.950  1.00 14.40 ? 190  GLU A CD  1 
ATOM   1273 O OE1 . GLU A 1 161 ? -11.341 -8.901  -3.340  1.00 19.54 ? 190  GLU A OE1 1 
ATOM   1274 O OE2 . GLU A 1 161 ? -9.550  -10.066 -3.800  1.00 14.71 ? 190  GLU A OE2 1 
ATOM   1275 N N   . MET A 1 162 ? -8.377  -5.738  -7.167  1.00 13.53 ? 191  MET A N   1 
ATOM   1276 C CA  . MET A 1 162 ? -7.443  -5.824  -8.289  1.00 13.65 ? 191  MET A CA  1 
ATOM   1277 C C   . MET A 1 162 ? -6.384  -6.878  -7.983  1.00 12.19 ? 191  MET A C   1 
ATOM   1278 O O   . MET A 1 162 ? -5.821  -6.880  -6.890  1.00 11.66 ? 191  MET A O   1 
ATOM   1279 C CB  . MET A 1 162 ? -6.737  -4.476  -8.494  1.00 14.76 ? 191  MET A CB  1 
ATOM   1280 C CG  . MET A 1 162 ? -7.644  -3.265  -8.647  1.00 16.91 ? 191  MET A CG  1 
ATOM   1281 S SD  . MET A 1 162 ? -8.567  -3.251  -10.182 1.00 19.79 ? 191  MET A SD  1 
ATOM   1282 C CE  . MET A 1 162 ? -7.288  -2.933  -11.391 1.00 19.15 ? 191  MET A CE  1 
ATOM   1283 N N   . HIS A 1 163 ? -6.092  -7.755  -8.941  1.00 10.82 ? 192  HIS A N   1 
ATOM   1284 C CA  . HIS A 1 163 ? -5.084  -8.799  -8.746  1.00 12.72 ? 192  HIS A CA  1 
ATOM   1285 C C   . HIS A 1 163 ? -3.981  -8.704  -9.784  1.00 12.93 ? 192  HIS A C   1 
ATOM   1286 O O   . HIS A 1 163 ? -4.251  -8.502  -10.967 1.00 13.38 ? 192  HIS A O   1 
ATOM   1287 C CB  . HIS A 1 163 ? -5.705  -10.200 -8.846  1.00 13.99 ? 192  HIS A CB  1 
ATOM   1288 C CG  . HIS A 1 163 ? -6.718  -10.494 -7.790  1.00 15.83 ? 192  HIS A CG  1 
ATOM   1289 N ND1 . HIS A 1 163 ? -7.497  -11.629 -7.800  1.00 16.50 ? 192  HIS A ND1 1 
ATOM   1290 C CD2 . HIS A 1 163 ? -7.093  -9.792  -6.693  1.00 16.68 ? 192  HIS A CD2 1 
ATOM   1291 C CE1 . HIS A 1 163 ? -8.309  -11.619 -6.759  1.00 16.86 ? 192  HIS A CE1 1 
ATOM   1292 N NE2 . HIS A 1 163 ? -8.081  -10.513 -6.073  1.00 16.92 ? 192  HIS A NE2 1 
ATOM   1293 N N   . CYS A 1 164 ? -2.747  -8.889  -9.350  1.00 13.81 ? 193  CYS A N   1 
ATOM   1294 C CA  . CYS A 1 164 ? -1.614  -8.840  -10.258 1.00 16.52 ? 193  CYS A CA  1 
ATOM   1295 C C   . CYS A 1 164 ? -0.774  -10.097 -10.088 1.00 16.23 ? 193  CYS A C   1 
ATOM   1296 O O   . CYS A 1 164 ? -0.269  -10.366 -8.998  1.00 15.76 ? 193  CYS A O   1 
ATOM   1297 C CB  . CYS A 1 164 ? -0.752  -7.613  -9.957  1.00 17.88 ? 193  CYS A CB  1 
ATOM   1298 S SG  . CYS A 1 164 ? 0.658   -7.431  -11.065 1.00 18.91 ? 193  CYS A SG  1 
ATOM   1299 N N   . SER A 1 165 ? -0.650  -10.888 -11.143 1.00 17.00 ? 194  SER A N   1 
ATOM   1300 C CA  . SER A 1 165 ? 0.161   -12.090 -11.064 1.00 19.97 ? 194  SER A CA  1 
ATOM   1301 C C   . SER A 1 165 ? 1.616   -11.632 -11.142 1.00 21.72 ? 194  SER A C   1 
ATOM   1302 O O   . SER A 1 165 ? 1.951   -10.767 -11.956 1.00 22.10 ? 194  SER A O   1 
ATOM   1303 C CB  . SER A 1 165 ? -0.170  -13.037 -12.219 1.00 24.87 ? 194  SER A CB  1 
ATOM   1304 O OG  . SER A 1 165 ? 0.462   -14.298 -12.052 1.00 31.53 ? 194  SER A OG  1 
ATOM   1305 N N   . LEU A 1 166 ? 2.468   -12.161 -10.271 1.00 22.62 ? 195  LEU A N   1 
ATOM   1306 C CA  . LEU A 1 166 ? 3.874   -11.781 -10.273 1.00 24.12 ? 195  LEU A CA  1 
ATOM   1307 C C   . LEU A 1 166 ? 4.762   -12.871 -10.877 1.00 25.59 ? 195  LEU A C   1 
ATOM   1308 O O   . LEU A 1 166 ? 5.591   -13.478 -10.200 1.00 27.26 ? 195  LEU A O   1 
ATOM   1309 C CB  . LEU A 1 166 ? 4.321   -11.397 -8.852  1.00 24.27 ? 195  LEU A CB  1 
ATOM   1310 C CG  . LEU A 1 166 ? 4.217   -9.918  -8.448  1.00 24.97 ? 195  LEU A CG  1 
ATOM   1311 C CD1 . LEU A 1 166 ? 3.061   -9.227  -9.125  1.00 25.87 ? 195  LEU A CD1 1 
ATOM   1312 C CD2 . LEU A 1 166 ? 4.094   -9.793  -6.947  1.00 25.34 ? 195  LEU A CD2 1 
HETATM 1313 C C1T . COT B 2 .   ? -8.494  1.031   0.445   1.00 17.19 ? 400  COT A C1T 1 
HETATM 1314 C CGT . COT B 2 .   ? -9.031  1.538   1.771   1.00 19.91 ? 400  COT A CGT 1 
HETATM 1315 C C11 . COT B 2 .   ? -9.560  2.846   2.036   1.00 17.42 ? 400  COT A C11 1 
HETATM 1316 C C12 . COT B 2 .   ? -9.930  2.882   3.411   1.00 17.74 ? 400  COT A C12 1 
HETATM 1317 C C13 . COT B 2 .   ? -9.756  3.998   1.248   1.00 17.00 ? 400  COT A C13 1 
HETATM 1318 C C14 . COT B 2 .   ? -9.101  0.849   2.951   1.00 21.11 ? 400  COT A C14 1 
HETATM 1319 N N11 . COT B 2 .   ? -9.643  1.650   3.939   1.00 19.96 ? 400  COT A N11 1 
HETATM 1320 C C15 . COT B 2 .   ? -10.485 4.018   4.015   1.00 16.85 ? 400  COT A C15 1 
HETATM 1321 C C16 . COT B 2 .   ? -10.310 5.136   1.852   1.00 16.92 ? 400  COT A C16 1 
HETATM 1322 C C17 . COT B 2 .   ? -10.667 5.135   3.220   1.00 18.38 ? 400  COT A C17 1 
HETATM 1323 S S   . COT B 2 .   ? -6.089  2.690   -3.863  1.00 15.38 ? 400  COT A S   1 
HETATM 1324 C C6T . COT B 2 .   ? -5.048  1.592   -2.872  1.00 15.77 ? 400  COT A C6T 1 
HETATM 1325 C C4T . COT B 2 .   ? -5.396  1.711   -1.404  1.00 15.21 ? 400  COT A C4T 1 
HETATM 1326 O O5T . COT B 2 .   ? -4.669  2.367   -0.638  1.00 14.11 ? 400  COT A O5T 1 
HETATM 1327 N N3T . COT B 2 .   ? -6.510  1.087   -1.003  1.00 15.19 ? 400  COT A N3T 1 
HETATM 1328 C C2T . COT B 2 .   ? -6.956  1.140   0.395   1.00 16.81 ? 400  COT A C2T 1 
HETATM 1329 O O11 . COT B 2 .   ? 0.014   9.024   -6.988  1.00 18.60 ? 400  COT A O11 1 
HETATM 1330 P PB  . COT B 2 .   ? 0.628   10.114  -7.983  1.00 16.16 ? 400  COT A PB  1 
HETATM 1331 O O12 . COT B 2 .   ? 2.046   10.337  -7.607  1.00 15.34 ? 400  COT A O12 1 
HETATM 1332 O O13 . COT B 2 .   ? -0.275  11.283  -8.084  1.00 14.22 ? 400  COT A O13 1 
HETATM 1333 O O14 . COT B 2 .   ? 0.601   9.308   -9.355  1.00 20.65 ? 400  COT A O14 1 
HETATM 1334 O O3B . COT B 2 .   ? -3.313  9.352   -14.443 1.00 54.54 ? 400  COT A O3B 1 
HETATM 1335 P PA  . COT B 2 .   ? 1.282   9.450   -10.781 1.00 19.16 ? 400  COT A PA  1 
HETATM 1336 O O15 . COT B 2 .   ? 1.680   10.868  -10.978 1.00 21.93 ? 400  COT A O15 1 
HETATM 1337 O O16 . COT B 2 .   ? 2.323   8.400   -10.898 1.00 16.85 ? 400  COT A O16 1 
HETATM 1338 O O5B . COT B 2 .   ? 0.056   9.132   -11.727 1.00 23.36 ? 400  COT A O5B 1 
HETATM 1339 C C5B . COT B 2 .   ? -1.160  9.871   -11.570 1.00 32.82 ? 400  COT A C5B 1 
HETATM 1340 C C4B . COT B 2 .   ? -2.262  9.127   -12.273 1.00 42.27 ? 400  COT A C4B 1 
HETATM 1341 C C3B . COT B 2 .   ? -2.960  10.043  -13.246 1.00 49.96 ? 400  COT A C3B 1 
HETATM 1342 O O2B . COT B 2 .   ? -5.263  10.907  -13.371 1.00 57.04 ? 400  COT A O2B 1 
HETATM 1343 O O4B . COT B 2 .   ? -3.243  8.678   -11.312 1.00 46.20 ? 400  COT A O4B 1 
HETATM 1344 P PC  . COT B 2 .   ? -3.543  10.153  -15.799 1.00 60.27 ? 400  COT A PC  1 
HETATM 1345 O O17 . COT B 2 .   ? -2.798  9.353   -16.812 1.00 64.28 ? 400  COT A O17 1 
HETATM 1346 O O18 . COT B 2 .   ? -2.976  11.514  -15.579 1.00 57.14 ? 400  COT A O18 1 
HETATM 1347 O O19 . COT B 2 .   ? -5.024  10.129  -15.973 1.00 60.10 ? 400  COT A O19 1 
HETATM 1348 C C2B . COT B 2 .   ? -4.200  10.493  -12.497 1.00 53.23 ? 400  COT A C2B 1 
HETATM 1349 C C1B . COT B 2 .   ? -4.514  9.276   -11.657 1.00 50.66 ? 400  COT A C1B 1 
HETATM 1350 N N9A . COT B 2 .   ? -5.303  9.642   -10.462 1.00 52.57 ? 400  COT A N9A 1 
HETATM 1351 C C8A . COT B 2 .   ? -4.816  10.141  -9.272  1.00 52.82 ? 400  COT A C8A 1 
HETATM 1352 N N7A . COT B 2 .   ? -5.793  10.372  -8.414  1.00 55.18 ? 400  COT A N7A 1 
HETATM 1353 C C5A . COT B 2 .   ? -6.955  10.022  -9.080  1.00 57.72 ? 400  COT A C5A 1 
HETATM 1354 C C6A . COT B 2 .   ? -8.314  10.027  -8.718  1.00 60.33 ? 400  COT A C6A 1 
HETATM 1355 N N6A . COT B 2 .   ? -8.759  10.456  -7.536  1.00 60.50 ? 400  COT A N6A 1 
HETATM 1356 N N1A . COT B 2 .   ? -9.219  9.592   -9.633  1.00 61.48 ? 400  COT A N1A 1 
HETATM 1357 C C2A . COT B 2 .   ? -8.835  9.161   -10.852 1.00 60.14 ? 400  COT A C2A 1 
HETATM 1358 N N3A . COT B 2 .   ? -7.552  9.122   -11.264 1.00 58.42 ? 400  COT A N3A 1 
HETATM 1359 C C4A . COT B 2 .   ? -6.667  9.553   -10.341 1.00 56.34 ? 400  COT A C4A 1 
HETATM 1360 N N3P . COT B 2 .   ? -4.478  6.291   -2.788  1.00 14.92 ? 400  COT A N3P 1 
HETATM 1361 C C4P . COT B 2 .   ? -5.240  7.378   -2.709  1.00 17.47 ? 400  COT A C4P 1 
HETATM 1362 O O5P . COT B 2 .   ? -6.302  7.502   -3.326  1.00 20.50 ? 400  COT A O5P 1 
HETATM 1363 C C6P . COT B 2 .   ? -4.735  8.490   -1.801  1.00 17.00 ? 400  COT A C6P 1 
HETATM 1364 C C7P . COT B 2 .   ? -4.745  9.857   -2.481  1.00 16.85 ? 400  COT A C7P 1 
HETATM 1365 N N8P . COT B 2 .   ? -4.009  9.871   -3.744  1.00 15.35 ? 400  COT A N8P 1 
HETATM 1366 C C9P . COT B 2 .   ? -2.714  9.600   -3.860  1.00 14.52 ? 400  COT A C9P 1 
HETATM 1367 O OAP . COT B 2 .   ? -2.008  9.315   -2.903  1.00 16.43 ? 400  COT A OAP 1 
HETATM 1368 C CBP . COT B 2 .   ? -2.127  9.679   -5.269  1.00 15.54 ? 400  COT A CBP 1 
HETATM 1369 O OCP . COT B 2 .   ? -2.953  10.558  -6.040  1.00 18.43 ? 400  COT A OCP 1 
HETATM 1370 C CDP . COT B 2 .   ? -2.035  8.286   -5.962  1.00 15.78 ? 400  COT A CDP 1 
HETATM 1371 C CGP . COT B 2 .   ? -1.252  8.434   -7.267  1.00 17.70 ? 400  COT A CGP 1 
HETATM 1372 C CEP . COT B 2 .   ? -3.434  7.749   -6.254  1.00 13.95 ? 400  COT A CEP 1 
HETATM 1373 C CFP . COT B 2 .   ? -1.273  7.290   -5.094  1.00 16.26 ? 400  COT A CFP 1 
HETATM 1374 C C2P . COT B 2 .   ? -4.791  5.114   -3.595  1.00 15.62 ? 400  COT A C2P 1 
HETATM 1375 C C1P . COT B 2 .   ? -5.888  4.266   -2.986  1.00 15.15 ? 400  COT A C1P 1 
HETATM 1376 O O   . HOH C 3 .   ? 23.433  16.987  -0.111  1.00 45.04 ? 1001 HOH A O   1 
HETATM 1377 O O   . HOH C 3 .   ? 21.627  19.071  -0.528  1.00 40.09 ? 1002 HOH A O   1 
HETATM 1378 O O   . HOH C 3 .   ? 19.936  18.417  1.562   1.00 36.67 ? 1003 HOH A O   1 
HETATM 1379 O O   . HOH C 3 .   ? 21.893  17.425  2.932   1.00 55.87 ? 1004 HOH A O   1 
HETATM 1380 O O   . HOH C 3 .   ? 24.196  18.255  3.637   1.00 55.45 ? 1005 HOH A O   1 
HETATM 1381 O O   . HOH C 3 .   ? 20.596  16.423  -0.746  1.00 34.18 ? 1006 HOH A O   1 
HETATM 1382 O O   . HOH C 3 .   ? 21.916  16.408  -3.180  1.00 49.16 ? 1007 HOH A O   1 
HETATM 1383 O O   . HOH C 3 .   ? 20.759  15.997  -5.546  1.00 52.87 ? 1008 HOH A O   1 
HETATM 1384 O O   . HOH C 3 .   ? 18.498  16.755  -6.595  1.00 32.07 ? 1009 HOH A O   1 
HETATM 1385 O O   . HOH C 3 .   ? 15.885  15.432  -6.953  1.00 17.96 ? 1010 HOH A O   1 
HETATM 1386 O O   . HOH C 3 .   ? 14.308  15.746  -4.450  1.00 20.76 ? 1011 HOH A O   1 
HETATM 1387 O O   . HOH C 3 .   ? 10.746  15.793  -5.230  1.00 40.99 ? 1012 HOH A O   1 
HETATM 1388 O O   . HOH C 3 .   ? 11.961  13.640  -6.717  1.00 20.48 ? 1013 HOH A O   1 
HETATM 1389 O O   . HOH C 3 .   ? 8.815   13.078  -9.646  1.00 28.31 ? 1014 HOH A O   1 
HETATM 1390 O O   . HOH C 3 .   ? 6.440   15.393  -6.881  1.00 31.06 ? 1015 HOH A O   1 
HETATM 1391 O O   . HOH C 3 .   ? 3.827   12.303  -8.148  1.00 16.61 ? 1016 HOH A O   1 
HETATM 1392 O O   . HOH C 3 .   ? 0.442   17.415  -5.784  1.00 32.71 ? 1017 HOH A O   1 
HETATM 1393 O O   . HOH C 3 .   ? -1.973  17.523  -7.261  1.00 44.77 ? 1018 HOH A O   1 
HETATM 1394 O O   . HOH C 3 .   ? -3.625  15.245  -7.191  1.00 42.61 ? 1019 HOH A O   1 
HETATM 1395 O O   . HOH C 3 .   ? -2.770  12.286  -8.202  1.00 38.81 ? 1020 HOH A O   1 
HETATM 1396 O O   . HOH C 3 .   ? -7.242  9.634   -5.221  1.00 27.77 ? 1021 HOH A O   1 
HETATM 1397 O O   . HOH C 3 .   ? -9.257  10.633  -3.160  1.00 37.07 ? 1022 HOH A O   1 
HETATM 1398 O O   . HOH C 3 .   ? -11.563 9.352   -3.619  1.00 38.28 ? 1023 HOH A O   1 
HETATM 1399 O O   . HOH C 3 .   ? -12.943 8.557   -1.325  1.00 39.96 ? 1024 HOH A O   1 
HETATM 1400 O O   . HOH C 3 .   ? -15.271 9.563   -1.000  1.00 40.90 ? 1025 HOH A O   1 
HETATM 1401 O O   . HOH C 3 .   ? -11.013 8.343   0.725   1.00 33.84 ? 1026 HOH A O   1 
HETATM 1402 O O   . HOH C 3 .   ? -8.958  9.268   -0.734  1.00 20.22 ? 1027 HOH A O   1 
HETATM 1403 O O   . HOH C 3 .   ? -6.972  12.540  -1.445  1.00 24.62 ? 1028 HOH A O   1 
HETATM 1404 O O   . HOH C 3 .   ? -7.143  14.892  -0.233  1.00 33.78 ? 1029 HOH A O   1 
HETATM 1405 O O   . HOH C 3 .   ? -9.412  16.452  0.857   1.00 39.78 ? 1030 HOH A O   1 
HETATM 1406 O O   . HOH C 3 .   ? -5.067  18.642  0.007   1.00 33.84 ? 1031 HOH A O   1 
HETATM 1407 O O   . HOH C 3 .   ? -2.395  19.463  -3.595  1.00 48.40 ? 1032 HOH A O   1 
HETATM 1408 O O   . HOH C 3 .   ? -1.067  21.688  -2.949  1.00 38.34 ? 1033 HOH A O   1 
HETATM 1409 O O   . HOH C 3 .   ? 1.494   22.097  -2.247  1.00 32.14 ? 1034 HOH A O   1 
HETATM 1410 O O   . HOH C 3 .   ? 0.740   21.345  2.342   1.00 49.04 ? 1035 HOH A O   1 
HETATM 1411 O O   . HOH C 3 .   ? 0.273   18.436  4.075   1.00 40.65 ? 1036 HOH A O   1 
HETATM 1412 O O   . HOH C 3 .   ? -0.059  15.380  4.525   1.00 18.08 ? 1037 HOH A O   1 
HETATM 1413 O O   . HOH C 3 .   ? -1.665  15.701  6.643   1.00 28.98 ? 1038 HOH A O   1 
HETATM 1414 O O   . HOH C 3 .   ? -4.172  16.840  7.540   1.00 34.40 ? 1039 HOH A O   1 
HETATM 1415 O O   . HOH C 3 .   ? -2.580  18.459  5.285   1.00 38.60 ? 1040 HOH A O   1 
HETATM 1416 O O   . HOH C 3 .   ? -6.451  17.988  5.281   1.00 39.37 ? 1041 HOH A O   1 
HETATM 1417 O O   . HOH C 3 .   ? 28.789  11.756  11.309  1.00 44.91 ? 1042 HOH A O   1 
HETATM 1418 O O   . HOH C 3 .   ? -13.850 13.982  6.072   1.00 41.86 ? 1043 HOH A O   1 
HETATM 1419 O O   . HOH C 3 .   ? -16.329 12.177  7.171   1.00 45.25 ? 1044 HOH A O   1 
HETATM 1420 O O   . HOH C 3 .   ? -18.995 10.227  6.025   1.00 43.39 ? 1045 HOH A O   1 
HETATM 1421 O O   . HOH C 3 .   ? -19.866 6.905   6.313   1.00 40.97 ? 1046 HOH A O   1 
HETATM 1422 O O   . HOH C 3 .   ? -17.801 6.280   4.597   1.00 40.67 ? 1047 HOH A O   1 
HETATM 1423 O O   . HOH C 3 .   ? -17.933 8.233   2.675   1.00 37.17 ? 1048 HOH A O   1 
HETATM 1424 O O   . HOH C 3 .   ? -15.092 5.931   5.578   1.00 31.33 ? 1049 HOH A O   1 
HETATM 1425 O O   . HOH C 3 .   ? -16.374 8.989   9.181   1.00 50.45 ? 1050 HOH A O   1 
HETATM 1426 O O   . HOH C 3 .   ? -15.583 -1.413  8.279   1.00 39.30 ? 1051 HOH A O   1 
HETATM 1427 O O   . HOH C 3 .   ? -13.740 -3.614  9.560   1.00 20.37 ? 1052 HOH A O   1 
HETATM 1428 O O   . HOH C 3 .   ? -11.898 -1.860  10.187  1.00 25.68 ? 1053 HOH A O   1 
HETATM 1429 O O   . HOH C 3 .   ? -10.182 -3.981  10.700  1.00 22.58 ? 1054 HOH A O   1 
HETATM 1430 O O   . HOH C 3 .   ? -7.885  -2.851  10.014  1.00 30.69 ? 1055 HOH A O   1 
HETATM 1431 O O   . HOH C 3 .   ? -7.773  -1.601  7.665   1.00 22.79 ? 1056 HOH A O   1 
HETATM 1432 O O   . HOH C 3 .   ? -5.967  -2.415  5.668   1.00 10.62 ? 1057 HOH A O   1 
HETATM 1433 O O   . HOH C 3 .   ? -6.751  -1.762  3.132   1.00 11.80 ? 1058 HOH A O   1 
HETATM 1434 O O   . HOH C 3 .   ? -7.479  -3.670  1.279   1.00 10.10 ? 1059 HOH A O   1 
HETATM 1435 O O   . HOH C 3 .   ? -6.126  -2.353  -0.814  1.00 7.93  ? 1060 HOH A O   1 
HETATM 1436 O O   . HOH C 3 .   ? -9.195  4.555   -4.427  1.00 35.16 ? 1061 HOH A O   1 
HETATM 1437 O O   . HOH C 3 .   ? -10.320 6.557   -6.157  1.00 51.71 ? 1062 HOH A O   1 
HETATM 1438 O O   . HOH C 3 .   ? -14.384 6.307   -7.832  1.00 29.31 ? 1063 HOH A O   1 
HETATM 1439 O O   . HOH C 3 .   ? -15.768 2.978   -5.986  1.00 23.68 ? 1064 HOH A O   1 
HETATM 1440 O O   . HOH C 3 .   ? -17.343 -0.255  -6.517  1.00 46.43 ? 1065 HOH A O   1 
HETATM 1441 O O   . HOH C 3 .   ? -18.878 -1.186  -8.341  1.00 48.15 ? 1066 HOH A O   1 
HETATM 1442 O O   . HOH C 3 .   ? -16.659 -3.070  -8.577  1.00 38.22 ? 1067 HOH A O   1 
HETATM 1443 O O   . HOH C 3 .   ? -17.762 -2.791  -6.024  1.00 48.56 ? 1068 HOH A O   1 
HETATM 1444 O O   . HOH C 3 .   ? -16.582 -3.007  -1.920  1.00 26.38 ? 1069 HOH A O   1 
HETATM 1445 O O   . HOH C 3 .   ? -19.687 -3.747  -2.122  1.00 47.55 ? 1070 HOH A O   1 
HETATM 1446 O O   . HOH C 3 .   ? -19.193 -6.429  -2.261  1.00 38.53 ? 1071 HOH A O   1 
HETATM 1447 O O   . HOH C 3 .   ? -19.678 -6.832  1.160   1.00 24.77 ? 1072 HOH A O   1 
HETATM 1448 O O   . HOH C 3 .   ? -21.101 -6.418  3.321   1.00 54.17 ? 1073 HOH A O   1 
HETATM 1449 O O   . HOH C 3 .   ? -19.550 -8.315  4.734   1.00 31.17 ? 1074 HOH A O   1 
HETATM 1450 O O   . HOH C 3 .   ? -16.982 -7.542  4.220   1.00 17.97 ? 1075 HOH A O   1 
HETATM 1451 O O   . HOH C 3 .   ? -15.458 -10.112 4.165   1.00 24.03 ? 1076 HOH A O   1 
HETATM 1452 O O   . HOH C 3 .   ? -16.035 -11.967 2.217   1.00 59.19 ? 1077 HOH A O   1 
HETATM 1453 O O   . HOH C 3 .   ? -15.538 -13.528 -0.984  1.00 68.20 ? 1078 HOH A O   1 
HETATM 1454 O O   . HOH C 3 .   ? -15.860 -11.729 -2.772  1.00 18.14 ? 1079 HOH A O   1 
HETATM 1455 O O   . HOH C 3 .   ? -13.554 -9.746  -1.911  1.00 13.36 ? 1080 HOH A O   1 
HETATM 1456 O O   . HOH C 3 .   ? -11.373 -15.209 0.514   1.00 22.05 ? 1081 HOH A O   1 
HETATM 1457 O O   . HOH C 3 .   ? -11.044 -16.873 -1.583  1.00 20.93 ? 1082 HOH A O   1 
HETATM 1458 O O   . HOH C 3 .   ? -9.202  -19.054 -1.488  1.00 21.27 ? 1083 HOH A O   1 
HETATM 1459 O O   . HOH C 3 .   ? -10.637 -20.337 -3.902  1.00 39.57 ? 1084 HOH A O   1 
HETATM 1460 O O   . HOH C 3 .   ? -12.637 -19.231 -5.393  1.00 30.28 ? 1085 HOH A O   1 
HETATM 1461 O O   . HOH C 3 .   ? -14.379 -15.375 -6.224  1.00 37.03 ? 1086 HOH A O   1 
HETATM 1462 O O   . HOH C 3 .   ? -10.782 -13.450 -7.417  1.00 16.83 ? 1087 HOH A O   1 
HETATM 1463 O O   . HOH C 3 .   ? -7.343  -18.964 -7.050  1.00 26.79 ? 1088 HOH A O   1 
HETATM 1464 O O   . HOH C 3 .   ? -4.597  -17.651 -3.994  1.00 51.74 ? 1089 HOH A O   1 
HETATM 1465 O O   . HOH C 3 .   ? -2.049  -16.515 -2.736  1.00 24.63 ? 1090 HOH A O   1 
HETATM 1466 O O   . HOH C 3 .   ? -1.588  -17.731 -0.509  1.00 30.82 ? 1091 HOH A O   1 
HETATM 1467 O O   . HOH C 3 .   ? -1.882  -21.080 -1.487  1.00 35.00 ? 1092 HOH A O   1 
HETATM 1468 O O   . HOH C 3 .   ? -3.867  -22.395 -0.118  1.00 36.91 ? 1093 HOH A O   1 
HETATM 1469 O O   . HOH C 3 .   ? -1.372  -19.477 5.184   1.00 41.55 ? 1094 HOH A O   1 
HETATM 1470 O O   . HOH C 3 .   ? -0.252  -17.971 7.219   1.00 17.60 ? 1095 HOH A O   1 
HETATM 1471 O O   . HOH C 3 .   ? -1.803  -14.966 10.857  1.00 41.81 ? 1096 HOH A O   1 
HETATM 1472 O O   . HOH C 3 .   ? 1.031   -12.707 11.747  1.00 32.79 ? 1097 HOH A O   1 
HETATM 1473 O O   . HOH C 3 .   ? 3.619   -13.335 11.928  1.00 27.98 ? 1098 HOH A O   1 
HETATM 1474 O O   . HOH C 3 .   ? 5.768   -12.928 10.496  1.00 43.68 ? 1099 HOH A O   1 
HETATM 1475 O O   . HOH C 3 .   ? 7.375   -11.308 11.768  1.00 22.89 ? 1100 HOH A O   1 
HETATM 1476 O O   . HOH C 3 .   ? 6.822   -12.141 14.376  1.00 28.80 ? 1101 HOH A O   1 
HETATM 1477 O O   . HOH C 3 .   ? 8.900   -13.962 14.075  1.00 43.27 ? 1102 HOH A O   1 
HETATM 1478 O O   . HOH C 3 .   ? 10.203  -12.114 9.437   1.00 31.52 ? 1103 HOH A O   1 
HETATM 1479 O O   . HOH C 3 .   ? 8.049   -11.048 8.118   1.00 26.93 ? 1104 HOH A O   1 
HETATM 1480 O O   . HOH C 3 .   ? 6.376   -13.138 7.799   1.00 26.08 ? 1105 HOH A O   1 
HETATM 1481 O O   . HOH C 3 .   ? 6.504   -14.887 5.762   1.00 37.81 ? 1106 HOH A O   1 
HETATM 1482 O O   . HOH C 3 .   ? 6.699   -11.854 4.456   1.00 39.85 ? 1107 HOH A O   1 
HETATM 1483 O O   . HOH C 3 .   ? 7.520   -11.907 1.941   1.00 31.89 ? 1108 HOH A O   1 
HETATM 1484 O O   . HOH C 3 .   ? 10.704  -12.547 4.775   1.00 40.06 ? 1109 HOH A O   1 
HETATM 1485 O O   . HOH C 3 .   ? 11.008  -8.862  8.780   1.00 20.46 ? 1110 HOH A O   1 
HETATM 1486 O O   . HOH C 3 .   ? 12.729  -7.070  7.534   1.00 34.31 ? 1111 HOH A O   1 
HETATM 1487 O O   . HOH C 3 .   ? 12.510  -4.751  6.039   1.00 26.18 ? 1112 HOH A O   1 
HETATM 1488 O O   . HOH C 3 .   ? 14.552  -4.829  4.068   1.00 38.11 ? 1113 HOH A O   1 
HETATM 1489 O O   . HOH C 3 .   ? 15.107  -0.889  2.899   1.00 24.06 ? 1114 HOH A O   1 
HETATM 1490 O O   . HOH C 3 .   ? 14.428  -0.324  5.761   1.00 38.89 ? 1115 HOH A O   1 
HETATM 1491 O O   . HOH C 3 .   ? 12.674  -2.036  7.327   1.00 22.69 ? 1116 HOH A O   1 
HETATM 1492 O O   . HOH C 3 .   ? 12.942  -2.929  9.911   1.00 27.66 ? 1117 HOH A O   1 
HETATM 1493 O O   . HOH C 3 .   ? 10.409  -3.264  12.173  1.00 29.14 ? 1118 HOH A O   1 
HETATM 1494 O O   . HOH C 3 .   ? 10.495  -5.830  12.714  1.00 45.66 ? 1119 HOH A O   1 
HETATM 1495 O O   . HOH C 3 .   ? 9.843   -8.352  11.387  1.00 45.38 ? 1120 HOH A O   1 
HETATM 1496 O O   . HOH C 3 .   ? 6.936   -2.174  17.222  1.00 36.49 ? 1121 HOH A O   1 
HETATM 1497 O O   . HOH C 3 .   ? 4.498   -3.821  18.194  1.00 41.39 ? 1122 HOH A O   1 
HETATM 1498 O O   . HOH C 3 .   ? 3.781   -0.520  18.249  1.00 44.75 ? 1123 HOH A O   1 
HETATM 1499 O O   . HOH C 3 .   ? 1.177   -0.219  18.613  1.00 52.61 ? 1124 HOH A O   1 
HETATM 1500 O O   . HOH C 3 .   ? 1.074   -2.088  16.636  1.00 51.12 ? 1125 HOH A O   1 
HETATM 1501 O O   . HOH C 3 .   ? -0.182  2.908   18.762  1.00 35.60 ? 1126 HOH A O   1 
HETATM 1502 O O   . HOH C 3 .   ? -2.600  4.121   19.077  1.00 32.22 ? 1127 HOH A O   1 
HETATM 1503 O O   . HOH C 3 .   ? -2.034  6.688   19.365  1.00 45.05 ? 1128 HOH A O   1 
HETATM 1504 O O   . HOH C 3 .   ? -3.908  3.818   16.551  1.00 20.00 ? 1129 HOH A O   1 
HETATM 1505 O O   . HOH C 3 .   ? -4.373  6.283   14.944  1.00 17.84 ? 1130 HOH A O   1 
HETATM 1506 O O   . HOH C 3 .   ? -5.709  1.923   17.911  1.00 30.00 ? 1131 HOH A O   1 
HETATM 1507 O O   . HOH C 3 .   ? -6.101  -0.863  17.023  1.00 48.08 ? 1132 HOH A O   1 
HETATM 1508 O O   . HOH C 3 .   ? -5.559  -3.394  17.860  1.00 37.22 ? 1133 HOH A O   1 
HETATM 1509 O O   . HOH C 3 .   ? -5.501  -4.244  13.953  1.00 31.02 ? 1134 HOH A O   1 
HETATM 1510 O O   . HOH C 3 .   ? -7.720  -2.708  14.297  1.00 21.14 ? 1135 HOH A O   1 
HETATM 1511 O O   . HOH C 3 .   ? -5.176  -3.285  9.797   1.00 13.62 ? 1136 HOH A O   1 
HETATM 1512 O O   . HOH C 3 .   ? -3.315  -4.178  11.519  1.00 37.75 ? 1137 HOH A O   1 
HETATM 1513 O O   . HOH C 3 .   ? -3.754  -9.961  13.537  1.00 49.76 ? 1138 HOH A O   1 
HETATM 1514 O O   . HOH C 3 .   ? -1.626  -10.619 11.869  1.00 22.40 ? 1139 HOH A O   1 
HETATM 1515 O O   . HOH C 3 .   ? -3.845  -9.487  4.521   1.00 12.13 ? 1140 HOH A O   1 
HETATM 1516 O O   . HOH C 3 .   ? -7.184  -16.878 6.073   1.00 29.08 ? 1141 HOH A O   1 
HETATM 1517 O O   . HOH C 3 .   ? -11.011 -14.682 5.131   1.00 27.33 ? 1142 HOH A O   1 
HETATM 1518 O O   . HOH C 3 .   ? -10.798 -6.579  10.177  1.00 19.94 ? 1143 HOH A O   1 
HETATM 1519 O O   . HOH C 3 .   ? -10.658 -8.182  12.324  1.00 19.37 ? 1144 HOH A O   1 
HETATM 1520 O O   . HOH C 3 .   ? -10.153 0.683   6.873   1.00 20.12 ? 1145 HOH A O   1 
HETATM 1521 O O   . HOH C 3 .   ? -19.028 0.103   2.399   1.00 35.59 ? 1146 HOH A O   1 
HETATM 1522 O O   . HOH C 3 .   ? -17.001 4.458   -2.731  1.00 30.21 ? 1147 HOH A O   1 
HETATM 1523 O O   . HOH C 3 .   ? -14.652 -1.404  -11.593 1.00 20.68 ? 1148 HOH A O   1 
HETATM 1524 O O   . HOH C 3 .   ? -14.145 -3.554  -13.350 1.00 26.22 ? 1149 HOH A O   1 
HETATM 1525 O O   . HOH C 3 .   ? -14.401 -5.610  -11.560 1.00 14.72 ? 1150 HOH A O   1 
HETATM 1526 O O   . HOH C 3 .   ? -16.786 -4.227  -13.809 1.00 28.46 ? 1151 HOH A O   1 
HETATM 1527 O O   . HOH C 3 .   ? -12.955 -3.000  -15.930 1.00 33.03 ? 1152 HOH A O   1 
HETATM 1528 O O   . HOH C 3 .   ? -12.601 -4.989  -17.619 1.00 39.83 ? 1153 HOH A O   1 
HETATM 1529 O O   . HOH C 3 .   ? -14.585 -4.557  -19.174 1.00 38.39 ? 1154 HOH A O   1 
HETATM 1530 O O   . HOH C 3 .   ? -10.396 -2.861  -19.389 1.00 23.55 ? 1155 HOH A O   1 
HETATM 1531 O O   . HOH C 3 .   ? -11.216 -0.970  -16.614 1.00 37.37 ? 1156 HOH A O   1 
HETATM 1532 O O   . HOH C 3 .   ? -13.178 1.955   -13.852 1.00 36.22 ? 1157 HOH A O   1 
HETATM 1533 O O   . HOH C 3 .   ? -7.403  5.355   -13.404 1.00 27.82 ? 1158 HOH A O   1 
HETATM 1534 O O   . HOH C 3 .   ? -6.652  6.960   -15.469 1.00 46.35 ? 1159 HOH A O   1 
HETATM 1535 O O   . HOH C 3 .   ? -6.291  5.836   -17.863 1.00 39.87 ? 1160 HOH A O   1 
HETATM 1536 O O   . HOH C 3 .   ? -4.678  3.941   -18.845 1.00 34.57 ? 1161 HOH A O   1 
HETATM 1537 O O   . HOH C 3 .   ? -5.209  1.359   -18.138 1.00 16.53 ? 1162 HOH A O   1 
HETATM 1538 O O   . HOH C 3 .   ? -2.830  -0.908  -19.285 1.00 38.95 ? 1163 HOH A O   1 
HETATM 1539 O O   . HOH C 3 .   ? -4.008  -4.991  -16.757 1.00 22.58 ? 1164 HOH A O   1 
HETATM 1540 O O   . HOH C 3 .   ? -7.466  -6.051  -17.238 1.00 29.98 ? 1165 HOH A O   1 
HETATM 1541 O O   . HOH C 3 .   ? -10.863 -6.893  -17.554 1.00 34.39 ? 1166 HOH A O   1 
HETATM 1542 O O   . HOH C 3 .   ? -11.105 -8.601  -15.467 1.00 12.98 ? 1167 HOH A O   1 
HETATM 1543 O O   . HOH C 3 .   ? -9.721  -8.635  -19.636 1.00 44.83 ? 1168 HOH A O   1 
HETATM 1544 O O   . HOH C 3 .   ? 19.342  18.478  -4.640  1.00 61.72 ? 1169 HOH A O   1 
HETATM 1545 O O   . HOH C 3 .   ? 0.909   -9.120  -16.335 1.00 50.98 ? 1170 HOH A O   1 
HETATM 1546 O O   . HOH C 3 .   ? 1.900   -8.968  -13.927 1.00 33.95 ? 1171 HOH A O   1 
HETATM 1547 O O   . HOH C 3 .   ? 3.228   -6.547  -13.419 1.00 16.51 ? 1172 HOH A O   1 
HETATM 1548 O O   . HOH C 3 .   ? 6.019   -7.347  -12.970 1.00 41.99 ? 1173 HOH A O   1 
HETATM 1549 O O   . HOH C 3 .   ? 7.438   -7.596  -10.665 1.00 47.40 ? 1174 HOH A O   1 
HETATM 1550 O O   . HOH C 3 .   ? 10.716  -9.036  -9.197  1.00 41.74 ? 1175 HOH A O   1 
HETATM 1551 O O   . HOH C 3 .   ? 8.993   -14.667 -6.195  1.00 44.80 ? 1176 HOH A O   1 
HETATM 1552 O O   . HOH C 3 .   ? 8.160   -16.989 -5.248  1.00 39.34 ? 1177 HOH A O   1 
HETATM 1553 O O   . HOH C 3 .   ? 5.489   -16.053 -9.939  1.00 42.55 ? 1178 HOH A O   1 
HETATM 1554 O O   . HOH C 3 .   ? 3.684   -17.044 -11.624 1.00 48.63 ? 1179 HOH A O   1 
HETATM 1555 O O   . HOH C 3 .   ? 0.471   -15.812 -9.768  1.00 37.49 ? 1180 HOH A O   1 
HETATM 1556 O O   . HOH C 3 .   ? -3.833  -13.169 -14.047 1.00 48.92 ? 1181 HOH A O   1 
HETATM 1557 O O   . HOH C 3 .   ? -4.535  -11.565 -12.080 1.00 39.07 ? 1182 HOH A O   1 
HETATM 1558 O O   . HOH C 3 .   ? -1.025  -9.953  -13.899 1.00 28.14 ? 1183 HOH A O   1 
HETATM 1559 O O   . HOH C 3 .   ? 8.223   -16.948 -12.947 1.00 47.79 ? 1184 HOH A O   1 
HETATM 1560 O O   . HOH C 3 .   ? 14.089  -11.825 -14.498 1.00 48.79 ? 1185 HOH A O   1 
HETATM 1561 O O   . HOH C 3 .   ? 10.023  -1.616  -13.336 1.00 49.70 ? 1186 HOH A O   1 
HETATM 1562 O O   . HOH C 3 .   ? 11.165  -0.219  -10.895 1.00 20.94 ? 1187 HOH A O   1 
HETATM 1563 O O   . HOH C 3 .   ? 13.015  -1.992  -9.500  1.00 36.80 ? 1189 HOH A O   1 
HETATM 1564 O O   . HOH C 3 .   ? 13.996  -3.362  -4.640  1.00 41.52 ? 1190 HOH A O   1 
HETATM 1565 O O   . HOH C 3 .   ? 14.895  -5.958  -3.011  1.00 48.52 ? 1191 HOH A O   1 
HETATM 1566 O O   . HOH C 3 .   ? 13.012  -8.129  -2.374  1.00 32.06 ? 1192 HOH A O   1 
HETATM 1567 O O   . HOH C 3 .   ? 12.991  -8.056  0.499   1.00 58.23 ? 1193 HOH A O   1 
HETATM 1568 O O   . HOH C 3 .   ? 14.690  -1.640  -0.815  1.00 36.86 ? 1194 HOH A O   1 
HETATM 1569 O O   . HOH C 3 .   ? 18.022  2.497   -4.483  1.00 47.20 ? 1195 HOH A O   1 
HETATM 1570 O O   . HOH C 3 .   ? 17.412  5.090   -2.662  1.00 25.01 ? 1196 HOH A O   1 
HETATM 1571 O O   . HOH C 3 .   ? 19.334  4.625   -0.852  1.00 43.27 ? 1197 HOH A O   1 
HETATM 1572 O O   . HOH C 3 .   ? 19.618  7.374   -1.088  1.00 46.42 ? 1198 HOH A O   1 
HETATM 1573 O O   . HOH C 3 .   ? 17.866  6.766   -4.930  1.00 25.68 ? 1199 HOH A O   1 
HETATM 1574 O O   . HOH C 3 .   ? 19.550  11.100  -3.579  1.00 24.80 ? 1200 HOH A O   1 
HETATM 1575 O O   . HOH C 3 .   ? 18.524  11.747  -6.006  1.00 20.31 ? 1201 HOH A O   1 
HETATM 1576 O O   . HOH C 3 .   ? 21.308  12.977  -2.713  1.00 35.05 ? 1202 HOH A O   1 
HETATM 1577 O O   . HOH C 3 .   ? 23.576  11.947  0.066   1.00 47.54 ? 1203 HOH A O   1 
HETATM 1578 O O   . HOH C 3 .   ? 20.032  8.069   4.650   1.00 39.29 ? 1204 HOH A O   1 
HETATM 1579 O O   . HOH C 3 .   ? 16.294  7.098   5.823   1.00 47.71 ? 1205 HOH A O   1 
HETATM 1580 O O   . HOH C 3 .   ? 16.042  9.868   6.345   1.00 48.20 ? 1206 HOH A O   1 
HETATM 1581 O O   . HOH C 3 .   ? 18.078  11.516  6.241   1.00 41.80 ? 1207 HOH A O   1 
HETATM 1582 O O   . HOH C 3 .   ? 16.333  10.050  3.571   1.00 22.37 ? 1208 HOH A O   1 
HETATM 1583 O O   . HOH C 3 .   ? 15.651  11.864  1.819   1.00 17.08 ? 1209 HOH A O   1 
HETATM 1584 O O   . HOH C 3 .   ? 14.158  8.838   7.910   1.00 37.99 ? 1210 HOH A O   1 
HETATM 1585 O O   . HOH C 3 .   ? 15.501  8.081   10.402  1.00 47.23 ? 1211 HOH A O   1 
HETATM 1586 O O   . HOH C 3 .   ? 13.849  6.206   11.267  1.00 36.13 ? 1212 HOH A O   1 
HETATM 1587 O O   . HOH C 3 .   ? 12.932  4.026   10.014  1.00 27.56 ? 1213 HOH A O   1 
HETATM 1588 O O   . HOH C 3 .   ? 15.274  3.141   8.807   1.00 24.91 ? 1214 HOH A O   1 
HETATM 1589 O O   . HOH C 3 .   ? 17.673  1.617   5.466   1.00 44.76 ? 1215 HOH A O   1 
HETATM 1590 O O   . HOH C 3 .   ? 11.808  7.795   10.307  1.00 31.89 ? 1216 HOH A O   1 
HETATM 1591 O O   . HOH C 3 .   ? 10.783  9.368   12.125  1.00 28.87 ? 1217 HOH A O   1 
HETATM 1592 O O   . HOH C 3 .   ? 11.991  11.859  10.868  1.00 36.95 ? 1218 HOH A O   1 
HETATM 1593 O O   . HOH C 3 .   ? 11.327  14.424  10.516  1.00 50.82 ? 1219 HOH A O   1 
HETATM 1594 O O   . HOH C 3 .   ? 8.437   13.049  7.183   1.00 25.12 ? 1220 HOH A O   1 
HETATM 1595 O O   . HOH C 3 .   ? 9.596   10.895  7.450   1.00 56.47 ? 1221 HOH A O   1 
HETATM 1596 O O   . HOH C 3 .   ? 6.362   13.536  5.690   1.00 16.27 ? 1222 HOH A O   1 
HETATM 1597 O O   . HOH C 3 .   ? 4.070   12.834  6.982   1.00 11.98 ? 1223 HOH A O   1 
HETATM 1598 O O   . HOH C 3 .   ? 4.565   14.000  9.353   1.00 17.17 ? 1224 HOH A O   1 
HETATM 1599 O O   . HOH C 3 .   ? 2.373   14.921  5.994   1.00 11.92 ? 1225 HOH A O   1 
HETATM 1600 O O   . HOH C 3 .   ? 3.999   17.729  5.439   1.00 35.44 ? 1226 HOH A O   1 
HETATM 1601 O O   . HOH C 3 .   ? 6.690   16.290  5.996   1.00 29.65 ? 1227 HOH A O   1 
HETATM 1602 O O   . HOH C 3 .   ? 6.516   15.399  2.810   1.00 35.71 ? 1228 HOH A O   1 
HETATM 1603 O O   . HOH C 3 .   ? 8.282   17.354  2.519   1.00 24.59 ? 1229 HOH A O   1 
HETATM 1604 O O   . HOH C 3 .   ? 11.016  17.102  1.617   1.00 45.85 ? 1230 HOH A O   1 
HETATM 1605 O O   . HOH C 3 .   ? 7.841   20.758  -1.624  1.00 48.63 ? 1231 HOH A O   1 
HETATM 1606 O O   . HOH C 3 .   ? 8.751   23.234  -2.482  1.00 66.47 ? 1232 HOH A O   1 
HETATM 1607 O O   . HOH C 3 .   ? 6.528   19.896  -3.955  1.00 28.86 ? 1233 HOH A O   1 
HETATM 1608 O O   . HOH C 3 .   ? 4.471   20.635  1.659   1.00 25.97 ? 1234 HOH A O   1 
HETATM 1609 O O   . HOH C 3 .   ? -0.520  14.461  2.053   1.00 18.64 ? 1235 HOH A O   1 
HETATM 1610 O O   . HOH C 3 .   ? 1.016   10.990  12.924  1.00 16.54 ? 1236 HOH A O   1 
HETATM 1611 O O   . HOH C 3 .   ? -2.775  12.894  13.774  1.00 34.13 ? 1237 HOH A O   1 
HETATM 1612 O O   . HOH C 3 .   ? -0.489  15.155  14.250  1.00 20.91 ? 1238 HOH A O   1 
HETATM 1613 O O   . HOH C 3 .   ? -2.829  16.014  15.467  1.00 35.04 ? 1239 HOH A O   1 
HETATM 1614 O O   . HOH C 3 .   ? -5.816  18.494  13.226  1.00 47.73 ? 1240 HOH A O   1 
HETATM 1615 O O   . HOH C 3 .   ? 7.327   9.086   11.591  1.00 24.15 ? 1241 HOH A O   1 
HETATM 1616 O O   . HOH C 3 .   ? 6.233   6.821   14.378  1.00 18.60 ? 1242 HOH A O   1 
HETATM 1617 O O   . HOH C 3 .   ? 5.963   4.414   16.091  1.00 66.91 ? 1243 HOH A O   1 
HETATM 1618 O O   . HOH C 3 .   ? 9.811   7.752   15.013  1.00 43.99 ? 1244 HOH A O   1 
HETATM 1619 O O   . HOH C 3 .   ? 14.865  10.361  11.660  1.00 36.13 ? 1245 HOH A O   1 
HETATM 1620 O O   . HOH C 3 .   ? 24.473  10.056  7.739   1.00 44.02 ? 1246 HOH A O   1 
HETATM 1621 O O   . HOH C 3 .   ? 25.085  12.180  8.619   1.00 39.62 ? 1247 HOH A O   1 
HETATM 1622 O O   . HOH C 3 .   ? 27.684  13.416  9.088   1.00 47.63 ? 1248 HOH A O   1 
HETATM 1623 O O   . HOH C 3 .   ? 31.131  20.904  6.463   1.00 43.07 ? 1249 HOH A O   1 
HETATM 1624 O O   . HOH C 3 .   ? 29.055  23.204  6.641   1.00 35.63 ? 1250 HOH A O   1 
HETATM 1625 O O   . HOH C 3 .   ? 21.318  23.790  1.128   1.00 47.77 ? 1251 HOH A O   1 
HETATM 1626 O O   . HOH C 3 .   ? 19.301  21.401  1.140   1.00 34.26 ? 1252 HOH A O   1 
HETATM 1627 O O   . HOH C 3 .   ? 1.292   8.870   -14.558 1.00 36.43 ? 1253 HOH A O   1 
HETATM 1628 O O   . HOH C 3 .   ? 1.402   5.315   -14.643 1.00 22.75 ? 1254 HOH A O   1 
HETATM 1629 O O   . HOH C 3 .   ? 2.824   1.200   -16.440 1.00 47.17 ? 1255 HOH A O   1 
HETATM 1630 O O   . HOH C 3 .   ? -5.891  8.461   -19.571 1.00 43.11 ? 1256 HOH A O   1 
HETATM 1631 O O   . HOH C 3 .   ? 4.516   -3.672  5.431   1.00 9.26  ? 1257 HOH A O   1 
HETATM 1632 O O   . HOH C 3 .   ? 5.183   -16.785 2.504   1.00 26.28 ? 1258 HOH A O   1 
HETATM 1633 O O   . HOH C 3 .   ? 5.980   -19.428 2.481   1.00 45.62 ? 1259 HOH A O   1 
HETATM 1634 O O   . HOH C 3 .   ? 3.109   -21.757 2.199   1.00 45.59 ? 1260 HOH A O   1 
HETATM 1635 O O   . HOH C 3 .   ? 3.410   -24.826 -5.204  1.00 47.24 ? 1261 HOH A O   1 
HETATM 1636 O O   . HOH C 3 .   ? 15.130  -19.194 2.020   1.00 30.91 ? 1262 HOH A O   1 
# 
loop_
_pdbx_poly_seq_scheme.asym_id 
_pdbx_poly_seq_scheme.entity_id 
_pdbx_poly_seq_scheme.seq_id 
_pdbx_poly_seq_scheme.mon_id 
_pdbx_poly_seq_scheme.ndb_seq_num 
_pdbx_poly_seq_scheme.pdb_seq_num 
_pdbx_poly_seq_scheme.auth_seq_num 
_pdbx_poly_seq_scheme.pdb_mon_id 
_pdbx_poly_seq_scheme.auth_mon_id 
_pdbx_poly_seq_scheme.pdb_strand_id 
_pdbx_poly_seq_scheme.pdb_ins_code 
_pdbx_poly_seq_scheme.hetero 
A 1 1   HIS 1   30  30  HIS HIS A . n 
A 1 2   THR 2   31  31  THR THR A . n 
A 1 3   LEU 3   32  32  LEU LEU A . n 
A 1 4   PRO 4   33  33  PRO PRO A . n 
A 1 5   ALA 5   34  34  ALA ALA A . n 
A 1 6   ASN 6   35  35  ASN ASN A . n 
A 1 7   GLU 7   36  36  GLU GLU A . n 
A 1 8   PHE 8   37  37  PHE PHE A . n 
A 1 9   ARG 9   38  38  ARG ARG A . n 
A 1 10  CYS 10  39  39  CYS CYS A . n 
A 1 11  LEU 11  40  40  LEU LEU A . n 
A 1 12  THR 12  41  41  THR THR A . n 
A 1 13  PRO 13  42  42  PRO PRO A . n 
A 1 14  GLU 14  43  43  GLU GLU A . n 
A 1 15  ASP 15  44  44  ASP ASP A . n 
A 1 16  ALA 16  45  45  ALA ALA A . n 
A 1 17  ALA 17  46  46  ALA ALA A . n 
A 1 18  GLY 18  47  47  GLY GLY A . n 
A 1 19  VAL 19  48  48  VAL VAL A . n 
A 1 20  PHE 20  49  49  PHE PHE A . n 
A 1 21  GLU 21  50  50  GLU GLU A . n 
A 1 22  ILE 22  51  51  ILE ILE A . n 
A 1 23  GLU 23  52  52  GLU GLU A . n 
A 1 24  ARG 24  53  53  ARG ARG A . n 
A 1 25  GLU 25  54  54  GLU GLU A . n 
A 1 26  ALA 26  55  55  ALA ALA A . n 
A 1 27  PHE 27  56  56  PHE PHE A . n 
A 1 28  ILE 28  57  57  ILE ILE A . n 
A 1 29  SER 29  58  58  SER SER A . n 
A 1 30  VAL 30  59  59  VAL VAL A . n 
A 1 31  SER 31  60  60  SER SER A . n 
A 1 32  GLY 32  61  61  GLY GLY A . n 
A 1 33  ASN 33  62  62  ASN ASN A . n 
A 1 34  CYS 34  63  63  CYS CYS A . n 
A 1 35  PRO 35  64  64  PRO PRO A . n 
A 1 36  LEU 36  65  65  LEU LEU A . n 
A 1 37  ASN 37  66  66  ASN ASN A . n 
A 1 38  LEU 38  67  67  LEU LEU A . n 
A 1 39  ASP 39  68  68  ASP ASP A . n 
A 1 40  GLU 40  69  69  GLU GLU A . n 
A 1 41  VAL 41  70  70  VAL VAL A . n 
A 1 42  GLN 42  71  71  GLN GLN A . n 
A 1 43  HIS 43  72  72  HIS HIS A . n 
A 1 44  PHE 44  73  73  PHE PHE A . n 
A 1 45  LEU 45  74  74  LEU LEU A . n 
A 1 46  THR 46  75  75  THR THR A . n 
A 1 47  LEU 47  76  76  LEU LEU A . n 
A 1 48  CYS 48  77  77  CYS CYS A . n 
A 1 49  PRO 49  78  78  PRO PRO A . n 
A 1 50  GLU 50  79  79  GLU GLU A . n 
A 1 51  LEU 51  80  80  LEU LEU A . n 
A 1 52  SER 52  81  81  SER SER A . n 
A 1 53  LEU 53  82  82  LEU LEU A . n 
A 1 54  GLY 54  83  83  GLY GLY A . n 
A 1 55  TRP 55  84  84  TRP TRP A . n 
A 1 56  PHE 56  85  85  PHE PHE A . n 
A 1 57  VAL 57  86  86  VAL VAL A . n 
A 1 58  GLU 58  87  87  GLU GLU A . n 
A 1 59  GLY 59  88  88  GLY GLY A . n 
A 1 60  ARG 60  89  89  ARG ARG A . n 
A 1 61  LEU 61  90  90  LEU LEU A . n 
A 1 62  VAL 62  91  91  VAL VAL A . n 
A 1 63  ALA 63  92  92  ALA ALA A . n 
A 1 64  PHE 64  93  93  PHE PHE A . n 
A 1 65  ILE 65  94  94  ILE ILE A . n 
A 1 66  ILE 66  95  95  ILE ILE A . n 
A 1 67  GLY 67  96  96  GLY GLY A . n 
A 1 68  SER 68  97  97  SER SER A . n 
A 1 69  LEU 69  98  98  LEU LEU A . n 
A 1 70  TRP 70  99  99  TRP TRP A . n 
A 1 71  ASP 71  100 100 ASP ASP A . n 
A 1 72  GLU 72  101 101 GLU GLU A . n 
A 1 73  GLU 73  102 102 GLU GLU A . n 
A 1 74  ARG 74  103 103 ARG ARG A . n 
A 1 75  LEU 75  104 104 LEU LEU A . n 
A 1 76  THR 76  105 105 THR THR A . n 
A 1 77  GLN 77  106 106 GLN GLN A . n 
A 1 78  GLU 78  107 107 GLU GLU A . n 
A 1 79  SER 79  108 108 SER SER A . n 
A 1 80  LEU 80  109 109 LEU LEU A . n 
A 1 81  ALA 81  110 110 ALA ALA A . n 
A 1 82  LEU 82  111 111 LEU LEU A . n 
A 1 83  HIS 83  112 112 HIS HIS A . n 
A 1 84  ARG 84  113 113 ARG ARG A . n 
A 1 85  PRO 85  114 114 PRO PRO A . n 
A 1 86  ARG 86  115 115 ARG ARG A . n 
A 1 87  GLY 87  116 116 GLY GLY A . n 
A 1 88  HIS 88  117 117 HIS HIS A . n 
A 1 89  SER 89  118 118 SER SER A . n 
A 1 90  ALA 90  119 119 ALA ALA A . n 
A 1 91  HIS 91  120 120 HIS HIS A . n 
A 1 92  LEU 92  121 121 LEU LEU A . n 
A 1 93  HIS 93  122 122 HIS HIS A . n 
A 1 94  ALA 94  123 123 ALA ALA A . n 
A 1 95  LEU 95  124 124 LEU LEU A . n 
A 1 96  ALA 96  125 125 ALA ALA A . n 
A 1 97  VAL 97  126 126 VAL VAL A . n 
A 1 98  HIS 98  127 127 HIS HIS A . n 
A 1 99  ARG 99  128 128 ARG ARG A . n 
A 1 100 SER 100 129 129 SER SER A . n 
A 1 101 PHE 101 130 130 PHE PHE A . n 
A 1 102 ARG 102 131 131 ARG ARG A . n 
A 1 103 GLN 103 132 132 GLN GLN A . n 
A 1 104 GLN 104 133 133 GLN GLN A . n 
A 1 105 GLY 105 134 134 GLY GLY A . n 
A 1 106 LYS 106 135 135 LYS LYS A . n 
A 1 107 GLY 107 136 136 GLY GLY A . n 
A 1 108 SER 108 137 137 SER SER A . n 
A 1 109 VAL 109 138 138 VAL VAL A . n 
A 1 110 LEU 110 139 139 LEU LEU A . n 
A 1 111 LEU 111 140 140 LEU LEU A . n 
A 1 112 TRP 112 141 141 TRP TRP A . n 
A 1 113 ARG 113 142 142 ARG ARG A . n 
A 1 114 TYR 114 143 143 TYR TYR A . n 
A 1 115 LEU 115 144 144 LEU LEU A . n 
A 1 116 HIS 116 145 145 HIS HIS A . n 
A 1 117 HIS 117 146 146 HIS HIS A . n 
A 1 118 VAL 118 147 147 VAL VAL A . n 
A 1 119 GLY 119 148 148 GLY GLY A . n 
A 1 120 ALA 120 149 149 ALA ALA A . n 
A 1 121 GLN 121 150 150 GLN GLN A . n 
A 1 122 PRO 122 151 151 PRO PRO A . n 
A 1 123 ALA 123 152 152 ALA ALA A . n 
A 1 124 VAL 124 153 153 VAL VAL A . n 
A 1 125 ARG 125 154 154 ARG ARG A . n 
A 1 126 ARG 126 155 155 ARG ARG A . n 
A 1 127 ALA 127 156 156 ALA ALA A . n 
A 1 128 VAL 128 157 157 VAL VAL A . n 
A 1 129 LEU 129 158 158 LEU LEU A . n 
A 1 130 MET 130 159 159 MET MET A . n 
A 1 131 CYS 131 160 160 CYS CYS A . n 
A 1 132 GLU 132 161 161 GLU GLU A . n 
A 1 133 ASP 133 162 162 ASP ASP A . n 
A 1 134 ALA 134 163 163 ALA ALA A . n 
A 1 135 LEU 135 164 164 LEU LEU A . n 
A 1 136 VAL 136 165 165 VAL VAL A . n 
A 1 137 PRO 137 166 166 PRO PRO A . n 
A 1 138 PHE 138 167 167 PHE PHE A . n 
A 1 139 TYR 139 168 168 TYR TYR A . n 
A 1 140 GLN 140 169 169 GLN GLN A . n 
A 1 141 ARG 141 170 170 ARG ARG A . n 
A 1 142 PHE 142 171 171 PHE PHE A . n 
A 1 143 GLY 143 172 172 GLY GLY A . n 
A 1 144 PHE 144 173 173 PHE PHE A . n 
A 1 145 HIS 145 174 174 HIS HIS A . n 
A 1 146 PRO 146 175 175 PRO PRO A . n 
A 1 147 ALA 147 176 176 ALA ALA A . n 
A 1 148 GLY 148 177 177 GLY GLY A . n 
A 1 149 PRO 149 178 178 PRO PRO A . n 
A 1 150 CYS 150 179 179 CYS CYS A . n 
A 1 151 ALA 151 180 180 ALA ALA A . n 
A 1 152 ILE 152 181 181 ILE ILE A . n 
A 1 153 VAL 153 182 182 VAL VAL A . n 
A 1 154 VAL 154 183 183 VAL VAL A . n 
A 1 155 GLY 155 184 184 GLY GLY A . n 
A 1 156 SER 156 185 185 SER SER A . n 
A 1 157 LEU 157 186 186 LEU LEU A . n 
A 1 158 THR 158 187 187 THR THR A . n 
A 1 159 PHE 159 188 188 PHE PHE A . n 
A 1 160 THR 160 189 189 THR THR A . n 
A 1 161 GLU 161 190 190 GLU GLU A . n 
A 1 162 MET 162 191 191 MET MET A . n 
A 1 163 HIS 163 192 192 HIS HIS A . n 
A 1 164 CYS 164 193 193 CYS CYS A . n 
A 1 165 SER 165 194 194 SER SER A . n 
A 1 166 LEU 166 195 195 LEU LEU A . n 
# 
loop_
_pdbx_nonpoly_scheme.asym_id 
_pdbx_nonpoly_scheme.entity_id 
_pdbx_nonpoly_scheme.mon_id 
_pdbx_nonpoly_scheme.ndb_seq_num 
_pdbx_nonpoly_scheme.pdb_seq_num 
_pdbx_nonpoly_scheme.auth_seq_num 
_pdbx_nonpoly_scheme.pdb_mon_id 
_pdbx_nonpoly_scheme.auth_mon_id 
_pdbx_nonpoly_scheme.pdb_strand_id 
_pdbx_nonpoly_scheme.pdb_ins_code 
B 2 COT 1   400  400  COT COT A . 
C 3 HOH 1   1001 1001 HOH HOH A . 
C 3 HOH 2   1002 1002 HOH HOH A . 
C 3 HOH 3   1003 1003 HOH HOH A . 
C 3 HOH 4   1004 1004 HOH HOH A . 
C 3 HOH 5   1005 1005 HOH HOH A . 
C 3 HOH 6   1006 1006 HOH HOH A . 
C 3 HOH 7   1007 1007 HOH HOH A . 
C 3 HOH 8   1008 1008 HOH HOH A . 
C 3 HOH 9   1009 1009 HOH HOH A . 
C 3 HOH 10  1010 1010 HOH HOH A . 
C 3 HOH 11  1011 1011 HOH HOH A . 
C 3 HOH 12  1012 1012 HOH HOH A . 
C 3 HOH 13  1013 1013 HOH HOH A . 
C 3 HOH 14  1014 1014 HOH HOH A . 
C 3 HOH 15  1015 1015 HOH HOH A . 
C 3 HOH 16  1016 1016 HOH HOH A . 
C 3 HOH 17  1017 1017 HOH HOH A . 
C 3 HOH 18  1018 1018 HOH HOH A . 
C 3 HOH 19  1019 1019 HOH HOH A . 
C 3 HOH 20  1020 1020 HOH HOH A . 
C 3 HOH 21  1021 1021 HOH HOH A . 
C 3 HOH 22  1022 1022 HOH HOH A . 
C 3 HOH 23  1023 1023 HOH HOH A . 
C 3 HOH 24  1024 1024 HOH HOH A . 
C 3 HOH 25  1025 1025 HOH HOH A . 
C 3 HOH 26  1026 1026 HOH HOH A . 
C 3 HOH 27  1027 1027 HOH HOH A . 
C 3 HOH 28  1028 1028 HOH HOH A . 
C 3 HOH 29  1029 1029 HOH HOH A . 
C 3 HOH 30  1030 1030 HOH HOH A . 
C 3 HOH 31  1031 1031 HOH HOH A . 
C 3 HOH 32  1032 1032 HOH HOH A . 
C 3 HOH 33  1033 1033 HOH HOH A . 
C 3 HOH 34  1034 1034 HOH HOH A . 
C 3 HOH 35  1035 1035 HOH HOH A . 
C 3 HOH 36  1036 1036 HOH HOH A . 
C 3 HOH 37  1037 1037 HOH HOH A . 
C 3 HOH 38  1038 1038 HOH HOH A . 
C 3 HOH 39  1039 1039 HOH HOH A . 
C 3 HOH 40  1040 1040 HOH HOH A . 
C 3 HOH 41  1041 1041 HOH HOH A . 
C 3 HOH 42  1042 1042 HOH HOH A . 
C 3 HOH 43  1043 1043 HOH HOH A . 
C 3 HOH 44  1044 1044 HOH HOH A . 
C 3 HOH 45  1045 1045 HOH HOH A . 
C 3 HOH 46  1046 1046 HOH HOH A . 
C 3 HOH 47  1047 1047 HOH HOH A . 
C 3 HOH 48  1048 1048 HOH HOH A . 
C 3 HOH 49  1049 1049 HOH HOH A . 
C 3 HOH 50  1050 1050 HOH HOH A . 
C 3 HOH 51  1051 1051 HOH HOH A . 
C 3 HOH 52  1052 1052 HOH HOH A . 
C 3 HOH 53  1053 1053 HOH HOH A . 
C 3 HOH 54  1054 1054 HOH HOH A . 
C 3 HOH 55  1055 1055 HOH HOH A . 
C 3 HOH 56  1056 1056 HOH HOH A . 
C 3 HOH 57  1057 1057 HOH HOH A . 
C 3 HOH 58  1058 1058 HOH HOH A . 
C 3 HOH 59  1059 1059 HOH HOH A . 
C 3 HOH 60  1060 1060 HOH HOH A . 
C 3 HOH 61  1061 1061 HOH HOH A . 
C 3 HOH 62  1062 1062 HOH HOH A . 
C 3 HOH 63  1063 1063 HOH HOH A . 
C 3 HOH 64  1064 1064 HOH HOH A . 
C 3 HOH 65  1065 1065 HOH HOH A . 
C 3 HOH 66  1066 1066 HOH HOH A . 
C 3 HOH 67  1067 1067 HOH HOH A . 
C 3 HOH 68  1068 1068 HOH HOH A . 
C 3 HOH 69  1069 1069 HOH HOH A . 
C 3 HOH 70  1070 1070 HOH HOH A . 
C 3 HOH 71  1071 1071 HOH HOH A . 
C 3 HOH 72  1072 1072 HOH HOH A . 
C 3 HOH 73  1073 1073 HOH HOH A . 
C 3 HOH 74  1074 1074 HOH HOH A . 
C 3 HOH 75  1075 1075 HOH HOH A . 
C 3 HOH 76  1076 1076 HOH HOH A . 
C 3 HOH 77  1077 1077 HOH HOH A . 
C 3 HOH 78  1078 1078 HOH HOH A . 
C 3 HOH 79  1079 1079 HOH HOH A . 
C 3 HOH 80  1080 1080 HOH HOH A . 
C 3 HOH 81  1081 1081 HOH HOH A . 
C 3 HOH 82  1082 1082 HOH HOH A . 
C 3 HOH 83  1083 1083 HOH HOH A . 
C 3 HOH 84  1084 1084 HOH HOH A . 
C 3 HOH 85  1085 1085 HOH HOH A . 
C 3 HOH 86  1086 1086 HOH HOH A . 
C 3 HOH 87  1087 1087 HOH HOH A . 
C 3 HOH 88  1088 1088 HOH HOH A . 
C 3 HOH 89  1089 1089 HOH HOH A . 
C 3 HOH 90  1090 1090 HOH HOH A . 
C 3 HOH 91  1091 1091 HOH HOH A . 
C 3 HOH 92  1092 1092 HOH HOH A . 
C 3 HOH 93  1093 1093 HOH HOH A . 
C 3 HOH 94  1094 1094 HOH HOH A . 
C 3 HOH 95  1095 1095 HOH HOH A . 
C 3 HOH 96  1096 1096 HOH HOH A . 
C 3 HOH 97  1097 1097 HOH HOH A . 
C 3 HOH 98  1098 1098 HOH HOH A . 
C 3 HOH 99  1099 1099 HOH HOH A . 
C 3 HOH 100 1100 1100 HOH HOH A . 
C 3 HOH 101 1101 1101 HOH HOH A . 
C 3 HOH 102 1102 1102 HOH HOH A . 
C 3 HOH 103 1103 1103 HOH HOH A . 
C 3 HOH 104 1104 1104 HOH HOH A . 
C 3 HOH 105 1105 1105 HOH HOH A . 
C 3 HOH 106 1106 1106 HOH HOH A . 
C 3 HOH 107 1107 1107 HOH HOH A . 
C 3 HOH 108 1108 1108 HOH HOH A . 
C 3 HOH 109 1109 1109 HOH HOH A . 
C 3 HOH 110 1110 1110 HOH HOH A . 
C 3 HOH 111 1111 1111 HOH HOH A . 
C 3 HOH 112 1112 1112 HOH HOH A . 
C 3 HOH 113 1113 1113 HOH HOH A . 
C 3 HOH 114 1114 1114 HOH HOH A . 
C 3 HOH 115 1115 1115 HOH HOH A . 
C 3 HOH 116 1116 1116 HOH HOH A . 
C 3 HOH 117 1117 1117 HOH HOH A . 
C 3 HOH 118 1118 1118 HOH HOH A . 
C 3 HOH 119 1119 1119 HOH HOH A . 
C 3 HOH 120 1120 1120 HOH HOH A . 
C 3 HOH 121 1121 1121 HOH HOH A . 
C 3 HOH 122 1122 1122 HOH HOH A . 
C 3 HOH 123 1123 1123 HOH HOH A . 
C 3 HOH 124 1124 1124 HOH HOH A . 
C 3 HOH 125 1125 1125 HOH HOH A . 
C 3 HOH 126 1126 1126 HOH HOH A . 
C 3 HOH 127 1127 1127 HOH HOH A . 
C 3 HOH 128 1128 1128 HOH HOH A . 
C 3 HOH 129 1129 1129 HOH HOH A . 
C 3 HOH 130 1130 1130 HOH HOH A . 
C 3 HOH 131 1131 1131 HOH HOH A . 
C 3 HOH 132 1132 1132 HOH HOH A . 
C 3 HOH 133 1133 1133 HOH HOH A . 
C 3 HOH 134 1134 1134 HOH HOH A . 
C 3 HOH 135 1135 1135 HOH HOH A . 
C 3 HOH 136 1136 1136 HOH HOH A . 
C 3 HOH 137 1137 1137 HOH HOH A . 
C 3 HOH 138 1138 1138 HOH HOH A . 
C 3 HOH 139 1139 1139 HOH HOH A . 
C 3 HOH 140 1140 1140 HOH HOH A . 
C 3 HOH 141 1141 1141 HOH HOH A . 
C 3 HOH 142 1142 1142 HOH HOH A . 
C 3 HOH 143 1143 1143 HOH HOH A . 
C 3 HOH 144 1144 1144 HOH HOH A . 
C 3 HOH 145 1145 1145 HOH HOH A . 
C 3 HOH 146 1146 1146 HOH HOH A . 
C 3 HOH 147 1147 1147 HOH HOH A . 
C 3 HOH 148 1148 1148 HOH HOH A . 
C 3 HOH 149 1149 1149 HOH HOH A . 
C 3 HOH 150 1150 1150 HOH HOH A . 
C 3 HOH 151 1151 1151 HOH HOH A . 
C 3 HOH 152 1152 1152 HOH HOH A . 
C 3 HOH 153 1153 1153 HOH HOH A . 
C 3 HOH 154 1154 1154 HOH HOH A . 
C 3 HOH 155 1155 1155 HOH HOH A . 
C 3 HOH 156 1156 1156 HOH HOH A . 
C 3 HOH 157 1157 1157 HOH HOH A . 
C 3 HOH 158 1158 1158 HOH HOH A . 
C 3 HOH 159 1159 1159 HOH HOH A . 
C 3 HOH 160 1160 1160 HOH HOH A . 
C 3 HOH 161 1161 1161 HOH HOH A . 
C 3 HOH 162 1162 1162 HOH HOH A . 
C 3 HOH 163 1163 1163 HOH HOH A . 
C 3 HOH 164 1164 1164 HOH HOH A . 
C 3 HOH 165 1165 1165 HOH HOH A . 
C 3 HOH 166 1166 1166 HOH HOH A . 
C 3 HOH 167 1167 1167 HOH HOH A . 
C 3 HOH 168 1168 1168 HOH HOH A . 
C 3 HOH 169 1169 1169 HOH HOH A . 
C 3 HOH 170 1170 1170 HOH HOH A . 
C 3 HOH 171 1171 1171 HOH HOH A . 
C 3 HOH 172 1172 1172 HOH HOH A . 
C 3 HOH 173 1173 1173 HOH HOH A . 
C 3 HOH 174 1174 1174 HOH HOH A . 
C 3 HOH 175 1175 1175 HOH HOH A . 
C 3 HOH 176 1176 1176 HOH HOH A . 
C 3 HOH 177 1177 1177 HOH HOH A . 
C 3 HOH 178 1178 1178 HOH HOH A . 
C 3 HOH 179 1179 1179 HOH HOH A . 
C 3 HOH 180 1180 1180 HOH HOH A . 
C 3 HOH 181 1181 1181 HOH HOH A . 
C 3 HOH 182 1182 1182 HOH HOH A . 
C 3 HOH 183 1183 1183 HOH HOH A . 
C 3 HOH 184 1184 1184 HOH HOH A . 
C 3 HOH 185 1185 1185 HOH HOH A . 
C 3 HOH 186 1186 1186 HOH HOH A . 
C 3 HOH 187 1187 1187 HOH HOH A . 
C 3 HOH 188 1189 1189 HOH HOH A . 
C 3 HOH 189 1190 1190 HOH HOH A . 
C 3 HOH 190 1191 1191 HOH HOH A . 
C 3 HOH 191 1192 1192 HOH HOH A . 
C 3 HOH 192 1193 1193 HOH HOH A . 
C 3 HOH 193 1194 1194 HOH HOH A . 
C 3 HOH 194 1195 1195 HOH HOH A . 
C 3 HOH 195 1196 1196 HOH HOH A . 
C 3 HOH 196 1197 1197 HOH HOH A . 
C 3 HOH 197 1198 1198 HOH HOH A . 
C 3 HOH 198 1199 1199 HOH HOH A . 
C 3 HOH 199 1200 1200 HOH HOH A . 
C 3 HOH 200 1201 1201 HOH HOH A . 
C 3 HOH 201 1202 1202 HOH HOH A . 
C 3 HOH 202 1203 1203 HOH HOH A . 
C 3 HOH 203 1204 1204 HOH HOH A . 
C 3 HOH 204 1205 1205 HOH HOH A . 
C 3 HOH 205 1206 1206 HOH HOH A . 
C 3 HOH 206 1207 1207 HOH HOH A . 
C 3 HOH 207 1208 1208 HOH HOH A . 
C 3 HOH 208 1209 1209 HOH HOH A . 
C 3 HOH 209 1210 1210 HOH HOH A . 
C 3 HOH 210 1211 1211 HOH HOH A . 
C 3 HOH 211 1212 1212 HOH HOH A . 
C 3 HOH 212 1213 1213 HOH HOH A . 
C 3 HOH 213 1214 1214 HOH HOH A . 
C 3 HOH 214 1215 1215 HOH HOH A . 
C 3 HOH 215 1216 1216 HOH HOH A . 
C 3 HOH 216 1217 1217 HOH HOH A . 
C 3 HOH 217 1218 1218 HOH HOH A . 
C 3 HOH 218 1219 1219 HOH HOH A . 
C 3 HOH 219 1220 1220 HOH HOH A . 
C 3 HOH 220 1221 1221 HOH HOH A . 
C 3 HOH 221 1222 1222 HOH HOH A . 
C 3 HOH 222 1223 1223 HOH HOH A . 
C 3 HOH 223 1224 1224 HOH HOH A . 
C 3 HOH 224 1225 1225 HOH HOH A . 
C 3 HOH 225 1226 1226 HOH HOH A . 
C 3 HOH 226 1227 1227 HOH HOH A . 
C 3 HOH 227 1228 1228 HOH HOH A . 
C 3 HOH 228 1229 1229 HOH HOH A . 
C 3 HOH 229 1230 1230 HOH HOH A . 
C 3 HOH 230 1231 1231 HOH HOH A . 
C 3 HOH 231 1232 1232 HOH HOH A . 
C 3 HOH 232 1233 1233 HOH HOH A . 
C 3 HOH 233 1234 1234 HOH HOH A . 
C 3 HOH 234 1235 1235 HOH HOH A . 
C 3 HOH 235 1236 1236 HOH HOH A . 
C 3 HOH 236 1237 1237 HOH HOH A . 
C 3 HOH 237 1238 1238 HOH HOH A . 
C 3 HOH 238 1239 1239 HOH HOH A . 
C 3 HOH 239 1240 1240 HOH HOH A . 
C 3 HOH 240 1241 1241 HOH HOH A . 
C 3 HOH 241 1242 1242 HOH HOH A . 
C 3 HOH 242 1243 1243 HOH HOH A . 
C 3 HOH 243 1244 1244 HOH HOH A . 
C 3 HOH 244 1245 1245 HOH HOH A . 
C 3 HOH 245 1246 1246 HOH HOH A . 
C 3 HOH 246 1247 1247 HOH HOH A . 
C 3 HOH 247 1248 1248 HOH HOH A . 
C 3 HOH 248 1249 1249 HOH HOH A . 
C 3 HOH 249 1250 1250 HOH HOH A . 
C 3 HOH 250 1251 1251 HOH HOH A . 
C 3 HOH 251 1252 1252 HOH HOH A . 
C 3 HOH 252 1253 1253 HOH HOH A . 
C 3 HOH 253 1254 1254 HOH HOH A . 
C 3 HOH 254 1255 1255 HOH HOH A . 
C 3 HOH 255 1256 1256 HOH HOH A . 
C 3 HOH 256 1257 1257 HOH HOH A . 
C 3 HOH 257 1258 1258 HOH HOH A . 
C 3 HOH 258 1259 1259 HOH HOH A . 
C 3 HOH 259 1260 1260 HOH HOH A . 
C 3 HOH 260 1261 1261 HOH HOH A . 
C 3 HOH 261 1262 1262 HOH HOH A . 
# 
_pdbx_struct_assembly.id                   1 
_pdbx_struct_assembly.details              author_defined_assembly 
_pdbx_struct_assembly.method_details       ? 
_pdbx_struct_assembly.oligomeric_details   monomeric 
_pdbx_struct_assembly.oligomeric_count     1 
# 
_pdbx_struct_assembly_gen.assembly_id       1 
_pdbx_struct_assembly_gen.oper_expression   1 
_pdbx_struct_assembly_gen.asym_id_list      A,B,C 
# 
_pdbx_struct_oper_list.id                   1 
_pdbx_struct_oper_list.type                 'identity operation' 
_pdbx_struct_oper_list.name                 1_555 
_pdbx_struct_oper_list.symmetry_operation   x,y,z 
_pdbx_struct_oper_list.matrix[1][1]         1.0000000000 
_pdbx_struct_oper_list.matrix[1][2]         0.0000000000 
_pdbx_struct_oper_list.matrix[1][3]         0.0000000000 
_pdbx_struct_oper_list.vector[1]            0.0000000000 
_pdbx_struct_oper_list.matrix[2][1]         0.0000000000 
_pdbx_struct_oper_list.matrix[2][2]         1.0000000000 
_pdbx_struct_oper_list.matrix[2][3]         0.0000000000 
_pdbx_struct_oper_list.vector[2]            0.0000000000 
_pdbx_struct_oper_list.matrix[3][1]         0.0000000000 
_pdbx_struct_oper_list.matrix[3][2]         0.0000000000 
_pdbx_struct_oper_list.matrix[3][3]         1.0000000000 
_pdbx_struct_oper_list.vector[3]            0.0000000000 
# 
loop_
_pdbx_audit_revision_history.ordinal 
_pdbx_audit_revision_history.data_content_type 
_pdbx_audit_revision_history.major_revision 
_pdbx_audit_revision_history.minor_revision 
_pdbx_audit_revision_history.revision_date 
1 'Structure model' 1 0 1999-05-06 
2 'Structure model' 1 1 2008-04-26 
3 'Structure model' 1 2 2011-07-13 
4 'Structure model' 1 3 2023-08-09 
# 
_pdbx_audit_revision_details.ordinal             1 
_pdbx_audit_revision_details.revision_ordinal    1 
_pdbx_audit_revision_details.data_content_type   'Structure model' 
_pdbx_audit_revision_details.provider            repository 
_pdbx_audit_revision_details.type                'Initial release' 
_pdbx_audit_revision_details.description         ? 
_pdbx_audit_revision_details.details             ? 
# 
loop_
_pdbx_audit_revision_group.ordinal 
_pdbx_audit_revision_group.revision_ordinal 
_pdbx_audit_revision_group.data_content_type 
_pdbx_audit_revision_group.group 
1 2 'Structure model' 'Version format compliance' 
2 3 'Structure model' 'Version format compliance' 
3 4 'Structure model' 'Data collection'           
4 4 'Structure model' 'Database references'       
5 4 'Structure model' 'Derived calculations'      
6 4 'Structure model' 'Refinement description'    
# 
loop_
_pdbx_audit_revision_category.ordinal 
_pdbx_audit_revision_category.revision_ordinal 
_pdbx_audit_revision_category.data_content_type 
_pdbx_audit_revision_category.category 
1 4 'Structure model' chem_comp_atom                
2 4 'Structure model' chem_comp_bond                
3 4 'Structure model' database_2                    
4 4 'Structure model' pdbx_initial_refinement_model 
5 4 'Structure model' struct_site                   
# 
loop_
_pdbx_audit_revision_item.ordinal 
_pdbx_audit_revision_item.revision_ordinal 
_pdbx_audit_revision_item.data_content_type 
_pdbx_audit_revision_item.item 
1 4 'Structure model' '_database_2.pdbx_DOI'                
2 4 'Structure model' '_database_2.pdbx_database_accession' 
3 4 'Structure model' '_struct_site.pdbx_auth_asym_id'      
4 4 'Structure model' '_struct_site.pdbx_auth_comp_id'      
5 4 'Structure model' '_struct_site.pdbx_auth_seq_id'       
# 
loop_
_software.name 
_software.classification 
_software.version 
_software.citation_id 
_software.pdbx_ordinal 
AMoRE     phasing          .   ? 1 
X-PLOR    refinement       3.1 ? 2 
DENZO     'data reduction' .   ? 3 
SCALEPACK 'data scaling'   .   ? 4 
# 
loop_
_pdbx_validate_torsion.id 
_pdbx_validate_torsion.PDB_model_num 
_pdbx_validate_torsion.auth_comp_id 
_pdbx_validate_torsion.auth_asym_id 
_pdbx_validate_torsion.auth_seq_id 
_pdbx_validate_torsion.PDB_ins_code 
_pdbx_validate_torsion.label_alt_id 
_pdbx_validate_torsion.phi 
_pdbx_validate_torsion.psi 
1 1 PRO A 151 ? ? -62.37 98.97  
2 1 ALA A 152 ? ? 166.02 -36.85 
# 
loop_
_chem_comp_atom.comp_id 
_chem_comp_atom.atom_id 
_chem_comp_atom.type_symbol 
_chem_comp_atom.pdbx_aromatic_flag 
_chem_comp_atom.pdbx_stereo_config 
_chem_comp_atom.pdbx_ordinal 
ALA N    N N N 1   
ALA CA   C N S 2   
ALA C    C N N 3   
ALA O    O N N 4   
ALA CB   C N N 5   
ALA OXT  O N N 6   
ALA H    H N N 7   
ALA H2   H N N 8   
ALA HA   H N N 9   
ALA HB1  H N N 10  
ALA HB2  H N N 11  
ALA HB3  H N N 12  
ALA HXT  H N N 13  
ARG N    N N N 14  
ARG CA   C N S 15  
ARG C    C N N 16  
ARG O    O N N 17  
ARG CB   C N N 18  
ARG CG   C N N 19  
ARG CD   C N N 20  
ARG NE   N N N 21  
ARG CZ   C N N 22  
ARG NH1  N N N 23  
ARG NH2  N N N 24  
ARG OXT  O N N 25  
ARG H    H N N 26  
ARG H2   H N N 27  
ARG HA   H N N 28  
ARG HB2  H N N 29  
ARG HB3  H N N 30  
ARG HG2  H N N 31  
ARG HG3  H N N 32  
ARG HD2  H N N 33  
ARG HD3  H N N 34  
ARG HE   H N N 35  
ARG HH11 H N N 36  
ARG HH12 H N N 37  
ARG HH21 H N N 38  
ARG HH22 H N N 39  
ARG HXT  H N N 40  
ASN N    N N N 41  
ASN CA   C N S 42  
ASN C    C N N 43  
ASN O    O N N 44  
ASN CB   C N N 45  
ASN CG   C N N 46  
ASN OD1  O N N 47  
ASN ND2  N N N 48  
ASN OXT  O N N 49  
ASN H    H N N 50  
ASN H2   H N N 51  
ASN HA   H N N 52  
ASN HB2  H N N 53  
ASN HB3  H N N 54  
ASN HD21 H N N 55  
ASN HD22 H N N 56  
ASN HXT  H N N 57  
ASP N    N N N 58  
ASP CA   C N S 59  
ASP C    C N N 60  
ASP O    O N N 61  
ASP CB   C N N 62  
ASP CG   C N N 63  
ASP OD1  O N N 64  
ASP OD2  O N N 65  
ASP OXT  O N N 66  
ASP H    H N N 67  
ASP H2   H N N 68  
ASP HA   H N N 69  
ASP HB2  H N N 70  
ASP HB3  H N N 71  
ASP HD2  H N N 72  
ASP HXT  H N N 73  
COT C1T  C N N 74  
COT CGT  C Y N 75  
COT C11  C Y N 76  
COT C12  C Y N 77  
COT C13  C Y N 78  
COT C14  C Y N 79  
COT N11  N Y N 80  
COT C15  C Y N 81  
COT C16  C Y N 82  
COT C17  C Y N 83  
COT S    S N N 84  
COT C6T  C N N 85  
COT C4T  C N N 86  
COT O5T  O N N 87  
COT N3T  N N N 88  
COT C2T  C N N 89  
COT O11  O N N 90  
COT PB   P N R 91  
COT O12  O N N 92  
COT O13  O N N 93  
COT O14  O N N 94  
COT O3B  O N N 95  
COT PA   P N S 96  
COT O15  O N N 97  
COT O16  O N N 98  
COT O5B  O N N 99  
COT C5B  C N N 100 
COT C4B  C N R 101 
COT C3B  C N S 102 
COT O2B  O N N 103 
COT O4B  O N N 104 
COT PC   P N N 105 
COT O17  O N N 106 
COT O18  O N N 107 
COT O19  O N N 108 
COT C2B  C N R 109 
COT C1B  C N R 110 
COT N9A  N Y N 111 
COT C8A  C Y N 112 
COT N7A  N Y N 113 
COT C5A  C Y N 114 
COT C6A  C Y N 115 
COT N6A  N N N 116 
COT N1A  N Y N 117 
COT C2A  C Y N 118 
COT N3A  N Y N 119 
COT C4A  C Y N 120 
COT N3P  N N N 121 
COT C4P  C N N 122 
COT O5P  O N N 123 
COT C6P  C N N 124 
COT C7P  C N N 125 
COT N8P  N N N 126 
COT C9P  C N N 127 
COT OAP  O N N 128 
COT CBP  C N R 129 
COT OCP  O N N 130 
COT CDP  C N N 131 
COT CGP  C N N 132 
COT CEP  C N N 133 
COT CFP  C N N 134 
COT C2P  C N N 135 
COT C1P  C N N 136 
COT H1T1 H N N 137 
COT H1T2 H N N 138 
COT HE3  H N N 139 
COT HD1  H N N 140 
COT HNE  H N N 141 
COT HZ2  H N N 142 
COT HZ3  H N N 143 
COT HH2  H N N 144 
COT H6T1 H N N 145 
COT H6T2 H N N 146 
COT HN3T H N N 147 
COT H2T1 H N N 148 
COT H2T2 H N N 149 
COT HOB  H N N 150 
COT HOA  H N N 151 
COT HC51 H N N 152 
COT HC52 H N N 153 
COT HC4  H N N 154 
COT HC3  H N N 155 
COT HO2  H N N 156 
COT HOC1 H N N 157 
COT HOC2 H N N 158 
COT HC2  H N N 159 
COT HC1  H N N 160 
COT HC8  H N N 161 
COT HN61 H N N 162 
COT HN62 H N N 163 
COT HCA2 H N N 164 
COT HN3  H N N 165 
COT H6P1 H N N 166 
COT H6P2 H N N 167 
COT H7P1 H N N 168 
COT H7P2 H N N 169 
COT HN8  H N N 170 
COT H11P H N N 171 
COT HO12 H N N 172 
COT H161 H N N 173 
COT H162 H N N 174 
COT H141 H N N 175 
COT H142 H N N 176 
COT H143 H N N 177 
COT H151 H N N 178 
COT H152 H N N 179 
COT H153 H N N 180 
COT H2P1 H N N 181 
COT H2P2 H N N 182 
COT H1P1 H N N 183 
COT H1P2 H N N 184 
CYS N    N N N 185 
CYS CA   C N R 186 
CYS C    C N N 187 
CYS O    O N N 188 
CYS CB   C N N 189 
CYS SG   S N N 190 
CYS OXT  O N N 191 
CYS H    H N N 192 
CYS H2   H N N 193 
CYS HA   H N N 194 
CYS HB2  H N N 195 
CYS HB3  H N N 196 
CYS HG   H N N 197 
CYS HXT  H N N 198 
GLN N    N N N 199 
GLN CA   C N S 200 
GLN C    C N N 201 
GLN O    O N N 202 
GLN CB   C N N 203 
GLN CG   C N N 204 
GLN CD   C N N 205 
GLN OE1  O N N 206 
GLN NE2  N N N 207 
GLN OXT  O N N 208 
GLN H    H N N 209 
GLN H2   H N N 210 
GLN HA   H N N 211 
GLN HB2  H N N 212 
GLN HB3  H N N 213 
GLN HG2  H N N 214 
GLN HG3  H N N 215 
GLN HE21 H N N 216 
GLN HE22 H N N 217 
GLN HXT  H N N 218 
GLU N    N N N 219 
GLU CA   C N S 220 
GLU C    C N N 221 
GLU O    O N N 222 
GLU CB   C N N 223 
GLU CG   C N N 224 
GLU CD   C N N 225 
GLU OE1  O N N 226 
GLU OE2  O N N 227 
GLU OXT  O N N 228 
GLU H    H N N 229 
GLU H2   H N N 230 
GLU HA   H N N 231 
GLU HB2  H N N 232 
GLU HB3  H N N 233 
GLU HG2  H N N 234 
GLU HG3  H N N 235 
GLU HE2  H N N 236 
GLU HXT  H N N 237 
GLY N    N N N 238 
GLY CA   C N N 239 
GLY C    C N N 240 
GLY O    O N N 241 
GLY OXT  O N N 242 
GLY H    H N N 243 
GLY H2   H N N 244 
GLY HA2  H N N 245 
GLY HA3  H N N 246 
GLY HXT  H N N 247 
HIS N    N N N 248 
HIS CA   C N S 249 
HIS C    C N N 250 
HIS O    O N N 251 
HIS CB   C N N 252 
HIS CG   C Y N 253 
HIS ND1  N Y N 254 
HIS CD2  C Y N 255 
HIS CE1  C Y N 256 
HIS NE2  N Y N 257 
HIS OXT  O N N 258 
HIS H    H N N 259 
HIS H2   H N N 260 
HIS HA   H N N 261 
HIS HB2  H N N 262 
HIS HB3  H N N 263 
HIS HD1  H N N 264 
HIS HD2  H N N 265 
HIS HE1  H N N 266 
HIS HE2  H N N 267 
HIS HXT  H N N 268 
HOH O    O N N 269 
HOH H1   H N N 270 
HOH H2   H N N 271 
ILE N    N N N 272 
ILE CA   C N S 273 
ILE C    C N N 274 
ILE O    O N N 275 
ILE CB   C N S 276 
ILE CG1  C N N 277 
ILE CG2  C N N 278 
ILE CD1  C N N 279 
ILE OXT  O N N 280 
ILE H    H N N 281 
ILE H2   H N N 282 
ILE HA   H N N 283 
ILE HB   H N N 284 
ILE HG12 H N N 285 
ILE HG13 H N N 286 
ILE HG21 H N N 287 
ILE HG22 H N N 288 
ILE HG23 H N N 289 
ILE HD11 H N N 290 
ILE HD12 H N N 291 
ILE HD13 H N N 292 
ILE HXT  H N N 293 
LEU N    N N N 294 
LEU CA   C N S 295 
LEU C    C N N 296 
LEU O    O N N 297 
LEU CB   C N N 298 
LEU CG   C N N 299 
LEU CD1  C N N 300 
LEU CD2  C N N 301 
LEU OXT  O N N 302 
LEU H    H N N 303 
LEU H2   H N N 304 
LEU HA   H N N 305 
LEU HB2  H N N 306 
LEU HB3  H N N 307 
LEU HG   H N N 308 
LEU HD11 H N N 309 
LEU HD12 H N N 310 
LEU HD13 H N N 311 
LEU HD21 H N N 312 
LEU HD22 H N N 313 
LEU HD23 H N N 314 
LEU HXT  H N N 315 
LYS N    N N N 316 
LYS CA   C N S 317 
LYS C    C N N 318 
LYS O    O N N 319 
LYS CB   C N N 320 
LYS CG   C N N 321 
LYS CD   C N N 322 
LYS CE   C N N 323 
LYS NZ   N N N 324 
LYS OXT  O N N 325 
LYS H    H N N 326 
LYS H2   H N N 327 
LYS HA   H N N 328 
LYS HB2  H N N 329 
LYS HB3  H N N 330 
LYS HG2  H N N 331 
LYS HG3  H N N 332 
LYS HD2  H N N 333 
LYS HD3  H N N 334 
LYS HE2  H N N 335 
LYS HE3  H N N 336 
LYS HZ1  H N N 337 
LYS HZ2  H N N 338 
LYS HZ3  H N N 339 
LYS HXT  H N N 340 
MET N    N N N 341 
MET CA   C N S 342 
MET C    C N N 343 
MET O    O N N 344 
MET CB   C N N 345 
MET CG   C N N 346 
MET SD   S N N 347 
MET CE   C N N 348 
MET OXT  O N N 349 
MET H    H N N 350 
MET H2   H N N 351 
MET HA   H N N 352 
MET HB2  H N N 353 
MET HB3  H N N 354 
MET HG2  H N N 355 
MET HG3  H N N 356 
MET HE1  H N N 357 
MET HE2  H N N 358 
MET HE3  H N N 359 
MET HXT  H N N 360 
PHE N    N N N 361 
PHE CA   C N S 362 
PHE C    C N N 363 
PHE O    O N N 364 
PHE CB   C N N 365 
PHE CG   C Y N 366 
PHE CD1  C Y N 367 
PHE CD2  C Y N 368 
PHE CE1  C Y N 369 
PHE CE2  C Y N 370 
PHE CZ   C Y N 371 
PHE OXT  O N N 372 
PHE H    H N N 373 
PHE H2   H N N 374 
PHE HA   H N N 375 
PHE HB2  H N N 376 
PHE HB3  H N N 377 
PHE HD1  H N N 378 
PHE HD2  H N N 379 
PHE HE1  H N N 380 
PHE HE2  H N N 381 
PHE HZ   H N N 382 
PHE HXT  H N N 383 
PRO N    N N N 384 
PRO CA   C N S 385 
PRO C    C N N 386 
PRO O    O N N 387 
PRO CB   C N N 388 
PRO CG   C N N 389 
PRO CD   C N N 390 
PRO OXT  O N N 391 
PRO H    H N N 392 
PRO HA   H N N 393 
PRO HB2  H N N 394 
PRO HB3  H N N 395 
PRO HG2  H N N 396 
PRO HG3  H N N 397 
PRO HD2  H N N 398 
PRO HD3  H N N 399 
PRO HXT  H N N 400 
SER N    N N N 401 
SER CA   C N S 402 
SER C    C N N 403 
SER O    O N N 404 
SER CB   C N N 405 
SER OG   O N N 406 
SER OXT  O N N 407 
SER H    H N N 408 
SER H2   H N N 409 
SER HA   H N N 410 
SER HB2  H N N 411 
SER HB3  H N N 412 
SER HG   H N N 413 
SER HXT  H N N 414 
THR N    N N N 415 
THR CA   C N S 416 
THR C    C N N 417 
THR O    O N N 418 
THR CB   C N R 419 
THR OG1  O N N 420 
THR CG2  C N N 421 
THR OXT  O N N 422 
THR H    H N N 423 
THR H2   H N N 424 
THR HA   H N N 425 
THR HB   H N N 426 
THR HG1  H N N 427 
THR HG21 H N N 428 
THR HG22 H N N 429 
THR HG23 H N N 430 
THR HXT  H N N 431 
TRP N    N N N 432 
TRP CA   C N S 433 
TRP C    C N N 434 
TRP O    O N N 435 
TRP CB   C N N 436 
TRP CG   C Y N 437 
TRP CD1  C Y N 438 
TRP CD2  C Y N 439 
TRP NE1  N Y N 440 
TRP CE2  C Y N 441 
TRP CE3  C Y N 442 
TRP CZ2  C Y N 443 
TRP CZ3  C Y N 444 
TRP CH2  C Y N 445 
TRP OXT  O N N 446 
TRP H    H N N 447 
TRP H2   H N N 448 
TRP HA   H N N 449 
TRP HB2  H N N 450 
TRP HB3  H N N 451 
TRP HD1  H N N 452 
TRP HE1  H N N 453 
TRP HE3  H N N 454 
TRP HZ2  H N N 455 
TRP HZ3  H N N 456 
TRP HH2  H N N 457 
TRP HXT  H N N 458 
TYR N    N N N 459 
TYR CA   C N S 460 
TYR C    C N N 461 
TYR O    O N N 462 
TYR CB   C N N 463 
TYR CG   C Y N 464 
TYR CD1  C Y N 465 
TYR CD2  C Y N 466 
TYR CE1  C Y N 467 
TYR CE2  C Y N 468 
TYR CZ   C Y N 469 
TYR OH   O N N 470 
TYR OXT  O N N 471 
TYR H    H N N 472 
TYR H2   H N N 473 
TYR HA   H N N 474 
TYR HB2  H N N 475 
TYR HB3  H N N 476 
TYR HD1  H N N 477 
TYR HD2  H N N 478 
TYR HE1  H N N 479 
TYR HE2  H N N 480 
TYR HH   H N N 481 
TYR HXT  H N N 482 
VAL N    N N N 483 
VAL CA   C N S 484 
VAL C    C N N 485 
VAL O    O N N 486 
VAL CB   C N N 487 
VAL CG1  C N N 488 
VAL CG2  C N N 489 
VAL OXT  O N N 490 
VAL H    H N N 491 
VAL H2   H N N 492 
VAL HA   H N N 493 
VAL HB   H N N 494 
VAL HG11 H N N 495 
VAL HG12 H N N 496 
VAL HG13 H N N 497 
VAL HG21 H N N 498 
VAL HG22 H N N 499 
VAL HG23 H N N 500 
VAL HXT  H N N 501 
# 
loop_
_chem_comp_bond.comp_id 
_chem_comp_bond.atom_id_1 
_chem_comp_bond.atom_id_2 
_chem_comp_bond.value_order 
_chem_comp_bond.pdbx_aromatic_flag 
_chem_comp_bond.pdbx_stereo_config 
_chem_comp_bond.pdbx_ordinal 
ALA N   CA   sing N N 1   
ALA N   H    sing N N 2   
ALA N   H2   sing N N 3   
ALA CA  C    sing N N 4   
ALA CA  CB   sing N N 5   
ALA CA  HA   sing N N 6   
ALA C   O    doub N N 7   
ALA C   OXT  sing N N 8   
ALA CB  HB1  sing N N 9   
ALA CB  HB2  sing N N 10  
ALA CB  HB3  sing N N 11  
ALA OXT HXT  sing N N 12  
ARG N   CA   sing N N 13  
ARG N   H    sing N N 14  
ARG N   H2   sing N N 15  
ARG CA  C    sing N N 16  
ARG CA  CB   sing N N 17  
ARG CA  HA   sing N N 18  
ARG C   O    doub N N 19  
ARG C   OXT  sing N N 20  
ARG CB  CG   sing N N 21  
ARG CB  HB2  sing N N 22  
ARG CB  HB3  sing N N 23  
ARG CG  CD   sing N N 24  
ARG CG  HG2  sing N N 25  
ARG CG  HG3  sing N N 26  
ARG CD  NE   sing N N 27  
ARG CD  HD2  sing N N 28  
ARG CD  HD3  sing N N 29  
ARG NE  CZ   sing N N 30  
ARG NE  HE   sing N N 31  
ARG CZ  NH1  sing N N 32  
ARG CZ  NH2  doub N N 33  
ARG NH1 HH11 sing N N 34  
ARG NH1 HH12 sing N N 35  
ARG NH2 HH21 sing N N 36  
ARG NH2 HH22 sing N N 37  
ARG OXT HXT  sing N N 38  
ASN N   CA   sing N N 39  
ASN N   H    sing N N 40  
ASN N   H2   sing N N 41  
ASN CA  C    sing N N 42  
ASN CA  CB   sing N N 43  
ASN CA  HA   sing N N 44  
ASN C   O    doub N N 45  
ASN C   OXT  sing N N 46  
ASN CB  CG   sing N N 47  
ASN CB  HB2  sing N N 48  
ASN CB  HB3  sing N N 49  
ASN CG  OD1  doub N N 50  
ASN CG  ND2  sing N N 51  
ASN ND2 HD21 sing N N 52  
ASN ND2 HD22 sing N N 53  
ASN OXT HXT  sing N N 54  
ASP N   CA   sing N N 55  
ASP N   H    sing N N 56  
ASP N   H2   sing N N 57  
ASP CA  C    sing N N 58  
ASP CA  CB   sing N N 59  
ASP CA  HA   sing N N 60  
ASP C   O    doub N N 61  
ASP C   OXT  sing N N 62  
ASP CB  CG   sing N N 63  
ASP CB  HB2  sing N N 64  
ASP CB  HB3  sing N N 65  
ASP CG  OD1  doub N N 66  
ASP CG  OD2  sing N N 67  
ASP OD2 HD2  sing N N 68  
ASP OXT HXT  sing N N 69  
COT C1T CGT  sing N N 70  
COT C1T C2T  sing N N 71  
COT C1T H1T1 sing N N 72  
COT C1T H1T2 sing N N 73  
COT CGT C11  sing Y N 74  
COT CGT C14  doub Y N 75  
COT C11 C12  doub Y N 76  
COT C11 C13  sing Y N 77  
COT C12 N11  sing Y N 78  
COT C12 C15  sing Y N 79  
COT C13 C16  doub Y N 80  
COT C13 HE3  sing N N 81  
COT C14 N11  sing Y N 82  
COT C14 HD1  sing N N 83  
COT N11 HNE  sing N N 84  
COT C15 C17  doub Y N 85  
COT C15 HZ2  sing N N 86  
COT C16 C17  sing Y N 87  
COT C16 HZ3  sing N N 88  
COT C17 HH2  sing N N 89  
COT S   C6T  sing N N 90  
COT S   C1P  sing N N 91  
COT C6T C4T  sing N N 92  
COT C6T H6T1 sing N N 93  
COT C6T H6T2 sing N N 94  
COT C4T O5T  doub N N 95  
COT C4T N3T  sing N N 96  
COT N3T C2T  sing N N 97  
COT N3T HN3T sing N N 98  
COT C2T H2T1 sing N N 99  
COT C2T H2T2 sing N N 100 
COT O11 PB   sing N N 101 
COT O11 CGP  sing N N 102 
COT PB  O12  sing N N 103 
COT PB  O13  doub N N 104 
COT PB  O14  sing N N 105 
COT O12 HOB  sing N N 106 
COT O14 PA   sing N N 107 
COT O3B C3B  sing N N 108 
COT O3B PC   sing N N 109 
COT PA  O15  doub N N 110 
COT PA  O16  sing N N 111 
COT PA  O5B  sing N N 112 
COT O16 HOA  sing N N 113 
COT O5B C5B  sing N N 114 
COT C5B C4B  sing N N 115 
COT C5B HC51 sing N N 116 
COT C5B HC52 sing N N 117 
COT C4B C3B  sing N N 118 
COT C4B O4B  sing N N 119 
COT C4B HC4  sing N N 120 
COT C3B C2B  sing N N 121 
COT C3B HC3  sing N N 122 
COT O2B C2B  sing N N 123 
COT O2B HO2  sing N N 124 
COT O4B C1B  sing N N 125 
COT PC  O17  sing N N 126 
COT PC  O18  sing N N 127 
COT PC  O19  doub N N 128 
COT O17 HOC1 sing N N 129 
COT O18 HOC2 sing N N 130 
COT C2B C1B  sing N N 131 
COT C2B HC2  sing N N 132 
COT C1B N9A  sing N N 133 
COT C1B HC1  sing N N 134 
COT N9A C8A  sing Y N 135 
COT N9A C4A  sing Y N 136 
COT C8A N7A  doub Y N 137 
COT C8A HC8  sing N N 138 
COT N7A C5A  sing Y N 139 
COT C5A C6A  sing Y N 140 
COT C5A C4A  doub Y N 141 
COT C6A N6A  sing N N 142 
COT C6A N1A  doub Y N 143 
COT N6A HN61 sing N N 144 
COT N6A HN62 sing N N 145 
COT N1A C2A  sing Y N 146 
COT C2A N3A  doub Y N 147 
COT C2A HCA2 sing N N 148 
COT N3A C4A  sing Y N 149 
COT N3P C4P  sing N N 150 
COT N3P C2P  sing N N 151 
COT N3P HN3  sing N N 152 
COT C4P O5P  doub N N 153 
COT C4P C6P  sing N N 154 
COT C6P C7P  sing N N 155 
COT C6P H6P1 sing N N 156 
COT C6P H6P2 sing N N 157 
COT C7P N8P  sing N N 158 
COT C7P H7P1 sing N N 159 
COT C7P H7P2 sing N N 160 
COT N8P C9P  sing N N 161 
COT N8P HN8  sing N N 162 
COT C9P OAP  doub N N 163 
COT C9P CBP  sing N N 164 
COT CBP OCP  sing N N 165 
COT CBP CDP  sing N N 166 
COT CBP H11P sing N N 167 
COT OCP HO12 sing N N 168 
COT CDP CGP  sing N N 169 
COT CDP CEP  sing N N 170 
COT CDP CFP  sing N N 171 
COT CGP H161 sing N N 172 
COT CGP H162 sing N N 173 
COT CEP H141 sing N N 174 
COT CEP H142 sing N N 175 
COT CEP H143 sing N N 176 
COT CFP H151 sing N N 177 
COT CFP H152 sing N N 178 
COT CFP H153 sing N N 179 
COT C2P C1P  sing N N 180 
COT C2P H2P1 sing N N 181 
COT C2P H2P2 sing N N 182 
COT C1P H1P1 sing N N 183 
COT C1P H1P2 sing N N 184 
CYS N   CA   sing N N 185 
CYS N   H    sing N N 186 
CYS N   H2   sing N N 187 
CYS CA  C    sing N N 188 
CYS CA  CB   sing N N 189 
CYS CA  HA   sing N N 190 
CYS C   O    doub N N 191 
CYS C   OXT  sing N N 192 
CYS CB  SG   sing N N 193 
CYS CB  HB2  sing N N 194 
CYS CB  HB3  sing N N 195 
CYS SG  HG   sing N N 196 
CYS OXT HXT  sing N N 197 
GLN N   CA   sing N N 198 
GLN N   H    sing N N 199 
GLN N   H2   sing N N 200 
GLN CA  C    sing N N 201 
GLN CA  CB   sing N N 202 
GLN CA  HA   sing N N 203 
GLN C   O    doub N N 204 
GLN C   OXT  sing N N 205 
GLN CB  CG   sing N N 206 
GLN CB  HB2  sing N N 207 
GLN CB  HB3  sing N N 208 
GLN CG  CD   sing N N 209 
GLN CG  HG2  sing N N 210 
GLN CG  HG3  sing N N 211 
GLN CD  OE1  doub N N 212 
GLN CD  NE2  sing N N 213 
GLN NE2 HE21 sing N N 214 
GLN NE2 HE22 sing N N 215 
GLN OXT HXT  sing N N 216 
GLU N   CA   sing N N 217 
GLU N   H    sing N N 218 
GLU N   H2   sing N N 219 
GLU CA  C    sing N N 220 
GLU CA  CB   sing N N 221 
GLU CA  HA   sing N N 222 
GLU C   O    doub N N 223 
GLU C   OXT  sing N N 224 
GLU CB  CG   sing N N 225 
GLU CB  HB2  sing N N 226 
GLU CB  HB3  sing N N 227 
GLU CG  CD   sing N N 228 
GLU CG  HG2  sing N N 229 
GLU CG  HG3  sing N N 230 
GLU CD  OE1  doub N N 231 
GLU CD  OE2  sing N N 232 
GLU OE2 HE2  sing N N 233 
GLU OXT HXT  sing N N 234 
GLY N   CA   sing N N 235 
GLY N   H    sing N N 236 
GLY N   H2   sing N N 237 
GLY CA  C    sing N N 238 
GLY CA  HA2  sing N N 239 
GLY CA  HA3  sing N N 240 
GLY C   O    doub N N 241 
GLY C   OXT  sing N N 242 
GLY OXT HXT  sing N N 243 
HIS N   CA   sing N N 244 
HIS N   H    sing N N 245 
HIS N   H2   sing N N 246 
HIS CA  C    sing N N 247 
HIS CA  CB   sing N N 248 
HIS CA  HA   sing N N 249 
HIS C   O    doub N N 250 
HIS C   OXT  sing N N 251 
HIS CB  CG   sing N N 252 
HIS CB  HB2  sing N N 253 
HIS CB  HB3  sing N N 254 
HIS CG  ND1  sing Y N 255 
HIS CG  CD2  doub Y N 256 
HIS ND1 CE1  doub Y N 257 
HIS ND1 HD1  sing N N 258 
HIS CD2 NE2  sing Y N 259 
HIS CD2 HD2  sing N N 260 
HIS CE1 NE2  sing Y N 261 
HIS CE1 HE1  sing N N 262 
HIS NE2 HE2  sing N N 263 
HIS OXT HXT  sing N N 264 
HOH O   H1   sing N N 265 
HOH O   H2   sing N N 266 
ILE N   CA   sing N N 267 
ILE N   H    sing N N 268 
ILE N   H2   sing N N 269 
ILE CA  C    sing N N 270 
ILE CA  CB   sing N N 271 
ILE CA  HA   sing N N 272 
ILE C   O    doub N N 273 
ILE C   OXT  sing N N 274 
ILE CB  CG1  sing N N 275 
ILE CB  CG2  sing N N 276 
ILE CB  HB   sing N N 277 
ILE CG1 CD1  sing N N 278 
ILE CG1 HG12 sing N N 279 
ILE CG1 HG13 sing N N 280 
ILE CG2 HG21 sing N N 281 
ILE CG2 HG22 sing N N 282 
ILE CG2 HG23 sing N N 283 
ILE CD1 HD11 sing N N 284 
ILE CD1 HD12 sing N N 285 
ILE CD1 HD13 sing N N 286 
ILE OXT HXT  sing N N 287 
LEU N   CA   sing N N 288 
LEU N   H    sing N N 289 
LEU N   H2   sing N N 290 
LEU CA  C    sing N N 291 
LEU CA  CB   sing N N 292 
LEU CA  HA   sing N N 293 
LEU C   O    doub N N 294 
LEU C   OXT  sing N N 295 
LEU CB  CG   sing N N 296 
LEU CB  HB2  sing N N 297 
LEU CB  HB3  sing N N 298 
LEU CG  CD1  sing N N 299 
LEU CG  CD2  sing N N 300 
LEU CG  HG   sing N N 301 
LEU CD1 HD11 sing N N 302 
LEU CD1 HD12 sing N N 303 
LEU CD1 HD13 sing N N 304 
LEU CD2 HD21 sing N N 305 
LEU CD2 HD22 sing N N 306 
LEU CD2 HD23 sing N N 307 
LEU OXT HXT  sing N N 308 
LYS N   CA   sing N N 309 
LYS N   H    sing N N 310 
LYS N   H2   sing N N 311 
LYS CA  C    sing N N 312 
LYS CA  CB   sing N N 313 
LYS CA  HA   sing N N 314 
LYS C   O    doub N N 315 
LYS C   OXT  sing N N 316 
LYS CB  CG   sing N N 317 
LYS CB  HB2  sing N N 318 
LYS CB  HB3  sing N N 319 
LYS CG  CD   sing N N 320 
LYS CG  HG2  sing N N 321 
LYS CG  HG3  sing N N 322 
LYS CD  CE   sing N N 323 
LYS CD  HD2  sing N N 324 
LYS CD  HD3  sing N N 325 
LYS CE  NZ   sing N N 326 
LYS CE  HE2  sing N N 327 
LYS CE  HE3  sing N N 328 
LYS NZ  HZ1  sing N N 329 
LYS NZ  HZ2  sing N N 330 
LYS NZ  HZ3  sing N N 331 
LYS OXT HXT  sing N N 332 
MET N   CA   sing N N 333 
MET N   H    sing N N 334 
MET N   H2   sing N N 335 
MET CA  C    sing N N 336 
MET CA  CB   sing N N 337 
MET CA  HA   sing N N 338 
MET C   O    doub N N 339 
MET C   OXT  sing N N 340 
MET CB  CG   sing N N 341 
MET CB  HB2  sing N N 342 
MET CB  HB3  sing N N 343 
MET CG  SD   sing N N 344 
MET CG  HG2  sing N N 345 
MET CG  HG3  sing N N 346 
MET SD  CE   sing N N 347 
MET CE  HE1  sing N N 348 
MET CE  HE2  sing N N 349 
MET CE  HE3  sing N N 350 
MET OXT HXT  sing N N 351 
PHE N   CA   sing N N 352 
PHE N   H    sing N N 353 
PHE N   H2   sing N N 354 
PHE CA  C    sing N N 355 
PHE CA  CB   sing N N 356 
PHE CA  HA   sing N N 357 
PHE C   O    doub N N 358 
PHE C   OXT  sing N N 359 
PHE CB  CG   sing N N 360 
PHE CB  HB2  sing N N 361 
PHE CB  HB3  sing N N 362 
PHE CG  CD1  doub Y N 363 
PHE CG  CD2  sing Y N 364 
PHE CD1 CE1  sing Y N 365 
PHE CD1 HD1  sing N N 366 
PHE CD2 CE2  doub Y N 367 
PHE CD2 HD2  sing N N 368 
PHE CE1 CZ   doub Y N 369 
PHE CE1 HE1  sing N N 370 
PHE CE2 CZ   sing Y N 371 
PHE CE2 HE2  sing N N 372 
PHE CZ  HZ   sing N N 373 
PHE OXT HXT  sing N N 374 
PRO N   CA   sing N N 375 
PRO N   CD   sing N N 376 
PRO N   H    sing N N 377 
PRO CA  C    sing N N 378 
PRO CA  CB   sing N N 379 
PRO CA  HA   sing N N 380 
PRO C   O    doub N N 381 
PRO C   OXT  sing N N 382 
PRO CB  CG   sing N N 383 
PRO CB  HB2  sing N N 384 
PRO CB  HB3  sing N N 385 
PRO CG  CD   sing N N 386 
PRO CG  HG2  sing N N 387 
PRO CG  HG3  sing N N 388 
PRO CD  HD2  sing N N 389 
PRO CD  HD3  sing N N 390 
PRO OXT HXT  sing N N 391 
SER N   CA   sing N N 392 
SER N   H    sing N N 393 
SER N   H2   sing N N 394 
SER CA  C    sing N N 395 
SER CA  CB   sing N N 396 
SER CA  HA   sing N N 397 
SER C   O    doub N N 398 
SER C   OXT  sing N N 399 
SER CB  OG   sing N N 400 
SER CB  HB2  sing N N 401 
SER CB  HB3  sing N N 402 
SER OG  HG   sing N N 403 
SER OXT HXT  sing N N 404 
THR N   CA   sing N N 405 
THR N   H    sing N N 406 
THR N   H2   sing N N 407 
THR CA  C    sing N N 408 
THR CA  CB   sing N N 409 
THR CA  HA   sing N N 410 
THR C   O    doub N N 411 
THR C   OXT  sing N N 412 
THR CB  OG1  sing N N 413 
THR CB  CG2  sing N N 414 
THR CB  HB   sing N N 415 
THR OG1 HG1  sing N N 416 
THR CG2 HG21 sing N N 417 
THR CG2 HG22 sing N N 418 
THR CG2 HG23 sing N N 419 
THR OXT HXT  sing N N 420 
TRP N   CA   sing N N 421 
TRP N   H    sing N N 422 
TRP N   H2   sing N N 423 
TRP CA  C    sing N N 424 
TRP CA  CB   sing N N 425 
TRP CA  HA   sing N N 426 
TRP C   O    doub N N 427 
TRP C   OXT  sing N N 428 
TRP CB  CG   sing N N 429 
TRP CB  HB2  sing N N 430 
TRP CB  HB3  sing N N 431 
TRP CG  CD1  doub Y N 432 
TRP CG  CD2  sing Y N 433 
TRP CD1 NE1  sing Y N 434 
TRP CD1 HD1  sing N N 435 
TRP CD2 CE2  doub Y N 436 
TRP CD2 CE3  sing Y N 437 
TRP NE1 CE2  sing Y N 438 
TRP NE1 HE1  sing N N 439 
TRP CE2 CZ2  sing Y N 440 
TRP CE3 CZ3  doub Y N 441 
TRP CE3 HE3  sing N N 442 
TRP CZ2 CH2  doub Y N 443 
TRP CZ2 HZ2  sing N N 444 
TRP CZ3 CH2  sing Y N 445 
TRP CZ3 HZ3  sing N N 446 
TRP CH2 HH2  sing N N 447 
TRP OXT HXT  sing N N 448 
TYR N   CA   sing N N 449 
TYR N   H    sing N N 450 
TYR N   H2   sing N N 451 
TYR CA  C    sing N N 452 
TYR CA  CB   sing N N 453 
TYR CA  HA   sing N N 454 
TYR C   O    doub N N 455 
TYR C   OXT  sing N N 456 
TYR CB  CG   sing N N 457 
TYR CB  HB2  sing N N 458 
TYR CB  HB3  sing N N 459 
TYR CG  CD1  doub Y N 460 
TYR CG  CD2  sing Y N 461 
TYR CD1 CE1  sing Y N 462 
TYR CD1 HD1  sing N N 463 
TYR CD2 CE2  doub Y N 464 
TYR CD2 HD2  sing N N 465 
TYR CE1 CZ   doub Y N 466 
TYR CE1 HE1  sing N N 467 
TYR CE2 CZ   sing Y N 468 
TYR CE2 HE2  sing N N 469 
TYR CZ  OH   sing N N 470 
TYR OH  HH   sing N N 471 
TYR OXT HXT  sing N N 472 
VAL N   CA   sing N N 473 
VAL N   H    sing N N 474 
VAL N   H2   sing N N 475 
VAL CA  C    sing N N 476 
VAL CA  CB   sing N N 477 
VAL CA  HA   sing N N 478 
VAL C   O    doub N N 479 
VAL C   OXT  sing N N 480 
VAL CB  CG1  sing N N 481 
VAL CB  CG2  sing N N 482 
VAL CB  HB   sing N N 483 
VAL CG1 HG11 sing N N 484 
VAL CG1 HG12 sing N N 485 
VAL CG1 HG13 sing N N 486 
VAL CG2 HG21 sing N N 487 
VAL CG2 HG22 sing N N 488 
VAL CG2 HG23 sing N N 489 
VAL OXT HXT  sing N N 490 
# 
loop_
_pdbx_entity_nonpoly.entity_id 
_pdbx_entity_nonpoly.name 
_pdbx_entity_nonpoly.comp_id 
2 'COA-S-ACETYL TRYPTAMINE' COT 
3 water                     HOH 
# 
_pdbx_initial_refinement_model.id               1 
_pdbx_initial_refinement_model.entity_id_list   ? 
_pdbx_initial_refinement_model.type             'experimental model' 
_pdbx_initial_refinement_model.source_name      PDB 
_pdbx_initial_refinement_model.accession_code   1B6B 
_pdbx_initial_refinement_model.details          ? 
# 
